data_8FZT
#
_entry.id   8FZT
#
_cell.length_a   1.00
_cell.length_b   1.00
_cell.length_c   1.00
_cell.angle_alpha   90.00
_cell.angle_beta   90.00
_cell.angle_gamma   90.00
#
_symmetry.space_group_name_H-M   'P 1'
#
loop_
_entity.id
_entity.type
_entity.pdbx_description
1 polymer 'CRISPR-associated endonuclease Cas9/Csn1'
2 polymer CrE2
3 polymer tracrRNA
4 polymer E2_TS
5 polymer E2-NTS
#
loop_
_entity_poly.entity_id
_entity_poly.type
_entity_poly.pdbx_seq_one_letter_code
_entity_poly.pdbx_strand_id
1 'polypeptide(L)'
;MDKKYSIGLDIGTNSVGWAVITDEYKVPSKKFKVLGNTDRHSIKKNLIGALLFDSGETAEATRLKRTARRRYTRRKNRIC
YLQEIFSNEMAKVDDSFFHRLEESFLVEEDKKHERHPIFGNIVDEVAYHEKYPTIYHLRKKLVDSTDKADLRLIYLALAH
MIKFRGHFLIEGDLNPDNSDVDKLFIQLVQTYNQLFEENPINASGVDAKAILSARLSKSRRLENLIAQLPGEKKNGLFGN
LIALSLGLTPNFKSNFDLAEDAKLQLSKDTYDDDLDNLLAQIGDQYADLFLAAKNLSDAILLSDILRVNTEITKAPLSAS
MIKRYDEHHQDLTLLKALVRQQLPEKYKEIFFDQSKNGYAGYIDGGASQEEFYKFIKPILEKMDGTEELLVKLNREDLLR
KQRTFDNGSIPHQIHLGELHAILRRQEDFYPFLKDNREKIEKILTFRIPYYVGPLARGNSRFAWMTRKSEETITPWNFEE
VVDKGASAQSFIERMTNFDKNLPNEKVLPKHSLLYEYFTVYNELTKVKYVTEGMRKPAFLSGEQKKAIVDLLFKTNRKVT
VKQLKEDYFKKIECFDSVEISGVEDRFNASLGTYHDLLKIIKDKDFLDNEENEDILEDIVLTLTLFEDREMIEERLKTYA
HLFDDKVMKQLKRRRYTGWGRLSRKLINGIRDKQSGKTILDFLKSDGFANRNFMQLIHDDSLTFKEDIQKAQVSGQGDSL
HEHIANLAGSPAIKKGILQTVKVVDELVKVMGRHKPENIVIEMARENQTTQKGQKNSRERMKRIEEGIKELGSQILKEHP
VENTQLQNEKLYLYYLQNGRDMYVDQELDINRLSDYDVDHIVPQSFLKDDSIDNKVLTRSDKNRGKSDNVPSEEVVKKMK
NYWRQLLNAKLITQRKFDNLTKAERGGLSELDKAGFIKRQLVETRQITKHVAQILDSRMNTKYDENDKLIREVKVITLKS
KLVSDFRKDFQFYKVREINNYHHAHDAYLNAVVGTALIKKYPKLESEFVYGDYKVYDVRKMIAKSEQEIGKATAKYFFYS
NIMNFFKTEITLANGEIRKRPLIETNGETGEIVWDKGRDFATVRKVLSMPQVNIVKKTEVQTGGFSKESILPKRNSDKLI
ARKKDWDPKKYGGFDSPTVAYSVLVVAKVEKGKSKKLKSVKELLGITIMERSSFEKNPIDFLEAKGYKEVKKDLIIKLPK
YSLFELENGRKRMLASAGELQKGNELALPSKYVNFLYLASHYEKLKGSPEDNEQKQLFVEQHKHYLDEIIEQISEFSKRV
ILADANLDKVLSAYNKHRDKPIREQAENIIHLFTLTNLGAPAAFKYFDTTIDRKRYTSTKEVLDATLIHQSITGLYETRI
DLSQLGGDPKKKRKVMDKHHHHHH
;
E
2 'polyribonucleotide' UACCAGCAAAACACUCCGAUGUUUUAGAGCUAUGCUGUUUUG A
3 'polyribonucleotide' AAACAGCAUAGCAAGUUAAAAUAAGGCUAGUCCGUUAUCAACUUGAAAAAGUGGCACCGAGUCGGUGCUU B
4 'polydeoxyribonucleotide'
;(DC)(DT)(DA)(DA)(DT)(DC)(DG)(DC)(DC)(DA)(DA)(DT)(DC)(DG)(DG)(DA)(DG)(DT)(DG)(DT)
(DT)(DT)(DT)(DG)(DC)(DT)(DG)(DG)(DT)(DA)(DT)(DA)(DC)(DG)(DC)(DA)(DC)(DT)(DG)(DG)
;
C
5 'polydeoxyribonucleotide'
;(DC)(DC)(DA)(DG)(DT)(DG)(DC)(DG)(DT)(DA)(DT)(DA)(DC)(DC)(DA)(DG)(DC)(DA)(DA)(DA)
(DA)(DC)(DA)(DC)(DT)(DC)(DC)(DG)(DA)(DT)(DT)(DG)(DG)(DC)(DG)(DA)(DT)(DT)(DA)(DG)
;
D
#
# COMPACT_ATOMS: atom_id res chain seq x y z
N LYS A 3 21.69 41.60 -11.00
CA LYS A 3 20.62 42.49 -11.42
C LYS A 3 19.69 41.81 -12.41
N LYS A 4 18.44 41.61 -11.99
CA LYS A 4 17.37 41.07 -12.85
C LYS A 4 17.72 39.68 -13.39
N TYR A 5 17.81 38.74 -12.47
CA TYR A 5 18.05 37.34 -12.78
C TYR A 5 16.79 36.51 -12.52
N SER A 6 16.87 35.21 -12.85
CA SER A 6 15.74 34.32 -12.67
C SER A 6 16.23 32.90 -12.42
N ILE A 7 15.34 32.07 -11.85
CA ILE A 7 15.71 30.75 -11.35
C ILE A 7 14.80 29.68 -11.95
N GLY A 8 15.40 28.57 -12.38
CA GLY A 8 14.67 27.43 -12.89
C GLY A 8 15.02 26.17 -12.14
N LEU A 9 13.99 25.36 -11.85
CA LEU A 9 14.12 24.17 -11.01
C LEU A 9 13.48 22.96 -11.68
N ASP A 10 13.95 21.78 -11.29
CA ASP A 10 13.40 20.51 -11.75
C ASP A 10 13.43 19.51 -10.60
N ILE A 11 12.26 19.00 -10.23
CA ILE A 11 12.08 18.18 -9.04
C ILE A 11 11.79 16.74 -9.46
N GLY A 12 12.23 15.80 -8.64
CA GLY A 12 12.03 14.39 -8.93
C GLY A 12 12.14 13.54 -7.68
N THR A 13 12.07 12.23 -7.89
CA THR A 13 12.11 11.28 -6.79
C THR A 13 13.52 11.10 -6.23
N ASN A 14 14.54 11.15 -7.09
CA ASN A 14 15.91 10.88 -6.66
C ASN A 14 16.90 12.00 -7.01
N SER A 15 16.43 13.15 -7.49
CA SER A 15 17.34 14.22 -7.87
C SER A 15 16.60 15.56 -7.86
N VAL A 16 17.37 16.64 -7.79
CA VAL A 16 16.87 18.00 -7.90
C VAL A 16 17.87 18.83 -8.70
N GLY A 17 17.41 19.44 -9.79
CA GLY A 17 18.29 20.21 -10.67
C GLY A 17 17.95 21.70 -10.65
N TRP A 18 18.99 22.54 -10.69
CA TRP A 18 18.83 23.98 -10.53
C TRP A 18 19.71 24.76 -11.50
N ALA A 19 19.19 25.90 -11.94
CA ALA A 19 19.94 26.80 -12.80
C ALA A 19 19.51 28.25 -12.59
N VAL A 20 20.44 29.17 -12.84
CA VAL A 20 20.28 30.61 -12.65
C VAL A 20 20.65 31.31 -13.95
N ILE A 21 19.74 32.14 -14.48
CA ILE A 21 19.99 32.79 -15.76
C ILE A 21 19.77 34.30 -15.64
N THR A 22 20.42 35.02 -16.56
CA THR A 22 20.39 36.47 -16.64
C THR A 22 19.46 36.91 -17.77
N ASP A 23 19.47 38.21 -18.06
CA ASP A 23 18.46 38.80 -18.94
C ASP A 23 18.65 38.43 -20.41
N GLU A 24 19.86 38.06 -20.83
CA GLU A 24 20.13 37.71 -22.23
C GLU A 24 20.38 36.22 -22.41
N TYR A 25 19.85 35.38 -21.52
CA TYR A 25 20.00 33.92 -21.56
C TYR A 25 21.48 33.52 -21.47
N LYS A 26 22.12 33.94 -20.37
CA LYS A 26 23.50 33.58 -20.10
C LYS A 26 23.64 33.11 -18.65
N VAL A 27 24.61 32.24 -18.42
CA VAL A 27 24.90 31.70 -17.10
C VAL A 27 26.15 32.37 -16.58
N PRO A 28 26.11 33.06 -15.45
CA PRO A 28 27.29 33.78 -14.95
C PRO A 28 28.38 32.86 -14.42
N SER A 29 29.46 33.45 -13.90
CA SER A 29 30.55 32.70 -13.30
C SER A 29 31.23 33.58 -12.27
N LYS A 30 31.75 32.95 -11.21
CA LYS A 30 32.34 33.71 -10.12
C LYS A 30 33.47 32.90 -9.48
N LYS A 31 34.34 33.60 -8.76
CA LYS A 31 35.44 32.96 -8.04
C LYS A 31 35.15 32.98 -6.55
N PHE A 32 35.31 31.82 -5.91
CA PHE A 32 34.96 31.62 -4.52
C PHE A 32 36.21 31.30 -3.71
N LYS A 33 36.13 31.65 -2.43
CA LYS A 33 37.17 31.39 -1.44
C LYS A 33 37.22 29.91 -1.09
N VAL A 34 38.37 29.49 -0.55
CA VAL A 34 38.57 28.13 -0.09
C VAL A 34 39.22 28.17 1.28
N LEU A 35 38.61 27.52 2.26
CA LEU A 35 39.14 27.43 3.62
C LEU A 35 39.85 26.10 3.82
N GLY A 36 40.68 26.05 4.86
CA GLY A 36 41.41 24.84 5.17
C GLY A 36 42.86 25.08 5.57
N ASN A 37 43.74 24.15 5.20
CA ASN A 37 45.16 24.28 5.52
C ASN A 37 46.05 23.91 4.34
N THR A 38 45.53 23.94 3.12
CA THR A 38 46.30 23.62 1.93
C THR A 38 46.87 24.92 1.33
N ASP A 39 47.38 24.83 0.10
CA ASP A 39 47.95 25.98 -0.59
C ASP A 39 46.92 26.76 -1.39
N ARG A 40 46.00 26.06 -2.06
CA ARG A 40 45.01 26.71 -2.90
C ARG A 40 44.10 27.62 -2.07
N HIS A 41 43.75 28.79 -2.64
CA HIS A 41 42.89 29.70 -1.91
C HIS A 41 41.86 30.43 -2.79
N SER A 42 41.48 29.86 -3.94
CA SER A 42 40.45 30.43 -4.79
C SER A 42 40.11 29.43 -5.87
N ILE A 43 38.88 29.50 -6.39
CA ILE A 43 38.49 28.61 -7.48
C ILE A 43 37.33 29.24 -8.23
N LYS A 44 37.33 29.07 -9.55
CA LYS A 44 36.33 29.69 -10.42
C LYS A 44 35.28 28.66 -10.82
N LYS A 45 34.00 29.02 -10.68
CA LYS A 45 32.90 28.09 -10.90
C LYS A 45 31.75 28.77 -11.63
N ASN A 46 30.98 27.96 -12.36
CA ASN A 46 29.73 28.34 -12.99
C ASN A 46 28.56 27.98 -12.06
N LEU A 47 27.37 28.47 -12.42
CA LEU A 47 26.18 28.32 -11.58
C LEU A 47 25.11 27.49 -12.31
N ILE A 48 25.23 26.16 -12.18
CA ILE A 48 24.27 25.21 -12.73
C ILE A 48 24.59 23.85 -12.11
N GLY A 49 23.57 23.04 -11.81
CA GLY A 49 23.92 21.74 -11.26
C GLY A 49 22.72 20.91 -10.83
N ALA A 50 23.04 19.78 -10.18
CA ALA A 50 22.05 18.83 -9.71
C ALA A 50 22.53 18.21 -8.40
N LEU A 51 21.56 17.73 -7.62
CA LEU A 51 21.80 17.07 -6.33
C LEU A 51 21.10 15.72 -6.34
N LEU A 52 21.82 14.68 -5.90
CA LEU A 52 21.36 13.29 -5.92
C LEU A 52 21.33 12.71 -4.51
N PHE A 53 20.32 11.90 -4.23
CA PHE A 53 20.14 11.30 -2.91
C PHE A 53 19.38 9.99 -3.05
N ASP A 54 19.18 9.32 -1.92
CA ASP A 54 18.45 8.05 -1.86
C ASP A 54 16.98 8.28 -1.53
N SER A 55 16.18 7.26 -1.79
CA SER A 55 14.73 7.35 -1.68
C SER A 55 14.25 6.98 -0.29
N GLY A 56 13.13 7.57 0.12
CA GLY A 56 12.52 7.25 1.39
C GLY A 56 11.64 6.02 1.32
N GLU A 57 11.13 5.63 2.49
CA GLU A 57 10.32 4.43 2.61
C GLU A 57 9.12 4.71 3.51
N THR A 58 8.21 3.75 3.55
CA THR A 58 6.99 3.86 4.33
C THR A 58 7.20 3.24 5.72
N ALA A 59 6.13 3.22 6.52
CA ALA A 59 6.17 2.77 7.90
C ALA A 59 5.31 1.53 8.10
N GLU A 60 5.41 0.58 7.18
CA GLU A 60 4.60 -0.63 7.26
C GLU A 60 5.29 -1.77 7.98
N ALA A 61 6.61 -1.91 7.85
CA ALA A 61 7.33 -3.00 8.50
C ALA A 61 7.40 -2.80 10.01
N THR A 62 7.62 -1.56 10.45
CA THR A 62 7.74 -1.27 11.88
C THR A 62 6.49 -1.68 12.63
N ARG A 63 5.32 -1.41 12.05
CA ARG A 63 4.05 -1.77 12.67
C ARG A 63 3.94 -3.28 12.87
N LEU A 64 4.33 -4.05 11.85
CA LEU A 64 4.26 -5.50 11.94
C LEU A 64 5.19 -6.02 13.04
N LYS A 65 6.42 -5.49 13.10
CA LYS A 65 7.34 -5.92 14.15
C LYS A 65 6.80 -5.59 15.54
N ARG A 66 6.23 -4.39 15.70
CA ARG A 66 5.67 -3.98 16.98
C ARG A 66 4.57 -4.95 17.44
N THR A 67 3.63 -5.25 16.54
CA THR A 67 2.54 -6.15 16.89
C THR A 67 3.05 -7.54 17.26
N ALA A 68 4.04 -8.05 16.51
CA ALA A 68 4.60 -9.36 16.83
C ALA A 68 5.23 -9.37 18.22
N ARG A 69 5.97 -8.31 18.56
CA ARG A 69 6.59 -8.23 19.88
C ARG A 69 5.53 -8.31 20.99
N ARG A 70 4.46 -7.52 20.84
CA ARG A 70 3.42 -7.53 21.86
C ARG A 70 2.77 -8.90 22.00
N ARG A 71 2.50 -9.56 20.88
CA ARG A 71 1.87 -10.88 20.94
C ARG A 71 2.77 -11.91 21.62
N TYR A 72 4.07 -11.88 21.34
CA TYR A 72 4.97 -12.82 22.01
C TYR A 72 4.97 -12.60 23.51
N THR A 73 5.02 -11.34 23.94
CA THR A 73 5.01 -11.06 25.38
C THR A 73 3.72 -11.59 26.04
N ARG A 74 2.57 -11.35 25.40
CA ARG A 74 1.31 -11.78 26.00
C ARG A 74 1.21 -13.30 26.05
N ARG A 75 1.66 -13.99 25.01
CA ARG A 75 1.63 -15.44 25.04
C ARG A 75 2.53 -15.99 26.14
N LYS A 76 3.69 -15.39 26.34
CA LYS A 76 4.54 -15.81 27.46
C LYS A 76 3.83 -15.61 28.79
N ASN A 77 3.12 -14.49 28.95
CA ASN A 77 2.41 -14.24 30.20
C ASN A 77 1.26 -15.20 30.44
N ARG A 78 0.72 -15.80 29.38
CA ARG A 78 -0.48 -16.64 29.54
C ARG A 78 -0.24 -17.89 30.38
N ILE A 79 0.98 -18.45 30.36
CA ILE A 79 1.24 -19.74 31.01
C ILE A 79 1.53 -19.61 32.51
N CYS A 80 2.00 -18.43 32.93
CA CYS A 80 2.37 -18.22 34.32
C CYS A 80 1.17 -18.33 35.25
N TYR A 81 -0.02 -17.95 34.79
CA TYR A 81 -1.21 -18.10 35.63
C TYR A 81 -1.50 -19.57 35.92
N LEU A 82 -1.38 -20.42 34.90
CA LEU A 82 -1.57 -21.85 35.11
C LEU A 82 -0.54 -22.40 36.09
N GLN A 83 0.73 -22.01 35.93
CA GLN A 83 1.74 -22.46 36.88
C GLN A 83 1.45 -21.98 38.30
N GLU A 84 0.94 -20.75 38.42
CA GLU A 84 0.59 -20.22 39.73
C GLU A 84 -0.54 -21.02 40.38
N ILE A 85 -1.54 -21.40 39.58
CA ILE A 85 -2.61 -22.23 40.11
C ILE A 85 -2.08 -23.59 40.57
N PHE A 86 -1.17 -24.17 39.79
CA PHE A 86 -0.72 -25.53 40.05
C PHE A 86 0.35 -25.65 41.13
N SER A 87 0.96 -24.56 41.56
CA SER A 87 2.17 -24.64 42.40
C SER A 87 1.86 -24.67 43.89
N ASN A 88 0.96 -25.54 44.31
CA ASN A 88 0.74 -25.81 45.72
C ASN A 88 0.75 -27.28 46.04
N GLU A 89 0.26 -28.13 45.14
CA GLU A 89 0.32 -29.58 45.31
C GLU A 89 1.48 -30.23 44.59
N MET A 90 2.02 -29.59 43.56
CA MET A 90 3.17 -30.16 42.85
C MET A 90 4.41 -30.23 43.73
N ALA A 91 4.46 -29.45 44.81
CA ALA A 91 5.58 -29.49 45.73
C ALA A 91 5.56 -30.71 46.65
N LYS A 92 4.48 -31.50 46.62
CA LYS A 92 4.37 -32.70 47.43
C LYS A 92 4.62 -33.99 46.65
N VAL A 93 4.70 -33.91 45.32
CA VAL A 93 5.00 -35.07 44.50
C VAL A 93 6.36 -34.98 43.81
N ASP A 94 6.81 -33.79 43.41
CA ASP A 94 8.14 -33.59 42.85
C ASP A 94 8.56 -32.17 43.16
N ASP A 95 9.64 -32.04 43.92
CA ASP A 95 10.08 -30.73 44.37
C ASP A 95 10.49 -29.83 43.20
N SER A 96 11.25 -30.38 42.26
CA SER A 96 11.90 -29.59 41.22
C SER A 96 11.39 -29.94 39.82
N PHE A 97 10.08 -30.10 39.67
CA PHE A 97 9.53 -30.36 38.35
C PHE A 97 9.56 -29.10 37.48
N PHE A 98 9.15 -27.97 38.03
CA PHE A 98 9.08 -26.74 37.24
C PHE A 98 10.46 -26.14 36.99
N HIS A 99 11.40 -26.32 37.91
CA HIS A 99 12.75 -25.81 37.71
C HIS A 99 13.43 -26.47 36.52
N ARG A 100 13.19 -27.77 36.34
CA ARG A 100 13.86 -28.54 35.28
C ARG A 100 13.36 -28.18 33.89
N LEU A 101 12.16 -27.60 33.78
CA LEU A 101 11.55 -27.35 32.48
C LEU A 101 12.08 -26.10 31.79
N GLU A 102 12.81 -25.23 32.49
CA GLU A 102 13.36 -24.03 31.86
C GLU A 102 14.82 -24.19 31.45
N GLU A 103 15.57 -25.08 32.08
CA GLU A 103 16.94 -25.36 31.68
C GLU A 103 17.01 -26.57 30.73
N SER A 104 16.19 -26.55 29.69
CA SER A 104 16.19 -27.62 28.71
C SER A 104 17.11 -27.34 27.52
N PHE A 105 17.47 -26.08 27.31
CA PHE A 105 18.30 -25.66 26.19
C PHE A 105 19.79 -25.83 26.44
N LEU A 106 20.20 -26.07 27.68
CA LEU A 106 21.61 -26.02 28.05
C LEU A 106 22.30 -27.36 27.81
N VAL A 107 23.62 -27.31 27.71
CA VAL A 107 24.44 -28.51 27.57
C VAL A 107 24.62 -29.14 28.94
N GLU A 108 25.09 -30.38 28.96
CA GLU A 108 25.22 -31.14 30.21
C GLU A 108 26.54 -30.82 30.92
N GLU A 109 26.81 -29.53 31.06
CA GLU A 109 27.82 -29.04 31.99
C GLU A 109 27.39 -27.76 32.67
N ASP A 110 26.24 -27.17 32.30
CA ASP A 110 25.67 -26.02 32.96
C ASP A 110 24.25 -26.28 33.42
N LYS A 111 23.87 -27.56 33.59
CA LYS A 111 22.48 -27.91 33.83
C LYS A 111 22.08 -27.77 35.29
N LYS A 112 22.96 -28.17 36.22
CA LYS A 112 22.76 -28.14 37.67
C LYS A 112 21.70 -29.14 38.14
N HIS A 113 21.11 -29.92 37.25
CA HIS A 113 20.16 -30.97 37.61
C HIS A 113 20.36 -32.14 36.66
N GLU A 114 19.45 -33.10 36.69
CA GLU A 114 19.54 -34.25 35.81
C GLU A 114 18.90 -33.94 34.46
N ARG A 115 19.23 -34.76 33.47
CA ARG A 115 18.95 -34.46 32.06
C ARG A 115 17.72 -35.19 31.52
N HIS A 116 16.77 -35.56 32.38
CA HIS A 116 15.51 -36.18 31.96
C HIS A 116 14.36 -35.39 32.58
N PRO A 117 13.88 -34.35 31.89
CA PRO A 117 13.01 -33.37 32.55
C PRO A 117 11.53 -33.72 32.58
N ILE A 118 11.17 -34.97 32.84
CA ILE A 118 9.77 -35.28 33.10
C ILE A 118 9.69 -36.12 34.37
N PHE A 119 10.48 -37.20 34.43
CA PHE A 119 10.48 -38.09 35.58
C PHE A 119 11.77 -38.06 36.40
N GLY A 120 12.85 -37.53 35.84
CA GLY A 120 14.10 -37.48 36.57
C GLY A 120 14.75 -38.83 36.79
N ASN A 121 14.61 -39.75 35.84
CA ASN A 121 15.22 -41.06 35.95
C ASN A 121 15.37 -41.64 34.55
N ILE A 122 16.19 -42.67 34.42
CA ILE A 122 16.47 -43.27 33.12
C ILE A 122 15.48 -44.36 32.78
N VAL A 123 15.14 -45.23 33.73
CA VAL A 123 14.30 -46.39 33.43
C VAL A 123 12.89 -45.95 33.04
N ASP A 124 12.28 -45.10 33.86
CA ASP A 124 10.91 -44.64 33.56
C ASP A 124 10.94 -43.32 32.79
N GLU A 125 11.70 -43.30 31.70
CA GLU A 125 11.70 -42.20 30.76
C GLU A 125 11.52 -42.77 29.36
N VAL A 126 12.00 -44.00 29.16
CA VAL A 126 11.83 -44.69 27.89
C VAL A 126 10.49 -45.40 27.81
N ALA A 127 9.95 -45.87 28.95
CA ALA A 127 8.64 -46.51 28.95
C ALA A 127 7.55 -45.53 28.53
N TYR A 128 7.67 -44.27 28.97
CA TYR A 128 6.70 -43.25 28.58
C TYR A 128 6.67 -43.07 27.07
N HIS A 129 7.84 -43.01 26.42
CA HIS A 129 7.87 -42.84 24.98
C HIS A 129 7.45 -44.10 24.25
N GLU A 130 7.69 -45.27 24.83
CA GLU A 130 7.24 -46.51 24.22
C GLU A 130 5.71 -46.62 24.25
N LYS A 131 5.09 -46.13 25.32
CA LYS A 131 3.64 -46.22 25.44
C LYS A 131 2.90 -45.07 24.76
N TYR A 132 3.49 -43.87 24.72
CA TYR A 132 2.83 -42.68 24.18
C TYR A 132 3.73 -42.06 23.12
N PRO A 133 3.68 -42.56 21.89
CA PRO A 133 4.55 -42.00 20.84
C PRO A 133 4.31 -40.52 20.54
N THR A 134 3.09 -40.02 20.69
CA THR A 134 2.78 -38.61 20.50
C THR A 134 2.04 -38.08 21.72
N ILE A 135 1.63 -36.81 21.64
CA ILE A 135 0.83 -36.21 22.71
C ILE A 135 -0.67 -36.46 22.50
N TYR A 136 -1.09 -36.73 21.27
CA TYR A 136 -2.50 -36.98 21.01
C TYR A 136 -2.95 -38.31 21.61
N HIS A 137 -2.06 -39.30 21.66
CA HIS A 137 -2.36 -40.54 22.38
C HIS A 137 -2.73 -40.24 23.84
N LEU A 138 -1.91 -39.42 24.49
CA LEU A 138 -2.17 -39.04 25.88
C LEU A 138 -3.47 -38.28 26.01
N ARG A 139 -3.74 -37.35 25.09
CA ARG A 139 -4.98 -36.58 25.16
C ARG A 139 -6.20 -37.49 25.06
N LYS A 140 -6.18 -38.42 24.10
CA LYS A 140 -7.30 -39.34 23.95
C LYS A 140 -7.47 -40.23 25.18
N LYS A 141 -6.37 -40.74 25.71
CA LYS A 141 -6.46 -41.61 26.89
C LYS A 141 -7.03 -40.84 28.08
N LEU A 142 -6.61 -39.59 28.28
CA LEU A 142 -7.13 -38.81 29.39
C LEU A 142 -8.60 -38.49 29.20
N VAL A 143 -9.03 -38.25 27.96
CA VAL A 143 -10.45 -37.97 27.72
C VAL A 143 -11.30 -39.20 27.99
N ASP A 144 -10.81 -40.38 27.61
CA ASP A 144 -11.66 -41.57 27.62
C ASP A 144 -11.56 -42.41 28.89
N SER A 145 -10.44 -42.37 29.61
CA SER A 145 -10.21 -43.31 30.70
C SER A 145 -11.06 -42.94 31.92
N THR A 146 -10.95 -43.75 32.97
CA THR A 146 -11.75 -43.58 34.17
C THR A 146 -11.00 -43.70 35.48
N ASP A 147 -9.72 -44.08 35.47
CA ASP A 147 -8.96 -44.27 36.70
C ASP A 147 -8.07 -43.06 36.98
N LYS A 148 -7.49 -43.05 38.18
CA LYS A 148 -6.67 -41.93 38.62
C LYS A 148 -5.33 -41.92 37.89
N ALA A 149 -4.84 -40.72 37.59
CA ALA A 149 -3.61 -40.55 36.82
C ALA A 149 -2.68 -39.56 37.51
N ASP A 150 -1.41 -39.65 37.16
CA ASP A 150 -0.42 -38.69 37.63
C ASP A 150 -0.72 -37.32 37.05
N LEU A 151 -0.58 -36.29 37.89
CA LEU A 151 -1.03 -34.95 37.49
C LEU A 151 -0.01 -34.19 36.67
N ARG A 152 1.23 -34.69 36.56
CA ARG A 152 2.17 -34.11 35.61
C ARG A 152 1.66 -34.26 34.18
N LEU A 153 1.08 -35.42 33.87
CA LEU A 153 0.48 -35.64 32.56
C LEU A 153 -0.66 -34.67 32.30
N ILE A 154 -1.49 -34.44 33.32
CA ILE A 154 -2.59 -33.48 33.21
C ILE A 154 -2.05 -32.09 32.91
N TYR A 155 -0.99 -31.68 33.61
CA TYR A 155 -0.39 -30.38 33.33
C TYR A 155 0.11 -30.29 31.89
N LEU A 156 0.78 -31.34 31.42
CA LEU A 156 1.33 -31.28 30.06
C LEU A 156 0.23 -31.16 29.03
N ALA A 157 -0.85 -31.94 29.18
CA ALA A 157 -1.95 -31.88 28.22
C ALA A 157 -2.62 -30.50 28.23
N LEU A 158 -2.90 -29.98 29.43
CA LEU A 158 -3.55 -28.67 29.53
C LEU A 158 -2.67 -27.57 28.95
N ALA A 159 -1.36 -27.63 29.22
CA ALA A 159 -0.45 -26.61 28.70
C ALA A 159 -0.39 -26.65 27.18
N HIS A 160 -0.36 -27.85 26.60
CA HIS A 160 -0.38 -27.97 25.15
C HIS A 160 -1.66 -27.37 24.56
N MET A 161 -2.80 -27.61 25.22
CA MET A 161 -4.04 -27.02 24.72
C MET A 161 -4.02 -25.49 24.82
N ILE A 162 -3.48 -24.95 25.91
CA ILE A 162 -3.55 -23.51 26.13
C ILE A 162 -2.57 -22.76 25.20
N LYS A 163 -1.39 -23.33 24.95
CA LYS A 163 -0.37 -22.62 24.19
C LYS A 163 -0.80 -22.40 22.74
N PHE A 164 -1.40 -23.41 22.10
CA PHE A 164 -1.88 -23.33 20.73
C PHE A 164 -3.39 -23.51 20.75
N ARG A 165 -4.14 -22.51 20.26
CA ARG A 165 -5.55 -22.45 20.62
C ARG A 165 -6.49 -22.02 19.49
N GLY A 166 -6.15 -22.27 18.23
CA GLY A 166 -7.11 -22.08 17.15
C GLY A 166 -7.53 -20.64 16.91
N HIS A 167 -8.43 -20.45 15.96
CA HIS A 167 -8.82 -19.13 15.48
C HIS A 167 -10.19 -18.71 16.01
N PHE A 168 -10.48 -17.42 15.82
CA PHE A 168 -11.65 -16.75 16.40
C PHE A 168 -12.55 -16.19 15.30
N LEU A 169 -12.75 -16.94 14.21
CA LEU A 169 -13.53 -16.45 13.09
C LEU A 169 -15.03 -16.70 13.21
N ILE A 170 -15.47 -17.53 14.15
CA ILE A 170 -16.87 -17.91 14.28
C ILE A 170 -17.34 -17.57 15.68
N GLU A 171 -18.47 -16.88 15.77
CA GLU A 171 -19.08 -16.53 17.04
C GLU A 171 -20.36 -17.34 17.24
N GLY A 172 -20.47 -17.99 18.39
CA GLY A 172 -21.61 -18.83 18.68
C GLY A 172 -21.24 -20.10 19.41
N ASP A 173 -22.06 -21.15 19.24
CA ASP A 173 -21.82 -22.44 19.86
C ASP A 173 -21.77 -23.50 18.78
N LEU A 174 -20.89 -24.49 18.97
CA LEU A 174 -20.65 -25.52 17.96
C LEU A 174 -20.62 -26.88 18.63
N ASN A 175 -21.20 -27.88 17.95
CA ASN A 175 -21.27 -29.24 18.46
C ASN A 175 -20.93 -30.20 17.32
N PRO A 176 -20.07 -31.20 17.56
CA PRO A 176 -19.59 -32.06 16.47
C PRO A 176 -20.57 -33.19 16.14
N ASP A 177 -21.23 -33.06 14.99
CA ASP A 177 -21.99 -34.16 14.37
C ASP A 177 -21.95 -33.93 12.86
N ASN A 178 -20.96 -34.55 12.20
CA ASN A 178 -20.69 -34.28 10.80
C ASN A 178 -20.71 -35.52 9.93
N SER A 179 -20.86 -36.72 10.50
CA SER A 179 -20.92 -37.95 9.73
C SER A 179 -22.31 -38.20 9.14
N ASP A 180 -23.16 -37.19 9.10
CA ASP A 180 -24.54 -37.33 8.64
C ASP A 180 -24.92 -36.17 7.73
N VAL A 181 -24.03 -35.83 6.79
CA VAL A 181 -24.31 -34.71 5.89
C VAL A 181 -25.54 -35.02 5.03
N ASP A 182 -25.61 -36.24 4.47
CA ASP A 182 -26.74 -36.60 3.64
C ASP A 182 -28.00 -36.80 4.46
N LYS A 183 -27.88 -37.33 5.68
CA LYS A 183 -29.05 -37.52 6.53
C LYS A 183 -29.69 -36.19 6.90
N LEU A 184 -28.87 -35.21 7.32
CA LEU A 184 -29.39 -33.89 7.63
C LEU A 184 -29.94 -33.20 6.38
N PHE A 185 -29.26 -33.39 5.24
CA PHE A 185 -29.76 -32.84 3.98
C PHE A 185 -31.16 -33.37 3.67
N ILE A 186 -31.35 -34.69 3.79
CA ILE A 186 -32.64 -35.27 3.47
C ILE A 186 -33.70 -34.86 4.49
N GLN A 187 -33.29 -34.66 5.76
CA GLN A 187 -34.23 -34.14 6.75
C GLN A 187 -34.70 -32.75 6.37
N LEU A 188 -33.78 -31.87 5.95
CA LEU A 188 -34.16 -30.54 5.52
C LEU A 188 -35.08 -30.57 4.31
N VAL A 189 -34.78 -31.45 3.34
CA VAL A 189 -35.62 -31.56 2.16
C VAL A 189 -37.02 -32.05 2.54
N GLN A 190 -37.08 -33.00 3.48
CA GLN A 190 -38.38 -33.49 3.94
C GLN A 190 -39.18 -32.39 4.62
N THR A 191 -38.52 -31.56 5.43
CA THR A 191 -39.21 -30.44 6.06
C THR A 191 -39.72 -29.45 5.02
N TYR A 192 -38.91 -29.17 4.00
CA TYR A 192 -39.35 -28.29 2.92
C TYR A 192 -40.58 -28.85 2.22
N ASN A 193 -40.58 -30.16 1.93
CA ASN A 193 -41.73 -30.79 1.30
C ASN A 193 -42.96 -30.71 2.20
N GLN A 194 -42.78 -30.91 3.50
CA GLN A 194 -43.89 -30.80 4.43
C GLN A 194 -44.48 -29.40 4.41
N LEU A 195 -43.62 -28.38 4.36
CA LEU A 195 -44.11 -27.00 4.35
C LEU A 195 -44.89 -26.70 3.08
N PHE A 196 -44.32 -27.04 1.92
CA PHE A 196 -44.95 -26.81 0.62
C PHE A 196 -45.48 -28.15 0.10
N GLU A 197 -46.69 -28.51 0.52
CA GLU A 197 -47.31 -29.74 0.02
C GLU A 197 -47.73 -29.60 -1.43
N GLU A 198 -48.04 -28.38 -1.87
CA GLU A 198 -48.45 -28.17 -3.25
C GLU A 198 -47.29 -28.22 -4.22
N ASN A 199 -46.08 -27.86 -3.78
CA ASN A 199 -44.90 -27.81 -4.62
C ASN A 199 -43.77 -28.60 -3.95
N PRO A 200 -43.82 -29.93 -4.01
CA PRO A 200 -42.75 -30.74 -3.42
C PRO A 200 -41.47 -30.63 -4.24
N ILE A 201 -40.35 -30.90 -3.56
CA ILE A 201 -39.03 -30.86 -4.16
C ILE A 201 -38.35 -32.21 -3.95
N ASN A 202 -37.84 -32.79 -5.02
CA ASN A 202 -37.17 -34.08 -4.94
C ASN A 202 -35.73 -33.92 -4.47
N ALA A 203 -35.25 -34.89 -3.69
CA ALA A 203 -33.88 -34.85 -3.20
C ALA A 203 -32.88 -35.01 -4.34
N SER A 204 -33.19 -35.87 -5.31
CA SER A 204 -32.40 -36.17 -6.50
C SER A 204 -31.11 -36.94 -6.18
N GLY A 205 -30.82 -37.22 -4.92
CA GLY A 205 -29.67 -38.04 -4.57
C GLY A 205 -28.33 -37.47 -4.99
N VAL A 206 -28.11 -36.18 -4.75
CA VAL A 206 -26.86 -35.51 -5.10
C VAL A 206 -26.03 -35.34 -3.84
N ASP A 207 -24.78 -35.81 -3.89
CA ASP A 207 -23.87 -35.70 -2.75
C ASP A 207 -23.46 -34.24 -2.58
N ALA A 208 -24.04 -33.59 -1.57
CA ALA A 208 -23.65 -32.21 -1.29
C ALA A 208 -22.21 -32.10 -0.82
N LYS A 209 -21.64 -33.17 -0.26
CA LYS A 209 -20.27 -33.14 0.22
C LYS A 209 -19.30 -32.82 -0.91
N ALA A 210 -19.45 -33.49 -2.05
CA ALA A 210 -18.49 -33.30 -3.14
C ALA A 210 -18.62 -31.91 -3.74
N ILE A 211 -19.83 -31.46 -4.03
CA ILE A 211 -20.03 -30.19 -4.71
C ILE A 211 -19.69 -29.02 -3.80
N LEU A 212 -20.06 -29.11 -2.51
CA LEU A 212 -19.94 -27.99 -1.59
C LEU A 212 -18.62 -27.97 -0.82
N SER A 213 -17.71 -28.90 -1.10
CA SER A 213 -16.39 -28.89 -0.47
C SER A 213 -15.27 -28.63 -1.48
N ALA A 214 -15.62 -28.22 -2.70
CA ALA A 214 -14.60 -27.91 -3.69
C ALA A 214 -13.79 -26.70 -3.25
N ARG A 215 -12.50 -26.71 -3.58
CA ARG A 215 -11.62 -25.63 -3.18
C ARG A 215 -11.79 -24.42 -4.10
N LEU A 216 -13.03 -23.94 -4.22
CA LEU A 216 -13.37 -22.79 -5.05
C LEU A 216 -14.23 -21.80 -4.27
N SER A 217 -14.76 -20.79 -4.95
CA SER A 217 -15.63 -19.82 -4.30
C SER A 217 -17.01 -20.41 -4.04
N LYS A 218 -17.70 -19.81 -3.06
CA LYS A 218 -19.04 -20.29 -2.69
C LYS A 218 -20.06 -20.03 -3.79
N SER A 219 -19.91 -18.94 -4.54
CA SER A 219 -20.87 -18.63 -5.61
C SER A 219 -20.86 -19.72 -6.68
N ARG A 220 -19.67 -20.20 -7.04
CA ARG A 220 -19.58 -21.27 -8.03
C ARG A 220 -20.23 -22.55 -7.51
N ARG A 221 -20.02 -22.86 -6.23
CA ARG A 221 -20.65 -24.05 -5.65
C ARG A 221 -22.16 -23.92 -5.66
N LEU A 222 -22.68 -22.74 -5.32
CA LEU A 222 -24.13 -22.52 -5.36
C LEU A 222 -24.65 -22.67 -6.78
N GLU A 223 -23.92 -22.14 -7.77
CA GLU A 223 -24.34 -22.27 -9.15
C GLU A 223 -24.37 -23.73 -9.58
N ASN A 224 -23.33 -24.49 -9.22
CA ASN A 224 -23.29 -25.91 -9.57
C ASN A 224 -24.42 -26.68 -8.91
N LEU A 225 -24.71 -26.37 -7.65
CA LEU A 225 -25.81 -27.05 -6.97
C LEU A 225 -27.15 -26.71 -7.60
N ILE A 226 -27.36 -25.44 -7.96
CA ILE A 226 -28.66 -25.03 -8.48
C ILE A 226 -28.85 -25.43 -9.93
N ALA A 227 -27.78 -25.68 -10.68
CA ALA A 227 -27.93 -26.10 -12.07
C ALA A 227 -28.50 -27.50 -12.17
N GLN A 228 -28.29 -28.33 -11.13
CA GLN A 228 -28.81 -29.69 -11.15
C GLN A 228 -30.34 -29.71 -11.16
N LEU A 229 -30.96 -28.85 -10.35
CA LEU A 229 -32.42 -28.83 -10.25
C LEU A 229 -32.98 -27.74 -11.14
N PRO A 230 -33.76 -28.09 -12.16
CA PRO A 230 -34.31 -27.06 -13.06
C PRO A 230 -35.41 -26.26 -12.41
N GLY A 231 -35.62 -25.06 -12.94
CA GLY A 231 -36.69 -24.19 -12.50
C GLY A 231 -36.43 -23.38 -11.26
N GLU A 232 -35.25 -23.52 -10.65
CA GLU A 232 -34.90 -22.78 -9.45
C GLU A 232 -33.65 -21.96 -9.70
N LYS A 233 -33.68 -20.70 -9.28
CA LYS A 233 -32.56 -19.78 -9.46
C LYS A 233 -32.07 -19.31 -8.09
N LYS A 234 -31.11 -18.36 -8.12
CA LYS A 234 -30.54 -17.84 -6.88
C LYS A 234 -31.60 -17.14 -6.04
N ASN A 235 -32.47 -16.36 -6.67
CA ASN A 235 -33.48 -15.60 -5.94
C ASN A 235 -34.60 -16.47 -5.38
N GLY A 236 -34.65 -17.75 -5.75
CA GLY A 236 -35.69 -18.61 -5.22
C GLY A 236 -35.56 -18.82 -3.73
N LEU A 237 -36.69 -19.13 -3.10
CA LEU A 237 -36.70 -19.31 -1.64
C LEU A 237 -35.80 -20.45 -1.22
N PHE A 238 -35.87 -21.59 -1.92
CA PHE A 238 -35.02 -22.72 -1.58
C PHE A 238 -33.55 -22.37 -1.76
N GLY A 239 -33.22 -21.64 -2.82
CA GLY A 239 -31.86 -21.19 -3.01
C GLY A 239 -31.40 -20.26 -1.90
N ASN A 240 -32.29 -19.36 -1.45
CA ASN A 240 -31.94 -18.46 -0.35
C ASN A 240 -31.67 -19.24 0.93
N LEU A 241 -32.51 -20.24 1.23
CA LEU A 241 -32.29 -21.03 2.43
C LEU A 241 -30.99 -21.82 2.35
N ILE A 242 -30.71 -22.42 1.20
CA ILE A 242 -29.48 -23.20 1.07
C ILE A 242 -28.26 -22.28 1.10
N ALA A 243 -28.40 -21.03 0.64
CA ALA A 243 -27.29 -20.08 0.71
C ALA A 243 -27.04 -19.63 2.14
N LEU A 244 -28.12 -19.45 2.92
CA LEU A 244 -27.95 -19.17 4.34
C LEU A 244 -27.26 -20.32 5.04
N SER A 245 -27.66 -21.56 4.71
CA SER A 245 -27.01 -22.73 5.31
C SER A 245 -25.53 -22.80 4.92
N LEU A 246 -25.21 -22.52 3.65
CA LEU A 246 -23.83 -22.53 3.23
C LEU A 246 -23.02 -21.42 3.90
N GLY A 247 -23.68 -20.34 4.30
CA GLY A 247 -23.02 -19.23 4.96
C GLY A 247 -22.80 -18.07 4.01
N LEU A 248 -23.69 -17.10 4.05
CA LEU A 248 -23.68 -15.95 3.14
C LEU A 248 -24.71 -14.96 3.65
N THR A 249 -24.93 -13.89 2.89
CA THR A 249 -25.87 -12.82 3.25
C THR A 249 -26.99 -12.79 2.22
N PRO A 250 -28.09 -13.50 2.45
CA PRO A 250 -29.19 -13.50 1.49
C PRO A 250 -30.24 -12.43 1.78
N ASN A 251 -30.73 -11.81 0.72
CA ASN A 251 -31.78 -10.81 0.84
C ASN A 251 -33.13 -11.51 0.88
N PHE A 252 -33.88 -11.30 1.96
CA PHE A 252 -35.16 -11.95 2.16
C PHE A 252 -36.35 -11.06 1.82
N LYS A 253 -36.10 -9.84 1.33
CA LYS A 253 -37.20 -8.90 1.10
C LYS A 253 -38.15 -9.39 0.03
N SER A 254 -37.61 -9.92 -1.07
CA SER A 254 -38.46 -10.35 -2.19
C SER A 254 -39.20 -11.65 -1.89
N ASN A 255 -38.62 -12.53 -1.06
CA ASN A 255 -39.22 -13.83 -0.82
C ASN A 255 -40.53 -13.75 -0.05
N PHE A 256 -40.78 -12.63 0.64
CA PHE A 256 -42.05 -12.44 1.32
C PHE A 256 -42.58 -11.02 1.15
N ASP A 257 -42.18 -10.34 0.06
CA ASP A 257 -42.55 -8.95 -0.23
C ASP A 257 -42.52 -8.07 1.02
N LEU A 258 -41.41 -8.15 1.76
CA LEU A 258 -41.24 -7.34 2.95
C LEU A 258 -41.01 -5.88 2.58
N ALA A 259 -41.57 -4.98 3.38
CA ALA A 259 -41.45 -3.56 3.09
C ALA A 259 -40.07 -3.02 3.44
N GLU A 260 -39.37 -3.66 4.36
CA GLU A 260 -38.06 -3.21 4.82
C GLU A 260 -37.06 -4.34 4.69
N ASP A 261 -35.78 -3.96 4.65
CA ASP A 261 -34.70 -4.93 4.49
C ASP A 261 -34.65 -5.87 5.69
N ALA A 262 -34.31 -7.12 5.41
CA ALA A 262 -34.14 -8.12 6.47
C ALA A 262 -33.20 -9.19 5.95
N LYS A 263 -31.97 -9.21 6.46
CA LYS A 263 -30.96 -10.16 6.04
C LYS A 263 -30.33 -10.80 7.27
N LEU A 264 -30.13 -12.12 7.21
CA LEU A 264 -29.59 -12.88 8.32
C LEU A 264 -28.35 -13.64 7.89
N GLN A 265 -27.34 -13.63 8.76
CA GLN A 265 -26.13 -14.41 8.57
C GLN A 265 -25.86 -15.24 9.82
N LEU A 266 -25.22 -16.39 9.62
CA LEU A 266 -25.10 -17.39 10.68
C LEU A 266 -23.82 -17.25 11.50
N SER A 267 -22.98 -16.25 11.22
CA SER A 267 -21.70 -16.12 11.90
C SER A 267 -21.63 -14.93 12.85
N LYS A 268 -22.71 -14.18 13.00
CA LYS A 268 -22.73 -13.02 13.88
C LYS A 268 -23.66 -13.25 15.06
N ASP A 269 -23.45 -12.45 16.12
CA ASP A 269 -24.27 -12.56 17.30
C ASP A 269 -25.70 -12.08 17.02
N THR A 270 -25.87 -11.17 16.06
CA THR A 270 -27.19 -10.61 15.76
C THR A 270 -28.20 -11.70 15.43
N TYR A 271 -27.73 -12.84 14.91
CA TYR A 271 -28.64 -13.92 14.52
C TYR A 271 -29.46 -14.41 15.70
N ASP A 272 -28.93 -14.30 16.93
CA ASP A 272 -29.70 -14.75 18.07
C ASP A 272 -30.92 -13.87 18.34
N ASP A 273 -30.90 -12.61 17.88
CA ASP A 273 -32.00 -11.69 18.08
C ASP A 273 -32.72 -11.32 16.79
N ASP A 274 -31.99 -11.20 15.68
CA ASP A 274 -32.62 -10.85 14.41
C ASP A 274 -33.71 -11.85 14.03
N LEU A 275 -33.53 -13.13 14.38
CA LEU A 275 -34.56 -14.12 14.14
C LEU A 275 -35.89 -13.70 14.73
N ASP A 276 -35.87 -13.18 15.96
CA ASP A 276 -37.11 -12.72 16.59
C ASP A 276 -37.85 -11.74 15.70
N ASN A 277 -37.12 -10.83 15.05
CA ASN A 277 -37.75 -9.91 14.11
C ASN A 277 -38.53 -10.66 13.05
N LEU A 278 -37.85 -11.60 12.36
CA LEU A 278 -38.55 -12.39 11.37
C LEU A 278 -39.58 -13.31 12.00
N LEU A 279 -39.40 -13.64 13.28
CA LEU A 279 -40.38 -14.45 14.00
C LEU A 279 -41.57 -13.62 14.48
N ALA A 280 -41.56 -12.31 14.23
CA ALA A 280 -42.61 -11.44 14.75
C ALA A 280 -43.98 -11.81 14.21
N GLN A 281 -44.21 -11.62 12.91
CA GLN A 281 -45.49 -11.99 12.31
C GLN A 281 -45.46 -13.38 11.68
N ILE A 282 -44.91 -14.35 12.41
CA ILE A 282 -44.83 -15.72 11.91
C ILE A 282 -44.71 -16.68 13.08
N GLY A 283 -44.76 -17.99 12.80
CA GLY A 283 -44.46 -18.98 13.82
C GLY A 283 -45.21 -20.28 13.70
N ASP A 284 -46.35 -20.28 12.99
CA ASP A 284 -47.03 -21.53 12.70
C ASP A 284 -46.30 -22.29 11.61
N GLN A 285 -45.86 -21.60 10.57
CA GLN A 285 -45.00 -22.14 9.52
C GLN A 285 -43.71 -21.33 9.48
N TYR A 286 -42.73 -21.85 8.74
CA TYR A 286 -41.38 -21.27 8.71
C TYR A 286 -40.81 -21.16 10.12
N ALA A 287 -41.07 -22.18 10.93
CA ALA A 287 -40.69 -22.18 12.34
C ALA A 287 -39.50 -23.10 12.64
N ASP A 288 -39.55 -24.35 12.18
CA ASP A 288 -38.41 -25.25 12.31
C ASP A 288 -37.57 -25.32 11.05
N LEU A 289 -38.10 -24.87 9.92
CA LEU A 289 -37.37 -24.91 8.66
C LEU A 289 -36.09 -24.10 8.72
N PHE A 290 -35.99 -23.18 9.68
CA PHE A 290 -34.73 -22.48 9.90
C PHE A 290 -33.80 -23.32 10.77
N LEU A 291 -34.31 -23.86 11.88
CA LEU A 291 -33.45 -24.55 12.85
C LEU A 291 -32.67 -25.67 12.19
N ALA A 292 -33.38 -26.55 11.46
CA ALA A 292 -32.71 -27.65 10.79
C ALA A 292 -31.60 -27.15 9.88
N ALA A 293 -31.84 -26.05 9.17
CA ALA A 293 -30.82 -25.50 8.29
C ALA A 293 -29.53 -25.22 9.05
N LYS A 294 -29.65 -24.71 10.28
CA LYS A 294 -28.47 -24.47 11.09
C LYS A 294 -27.62 -25.73 11.24
N ASN A 295 -28.29 -26.86 11.55
CA ASN A 295 -27.56 -28.12 11.71
C ASN A 295 -26.78 -28.46 10.44
N LEU A 296 -27.36 -28.17 9.27
CA LEU A 296 -26.65 -28.44 8.03
C LEU A 296 -25.34 -27.66 7.97
N SER A 297 -25.38 -26.38 8.36
CA SER A 297 -24.16 -25.58 8.37
C SER A 297 -23.10 -26.17 9.28
N ASP A 298 -23.51 -26.99 10.25
CA ASP A 298 -22.54 -27.64 11.13
C ASP A 298 -21.79 -28.75 10.40
N ALA A 299 -22.49 -29.48 9.52
CA ALA A 299 -21.90 -30.67 8.91
C ALA A 299 -21.06 -30.36 7.68
N ILE A 300 -21.19 -29.16 7.12
CA ILE A 300 -20.39 -28.80 5.95
C ILE A 300 -19.07 -28.16 6.36
N LEU A 301 -19.09 -27.35 7.43
CA LEU A 301 -17.88 -26.69 7.89
C LEU A 301 -16.86 -27.70 8.41
N LEU A 302 -17.29 -28.58 9.30
CA LEU A 302 -16.42 -29.61 9.86
C LEU A 302 -16.53 -30.92 9.08
N SER A 303 -16.36 -30.84 7.76
CA SER A 303 -16.54 -31.98 6.87
C SER A 303 -15.23 -32.55 6.35
N ASP A 304 -14.34 -31.69 5.84
CA ASP A 304 -13.05 -32.11 5.34
C ASP A 304 -11.95 -32.06 6.40
N ILE A 305 -12.29 -31.69 7.63
CA ILE A 305 -11.30 -31.51 8.68
C ILE A 305 -11.14 -32.78 9.52
N LEU A 306 -12.26 -33.35 9.97
CA LEU A 306 -12.21 -34.49 10.88
C LEU A 306 -11.82 -35.77 10.14
N ARG A 307 -12.63 -36.18 9.16
CA ARG A 307 -12.40 -37.40 8.38
C ARG A 307 -12.34 -38.64 9.28
N VAL A 308 -13.11 -38.65 10.37
CA VAL A 308 -13.16 -39.78 11.29
C VAL A 308 -14.61 -40.05 11.67
N ASN A 309 -14.86 -41.27 12.14
CA ASN A 309 -16.18 -41.65 12.58
C ASN A 309 -16.52 -41.02 13.92
N THR A 310 -17.81 -41.05 14.27
CA THR A 310 -18.27 -40.51 15.53
C THR A 310 -19.07 -41.56 16.30
N GLU A 311 -19.70 -41.15 17.39
CA GLU A 311 -20.50 -42.02 18.26
C GLU A 311 -19.68 -43.17 18.85
N ILE A 312 -18.36 -43.03 18.87
CA ILE A 312 -17.47 -44.01 19.49
C ILE A 312 -16.61 -43.35 20.56
N THR A 313 -16.03 -42.19 20.26
CA THR A 313 -15.23 -41.44 21.21
C THR A 313 -15.62 -39.97 21.14
N LYS A 314 -15.51 -39.29 22.28
CA LYS A 314 -15.79 -37.85 22.36
C LYS A 314 -14.52 -37.03 22.19
N ALA A 315 -13.76 -37.31 21.14
CA ALA A 315 -12.52 -36.60 20.85
C ALA A 315 -12.14 -36.80 19.39
N PRO A 316 -12.89 -36.21 18.46
CA PRO A 316 -12.64 -36.51 17.04
C PRO A 316 -11.29 -36.04 16.53
N LEU A 317 -10.80 -34.89 17.01
CA LEU A 317 -9.55 -34.37 16.45
C LEU A 317 -8.35 -35.20 16.88
N SER A 318 -8.29 -35.56 18.16
CA SER A 318 -7.17 -36.38 18.63
C SER A 318 -7.24 -37.81 18.10
N ALA A 319 -8.42 -38.26 17.68
CA ALA A 319 -8.54 -39.59 17.08
C ALA A 319 -8.34 -39.58 15.57
N SER A 320 -8.47 -38.43 14.92
CA SER A 320 -8.24 -38.32 13.49
C SER A 320 -6.78 -38.09 13.15
N MET A 321 -5.91 -37.89 14.14
CA MET A 321 -4.48 -37.77 13.91
C MET A 321 -3.72 -39.02 14.32
N ILE A 322 -4.36 -39.97 15.00
CA ILE A 322 -3.79 -41.29 15.16
C ILE A 322 -3.91 -42.10 13.87
N LYS A 323 -4.87 -41.74 13.01
CA LYS A 323 -4.98 -42.40 11.71
C LYS A 323 -3.77 -42.12 10.84
N ARG A 324 -3.24 -40.90 10.88
CA ARG A 324 -2.05 -40.56 10.10
C ARG A 324 -0.85 -41.40 10.54
N TYR A 325 -0.65 -41.52 11.86
CA TYR A 325 0.41 -42.36 12.41
C TYR A 325 -0.02 -43.82 12.49
N ASP A 326 -0.67 -44.29 11.46
CA ASP A 326 -0.76 -45.69 11.10
C ASP A 326 -0.54 -45.90 9.62
N GLU A 327 -1.05 -44.98 8.79
CA GLU A 327 -0.80 -45.05 7.36
C GLU A 327 0.66 -44.78 7.03
N HIS A 328 1.29 -43.83 7.73
CA HIS A 328 2.72 -43.60 7.54
C HIS A 328 3.51 -44.88 7.79
N HIS A 329 3.22 -45.53 8.92
CA HIS A 329 3.90 -46.77 9.31
C HIS A 329 3.65 -47.89 8.30
N GLN A 330 2.41 -48.00 7.82
CA GLN A 330 2.09 -49.07 6.88
C GLN A 330 2.73 -48.86 5.52
N ASP A 331 2.84 -47.61 5.08
CA ASP A 331 3.41 -47.36 3.76
C ASP A 331 4.94 -47.47 3.74
N LEU A 332 5.61 -47.11 4.84
CA LEU A 332 7.07 -47.13 4.84
C LEU A 332 7.61 -48.54 4.60
N THR A 333 7.02 -49.54 5.27
CA THR A 333 7.50 -50.91 5.12
C THR A 333 7.33 -51.41 3.70
N LEU A 334 6.16 -51.16 3.09
CA LEU A 334 5.91 -51.59 1.73
C LEU A 334 6.89 -50.95 0.76
N LEU A 335 7.13 -49.64 0.90
CA LEU A 335 8.05 -48.97 -0.01
C LEU A 335 9.47 -49.53 0.15
N LYS A 336 9.90 -49.76 1.39
CA LYS A 336 11.23 -50.33 1.62
C LYS A 336 11.37 -51.68 0.95
N ALA A 337 10.38 -52.56 1.13
CA ALA A 337 10.45 -53.89 0.55
C ALA A 337 10.48 -53.83 -0.98
N LEU A 338 9.62 -52.99 -1.57
CA LEU A 338 9.58 -52.88 -3.02
C LEU A 338 10.92 -52.38 -3.58
N VAL A 339 11.46 -51.32 -2.98
CA VAL A 339 12.71 -50.75 -3.48
C VAL A 339 13.84 -51.75 -3.36
N ARG A 340 13.93 -52.45 -2.23
CA ARG A 340 14.96 -53.47 -2.09
C ARG A 340 14.78 -54.59 -3.09
N GLN A 341 13.54 -54.95 -3.39
CA GLN A 341 13.29 -56.09 -4.27
C GLN A 341 13.66 -55.79 -5.72
N GLN A 342 13.24 -54.62 -6.22
CA GLN A 342 13.31 -54.37 -7.67
C GLN A 342 14.56 -53.59 -8.09
N LEU A 343 14.90 -52.52 -7.38
CA LEU A 343 16.07 -51.70 -7.71
C LEU A 343 16.95 -51.57 -6.47
N PRO A 344 17.92 -52.46 -6.29
CA PRO A 344 18.75 -52.42 -5.08
C PRO A 344 19.91 -51.44 -5.16
N GLU A 345 20.15 -50.80 -6.30
CA GLU A 345 21.27 -49.87 -6.42
C GLU A 345 20.95 -48.49 -5.85
N LYS A 346 19.67 -48.14 -5.74
CA LYS A 346 19.27 -46.80 -5.34
C LYS A 346 18.82 -46.71 -3.90
N TYR A 347 19.11 -47.72 -3.08
CA TYR A 347 18.67 -47.70 -1.68
C TYR A 347 19.39 -46.61 -0.89
N LYS A 348 20.70 -46.50 -1.04
CA LYS A 348 21.48 -45.62 -0.18
C LYS A 348 21.23 -44.15 -0.48
N GLU A 349 20.77 -43.82 -1.68
CA GLU A 349 20.53 -42.41 -2.01
C GLU A 349 19.25 -41.88 -1.40
N ILE A 350 18.23 -42.73 -1.25
CA ILE A 350 16.94 -42.27 -0.74
C ILE A 350 16.96 -42.21 0.78
N PHE A 351 17.49 -43.24 1.44
CA PHE A 351 17.35 -43.40 2.87
C PHE A 351 18.60 -43.02 3.66
N PHE A 352 19.68 -42.65 3.01
CA PHE A 352 20.89 -42.28 3.74
C PHE A 352 21.46 -40.93 3.34
N ASP A 353 21.40 -40.58 2.05
CA ASP A 353 21.94 -39.30 1.61
C ASP A 353 21.08 -38.15 2.11
N GLN A 354 21.72 -37.13 2.67
CA GLN A 354 21.03 -36.04 3.34
C GLN A 354 21.11 -34.73 2.57
N SER A 355 21.34 -34.79 1.26
CA SER A 355 21.47 -33.59 0.47
C SER A 355 20.56 -33.52 -0.75
N LYS A 356 19.91 -34.62 -1.14
CA LYS A 356 19.10 -34.64 -2.36
C LYS A 356 17.69 -35.16 -2.08
N ASN A 357 16.83 -34.27 -1.59
CA ASN A 357 15.38 -34.34 -1.73
C ASN A 357 14.76 -35.73 -1.53
N GLY A 358 15.37 -36.57 -0.72
CA GLY A 358 14.88 -37.91 -0.48
C GLY A 358 14.05 -38.01 0.78
N TYR A 359 13.89 -39.24 1.26
CA TYR A 359 13.21 -39.43 2.54
C TYR A 359 14.08 -38.99 3.70
N ALA A 360 15.40 -39.08 3.56
CA ALA A 360 16.30 -38.55 4.58
C ALA A 360 16.40 -37.03 4.51
N GLY A 361 16.19 -36.44 3.34
CA GLY A 361 16.13 -35.00 3.25
C GLY A 361 14.79 -34.41 3.58
N TYR A 362 13.81 -35.26 3.87
CA TYR A 362 12.45 -34.85 4.22
C TYR A 362 12.20 -34.86 5.72
N ILE A 363 12.95 -35.67 6.47
CA ILE A 363 12.75 -35.80 7.90
C ILE A 363 13.73 -34.91 8.64
N ASP A 364 15.03 -35.15 8.46
CA ASP A 364 16.07 -34.38 9.12
C ASP A 364 16.91 -33.62 8.09
N GLY A 365 16.25 -33.01 7.11
CA GLY A 365 16.88 -32.20 6.10
C GLY A 365 16.17 -30.86 5.97
N GLY A 366 16.28 -30.30 4.77
CA GLY A 366 15.68 -29.01 4.50
C GLY A 366 14.73 -28.98 3.31
N ALA A 367 13.95 -30.04 3.13
CA ALA A 367 13.06 -30.17 1.99
C ALA A 367 11.61 -30.15 2.44
N SER A 368 10.76 -29.53 1.63
CA SER A 368 9.33 -29.46 1.88
C SER A 368 8.66 -30.71 1.34
N GLN A 369 7.32 -30.69 1.27
CA GLN A 369 6.56 -31.85 0.83
C GLN A 369 6.40 -31.92 -0.69
N GLU A 370 6.22 -30.76 -1.33
CA GLU A 370 6.09 -30.73 -2.78
C GLU A 370 7.34 -31.25 -3.48
N GLU A 371 8.52 -30.84 -3.00
CA GLU A 371 9.77 -31.31 -3.58
C GLU A 371 9.92 -32.81 -3.42
N PHE A 372 9.55 -33.34 -2.24
CA PHE A 372 9.63 -34.78 -2.02
C PHE A 372 8.66 -35.52 -2.95
N TYR A 373 7.48 -34.96 -3.18
CA TYR A 373 6.53 -35.59 -4.10
C TYR A 373 7.07 -35.61 -5.52
N LYS A 374 7.71 -34.51 -5.95
CA LYS A 374 8.24 -34.44 -7.30
C LYS A 374 9.37 -35.44 -7.52
N PHE A 375 10.24 -35.60 -6.53
CA PHE A 375 11.44 -36.41 -6.71
C PHE A 375 11.13 -37.90 -6.76
N ILE A 376 10.07 -38.35 -6.08
CA ILE A 376 9.80 -39.77 -5.95
C ILE A 376 8.83 -40.30 -7.00
N LYS A 377 8.09 -39.43 -7.70
CA LYS A 377 7.11 -39.90 -8.66
C LYS A 377 7.73 -40.67 -9.82
N PRO A 378 8.75 -40.17 -10.52
CA PRO A 378 9.30 -40.95 -11.65
C PRO A 378 9.84 -42.30 -11.25
N ILE A 379 10.36 -42.45 -10.04
CA ILE A 379 10.89 -43.75 -9.60
C ILE A 379 9.75 -44.75 -9.42
N LEU A 380 8.61 -44.29 -8.91
CA LEU A 380 7.50 -45.19 -8.61
C LEU A 380 6.93 -45.85 -9.87
N GLU A 381 6.95 -45.14 -11.00
CA GLU A 381 6.38 -45.68 -12.23
C GLU A 381 7.31 -46.64 -12.94
N LYS A 382 8.62 -46.56 -12.71
CA LYS A 382 9.55 -47.48 -13.36
C LYS A 382 9.46 -48.87 -12.74
N MET A 383 9.28 -48.94 -11.42
CA MET A 383 9.07 -50.21 -10.73
C MET A 383 7.60 -50.56 -10.73
N ASP A 384 7.32 -51.86 -10.68
CA ASP A 384 5.93 -52.33 -10.67
C ASP A 384 5.83 -53.75 -10.09
N THR A 386 1.02 -52.03 -5.68
CA THR A 386 2.14 -51.23 -6.18
C THR A 386 1.64 -49.98 -6.89
N GLU A 387 0.31 -49.85 -7.00
CA GLU A 387 -0.31 -48.75 -7.70
C GLU A 387 -1.28 -47.94 -6.86
N GLU A 388 -1.67 -48.42 -5.67
CA GLU A 388 -2.49 -47.60 -4.79
C GLU A 388 -1.73 -46.39 -4.27
N LEU A 389 -0.41 -46.48 -4.19
CA LEU A 389 0.38 -45.37 -3.70
C LEU A 389 0.32 -44.18 -4.65
N LEU A 390 0.24 -44.42 -5.95
CA LEU A 390 0.06 -43.32 -6.90
C LEU A 390 -1.28 -42.62 -6.68
N VAL A 391 -2.34 -43.40 -6.45
CA VAL A 391 -3.66 -42.82 -6.17
C VAL A 391 -3.61 -41.99 -4.90
N LYS A 392 -2.90 -42.47 -3.88
CA LYS A 392 -2.72 -41.67 -2.67
C LYS A 392 -1.96 -40.39 -2.96
N LEU A 393 -0.93 -40.47 -3.80
CA LEU A 393 -0.13 -39.28 -4.10
C LEU A 393 -0.96 -38.22 -4.80
N ASN A 394 -1.80 -38.61 -5.77
CA ASN A 394 -2.56 -37.63 -6.53
C ASN A 394 -3.59 -36.90 -5.67
N ARG A 395 -3.95 -37.46 -4.51
CA ARG A 395 -4.83 -36.80 -3.56
C ARG A 395 -4.08 -36.07 -2.45
N GLU A 396 -2.75 -36.09 -2.48
CA GLU A 396 -1.90 -35.50 -1.45
C GLU A 396 -2.19 -36.13 -0.08
N ASP A 397 -2.23 -37.47 -0.06
CA ASP A 397 -2.45 -38.23 1.17
C ASP A 397 -1.39 -39.30 1.35
N LEU A 398 -0.16 -39.03 0.90
CA LEU A 398 0.97 -39.94 1.07
C LEU A 398 1.51 -39.81 2.48
N LEU A 399 2.75 -40.27 2.69
CA LEU A 399 3.44 -40.11 3.97
C LEU A 399 3.29 -38.68 4.48
N ARG A 400 2.60 -38.50 5.60
CA ARG A 400 2.28 -37.17 6.11
C ARG A 400 2.65 -37.07 7.58
N LYS A 401 2.82 -35.83 8.04
CA LYS A 401 3.15 -35.51 9.41
C LYS A 401 1.94 -34.92 10.12
N GLN A 402 2.15 -34.45 11.35
CA GLN A 402 1.06 -33.95 12.19
C GLN A 402 1.01 -32.43 12.27
N ARG A 403 2.15 -31.76 12.36
CA ARG A 403 2.20 -30.29 12.44
C ARG A 403 2.54 -29.76 11.05
N THR A 404 1.53 -29.31 10.31
CA THR A 404 1.72 -28.88 8.93
C THR A 404 1.15 -27.49 8.70
N PHE A 405 1.15 -27.05 7.45
CA PHE A 405 0.73 -25.70 7.08
C PHE A 405 -0.74 -25.60 6.73
N ASP A 406 -1.49 -26.70 6.77
CA ASP A 406 -2.92 -26.68 6.48
C ASP A 406 -3.77 -26.74 7.74
N ASN A 407 -3.17 -26.59 8.92
CA ASN A 407 -3.89 -26.62 10.19
C ASN A 407 -4.52 -25.29 10.55
N GLY A 408 -4.55 -24.33 9.63
CA GLY A 408 -5.05 -23.01 9.94
C GLY A 408 -6.56 -22.86 9.93
N SER A 409 -7.29 -23.96 9.84
CA SER A 409 -8.75 -23.92 9.76
C SER A 409 -9.41 -24.67 10.91
N ILE A 410 -8.75 -24.74 12.06
CA ILE A 410 -9.27 -25.43 13.23
C ILE A 410 -9.79 -24.38 14.22
N PRO A 411 -11.08 -24.35 14.52
CA PRO A 411 -11.60 -23.39 15.49
C PRO A 411 -11.20 -23.78 16.92
N HIS A 412 -11.36 -22.82 17.83
CA HIS A 412 -10.99 -23.05 19.22
C HIS A 412 -12.07 -23.77 20.03
N GLN A 413 -13.26 -23.93 19.47
CA GLN A 413 -14.33 -24.63 20.19
C GLN A 413 -14.01 -26.10 20.39
N ILE A 414 -13.29 -26.72 19.45
CA ILE A 414 -12.89 -28.12 19.61
C ILE A 414 -11.95 -28.29 20.79
N HIS A 415 -10.93 -27.42 20.88
CA HIS A 415 -10.02 -27.46 22.01
C HIS A 415 -10.76 -27.20 23.31
N LEU A 416 -11.70 -26.24 23.30
CA LEU A 416 -12.47 -25.98 24.50
C LEU A 416 -13.28 -27.20 24.92
N GLY A 417 -13.88 -27.90 23.96
CA GLY A 417 -14.63 -29.10 24.29
C GLY A 417 -13.77 -30.19 24.89
N GLU A 418 -12.58 -30.42 24.33
CA GLU A 418 -11.70 -31.43 24.89
C GLU A 418 -11.23 -31.06 26.31
N LEU A 419 -10.92 -29.79 26.54
CA LEU A 419 -10.55 -29.36 27.88
C LEU A 419 -11.70 -29.58 28.86
N HIS A 420 -12.92 -29.22 28.46
CA HIS A 420 -14.08 -29.41 29.32
C HIS A 420 -14.30 -30.88 29.61
N ALA A 421 -14.04 -31.75 28.64
CA ALA A 421 -14.16 -33.18 28.87
C ALA A 421 -13.13 -33.68 29.87
N ILE A 422 -11.88 -33.24 29.74
CA ILE A 422 -10.84 -33.72 30.65
C ILE A 422 -11.10 -33.26 32.08
N LEU A 423 -11.46 -31.99 32.26
CA LEU A 423 -11.56 -31.45 33.61
C LEU A 423 -12.68 -32.08 34.44
N ARG A 424 -13.71 -32.64 33.80
CA ARG A 424 -14.86 -33.17 34.50
C ARG A 424 -14.67 -34.62 34.94
N ARG A 425 -13.61 -35.28 34.50
CA ARG A 425 -13.40 -36.69 34.85
C ARG A 425 -12.55 -36.88 36.10
N GLN A 426 -11.62 -35.96 36.36
CA GLN A 426 -10.66 -36.12 37.46
C GLN A 426 -11.00 -35.25 38.65
N GLU A 427 -12.17 -34.61 38.69
CA GLU A 427 -12.48 -33.64 39.72
C GLU A 427 -12.89 -34.28 41.04
N ASP A 428 -13.09 -35.59 41.09
CA ASP A 428 -13.39 -36.23 42.37
C ASP A 428 -12.15 -36.73 43.08
N PHE A 429 -11.10 -37.10 42.35
CA PHE A 429 -9.85 -37.50 42.99
C PHE A 429 -9.06 -36.29 43.49
N TYR A 430 -9.11 -35.18 42.75
CA TYR A 430 -8.39 -33.96 43.10
C TYR A 430 -9.38 -32.86 43.39
N PRO A 431 -9.70 -32.60 44.67
CA PRO A 431 -10.73 -31.59 44.97
C PRO A 431 -10.36 -30.17 44.56
N PHE A 432 -9.08 -29.85 44.40
CA PHE A 432 -8.70 -28.49 44.03
C PHE A 432 -8.98 -28.20 42.57
N LEU A 433 -9.26 -29.21 41.75
CA LEU A 433 -9.71 -29.00 40.39
C LEU A 433 -11.20 -28.71 40.29
N LYS A 434 -11.94 -28.90 41.39
CA LYS A 434 -13.39 -28.72 41.37
C LYS A 434 -13.76 -27.24 41.34
N ASP A 435 -13.01 -26.41 42.06
CA ASP A 435 -13.36 -25.00 42.27
C ASP A 435 -12.51 -24.05 41.43
N ASN A 436 -11.94 -24.54 40.32
CA ASN A 436 -11.12 -23.67 39.49
C ASN A 436 -11.40 -23.83 37.99
N ARG A 437 -12.47 -24.54 37.62
CA ARG A 437 -12.71 -24.83 36.21
C ARG A 437 -12.93 -23.55 35.40
N GLU A 438 -13.78 -22.66 35.92
CA GLU A 438 -14.10 -21.44 35.19
C GLU A 438 -12.88 -20.55 35.05
N LYS A 439 -12.06 -20.49 36.10
CA LYS A 439 -10.82 -19.72 36.04
C LYS A 439 -9.89 -20.27 34.97
N ILE A 440 -9.87 -21.60 34.79
CA ILE A 440 -9.01 -22.19 33.78
C ILE A 440 -9.54 -21.88 32.38
N GLU A 441 -10.85 -22.01 32.17
CA GLU A 441 -11.40 -21.77 30.85
C GLU A 441 -11.31 -20.30 30.44
N LYS A 442 -11.37 -19.39 31.42
CA LYS A 442 -11.26 -17.97 31.11
C LYS A 442 -9.91 -17.62 30.52
N ILE A 443 -8.86 -18.35 30.89
CA ILE A 443 -7.54 -18.10 30.31
C ILE A 443 -7.55 -18.40 28.81
N LEU A 444 -8.24 -19.48 28.43
CA LEU A 444 -8.29 -19.88 27.02
C LEU A 444 -9.21 -19.00 26.20
N THR A 445 -10.32 -18.52 26.78
CA THR A 445 -11.34 -17.84 25.96
C THR A 445 -11.14 -16.33 25.87
N PHE A 446 -10.34 -15.72 26.74
CA PHE A 446 -10.26 -14.26 26.82
C PHE A 446 -9.56 -13.67 25.59
N ARG A 447 -9.90 -12.40 25.30
CA ARG A 447 -9.36 -11.67 24.16
C ARG A 447 -9.64 -10.17 24.27
N ILE A 448 -8.64 -9.34 24.03
CA ILE A 448 -8.79 -7.89 24.15
C ILE A 448 -9.52 -7.36 22.91
N PRO A 449 -10.54 -6.53 23.07
CA PRO A 449 -11.20 -5.93 21.91
C PRO A 449 -10.31 -4.88 21.24
N TYR A 450 -10.67 -4.56 19.99
CA TYR A 450 -9.84 -3.68 19.17
C TYR A 450 -10.07 -2.20 19.44
N TYR A 451 -11.07 -1.82 20.24
CA TYR A 451 -11.31 -0.43 20.55
C TYR A 451 -10.89 -0.06 21.97
N VAL A 452 -9.98 -0.83 22.56
CA VAL A 452 -9.38 -0.51 23.85
C VAL A 452 -7.90 -0.21 23.71
N GLY A 453 -7.16 -1.08 23.03
CA GLY A 453 -5.76 -0.85 22.75
C GLY A 453 -4.85 -1.29 23.89
N PRO A 454 -3.60 -0.83 23.86
CA PRO A 454 -2.66 -1.21 24.91
C PRO A 454 -3.10 -0.71 26.28
N LEU A 455 -2.79 -1.50 27.31
CA LEU A 455 -3.15 -1.17 28.68
C LEU A 455 -1.97 -0.48 29.34
N ALA A 456 -1.84 0.81 29.08
CA ALA A 456 -0.69 1.61 29.48
C ALA A 456 -1.05 2.51 30.67
N ARG A 457 -0.06 3.26 31.13
CA ARG A 457 -0.21 4.15 32.27
C ARG A 457 0.23 5.57 32.00
N GLY A 458 0.65 5.90 30.79
CA GLY A 458 1.04 7.25 30.47
C GLY A 458 2.45 7.41 29.93
N ASN A 459 2.98 6.37 29.30
CA ASN A 459 4.31 6.43 28.70
C ASN A 459 4.34 5.89 27.29
N SER A 460 3.21 5.92 26.59
CA SER A 460 3.14 5.48 25.20
C SER A 460 2.42 6.53 24.37
N ARG A 461 2.82 6.65 23.10
CA ARG A 461 2.21 7.56 22.17
C ARG A 461 1.22 6.86 21.24
N PHE A 462 0.79 5.65 21.60
CA PHE A 462 -0.22 4.92 20.85
C PHE A 462 -1.47 4.58 21.66
N ALA A 463 -1.49 4.86 22.95
CA ALA A 463 -2.55 4.39 23.84
C ALA A 463 -3.52 5.50 24.21
N TRP A 464 -4.78 5.12 24.46
CA TRP A 464 -5.83 6.07 24.78
C TRP A 464 -6.79 5.56 25.86
N MET A 465 -6.42 4.51 26.60
CA MET A 465 -7.34 3.87 27.52
C MET A 465 -7.55 4.71 28.78
N THR A 466 -8.77 4.63 29.33
CA THR A 466 -9.14 5.35 30.54
C THR A 466 -9.52 4.34 31.62
N ARG A 467 -9.00 4.53 32.82
CA ARG A 467 -9.15 3.58 33.91
C ARG A 467 -10.33 3.93 34.80
N LYS A 468 -10.61 3.05 35.77
CA LYS A 468 -11.63 3.27 36.77
C LYS A 468 -11.15 2.98 38.19
N SER A 469 -10.12 2.18 38.39
CA SER A 469 -9.53 1.90 39.68
C SER A 469 -8.01 1.84 39.52
N GLU A 470 -7.32 1.30 40.52
CA GLU A 470 -5.86 1.33 40.52
C GLU A 470 -5.25 -0.06 40.74
N GLU A 471 -5.94 -1.11 40.31
CA GLU A 471 -5.43 -2.46 40.45
C GLU A 471 -4.86 -2.96 39.13
N THR A 472 -4.36 -4.19 39.13
CA THR A 472 -3.86 -4.88 37.95
C THR A 472 -5.06 -5.39 37.14
N ILE A 473 -4.81 -5.70 35.86
CA ILE A 473 -5.86 -5.91 34.89
C ILE A 473 -5.82 -7.39 34.48
N THR A 474 -5.55 -8.26 35.44
CA THR A 474 -5.70 -9.71 35.25
C THR A 474 -7.04 -10.02 34.59
N PRO A 475 -7.13 -11.10 33.80
CA PRO A 475 -8.35 -11.32 32.99
C PRO A 475 -9.57 -11.75 33.78
N TRP A 476 -9.51 -11.68 35.11
CA TRP A 476 -10.64 -12.02 35.96
C TRP A 476 -11.34 -10.79 36.54
N ASN A 477 -10.81 -9.58 36.31
CA ASN A 477 -11.44 -8.35 36.76
C ASN A 477 -11.40 -7.30 35.67
N PHE A 478 -11.56 -7.72 34.41
CA PHE A 478 -11.43 -6.78 33.30
C PHE A 478 -12.63 -5.85 33.18
N GLU A 479 -13.79 -6.28 33.66
CA GLU A 479 -15.01 -5.50 33.51
C GLU A 479 -15.28 -4.55 34.67
N GLU A 480 -14.43 -4.57 35.71
CA GLU A 480 -14.61 -3.69 36.85
C GLU A 480 -13.49 -2.67 37.00
N VAL A 481 -12.40 -2.81 36.25
CA VAL A 481 -11.30 -1.85 36.30
C VAL A 481 -11.24 -0.97 35.05
N VAL A 482 -11.78 -1.41 33.92
CA VAL A 482 -11.66 -0.70 32.66
C VAL A 482 -13.02 -0.10 32.30
N ASP A 483 -13.03 1.19 32.00
CA ASP A 483 -14.22 1.86 31.46
C ASP A 483 -14.28 1.64 29.95
N LYS A 484 -15.45 1.24 29.45
CA LYS A 484 -15.58 0.79 28.07
C LYS A 484 -16.12 1.86 27.13
N GLY A 485 -17.23 2.49 27.47
CA GLY A 485 -17.85 3.43 26.56
C GLY A 485 -16.97 4.64 26.26
N ALA A 486 -16.35 5.19 27.30
CA ALA A 486 -15.45 6.32 27.10
C ALA A 486 -14.28 5.94 26.20
N SER A 487 -13.81 4.69 26.29
CA SER A 487 -12.71 4.25 25.45
C SER A 487 -13.10 4.23 23.98
N ALA A 488 -14.30 3.73 23.66
CA ALA A 488 -14.76 3.76 22.28
C ALA A 488 -14.96 5.19 21.79
N GLN A 489 -15.51 6.05 22.64
CA GLN A 489 -15.68 7.45 22.27
C GLN A 489 -14.34 8.09 21.92
N SER A 490 -13.34 7.90 22.78
CA SER A 490 -12.01 8.45 22.50
C SER A 490 -11.37 7.79 21.28
N PHE A 491 -11.68 6.51 21.04
CA PHE A 491 -11.14 5.82 19.87
C PHE A 491 -11.61 6.47 18.58
N ILE A 492 -12.90 6.81 18.51
CA ILE A 492 -13.38 7.47 17.30
C ILE A 492 -12.93 8.93 17.25
N GLU A 493 -13.03 9.64 18.37
CA GLU A 493 -12.85 11.09 18.37
C GLU A 493 -11.41 11.54 18.18
N ARG A 494 -10.44 10.63 18.23
CA ARG A 494 -9.04 11.03 18.05
C ARG A 494 -8.65 11.21 16.60
N MET A 495 -9.46 10.73 15.65
CA MET A 495 -9.07 10.71 14.25
C MET A 495 -10.14 11.29 13.33
N THR A 496 -11.17 11.94 13.86
CA THR A 496 -12.13 12.65 13.05
C THR A 496 -11.64 14.06 12.75
N ASN A 497 -12.32 14.73 11.83
CA ASN A 497 -11.84 16.01 11.31
C ASN A 497 -12.38 17.18 12.15
N PHE A 498 -11.76 18.34 11.93
CA PHE A 498 -12.11 19.58 12.60
C PHE A 498 -12.89 20.48 11.64
N ASP A 499 -13.16 21.70 12.07
CA ASP A 499 -13.87 22.68 11.25
C ASP A 499 -12.87 23.66 10.63
N LYS A 500 -13.05 23.93 9.34
CA LYS A 500 -12.13 24.82 8.63
C LYS A 500 -12.28 26.27 9.09
N ASN A 501 -13.52 26.76 9.16
CA ASN A 501 -13.75 28.15 9.55
C ASN A 501 -13.33 28.41 10.98
N LEU A 502 -13.69 27.51 11.90
CA LEU A 502 -13.26 27.61 13.29
C LEU A 502 -12.37 26.42 13.63
N PRO A 503 -11.08 26.62 13.87
CA PRO A 503 -10.18 25.48 14.09
C PRO A 503 -10.30 24.86 15.48
N ASN A 504 -11.36 25.18 16.22
CA ASN A 504 -11.52 24.65 17.57
C ASN A 504 -12.90 24.04 17.80
N GLU A 505 -13.52 23.51 16.76
CA GLU A 505 -14.84 22.89 16.90
C GLU A 505 -14.90 21.62 16.09
N LYS A 506 -15.66 20.64 16.61
CA LYS A 506 -15.80 19.35 15.95
C LYS A 506 -16.92 19.40 14.91
N VAL A 507 -16.97 18.36 14.08
CA VAL A 507 -17.91 18.28 12.97
C VAL A 507 -19.15 17.50 13.42
N LEU A 508 -20.31 17.93 12.92
CA LEU A 508 -21.56 17.27 13.25
C LEU A 508 -21.67 15.93 12.54
N PRO A 509 -22.52 15.03 13.03
CA PRO A 509 -22.84 13.83 12.26
C PRO A 509 -23.60 14.19 11.00
N LYS A 510 -23.48 13.34 9.99
CA LYS A 510 -24.12 13.61 8.70
C LYS A 510 -25.64 13.50 8.77
N HIS A 511 -26.18 12.83 9.79
CA HIS A 511 -27.61 12.56 9.87
C HIS A 511 -28.29 13.37 10.97
N SER A 512 -27.73 14.51 11.35
CA SER A 512 -28.37 15.36 12.34
C SER A 512 -29.60 16.03 11.77
N LEU A 513 -30.58 16.31 12.64
CA LEU A 513 -31.77 17.02 12.22
C LEU A 513 -31.45 18.43 11.75
N LEU A 514 -30.54 19.10 12.47
CA LEU A 514 -30.14 20.46 12.10
C LEU A 514 -29.48 20.49 10.72
N TYR A 515 -28.68 19.47 10.40
CA TYR A 515 -28.06 19.39 9.08
C TYR A 515 -29.11 19.32 7.98
N GLU A 516 -30.14 18.49 8.17
CA GLU A 516 -31.19 18.35 7.17
C GLU A 516 -31.99 19.64 7.04
N TYR A 517 -32.30 20.29 8.17
CA TYR A 517 -32.95 21.60 8.12
C TYR A 517 -32.11 22.59 7.32
N PHE A 518 -30.80 22.60 7.54
CA PHE A 518 -29.92 23.53 6.85
C PHE A 518 -29.91 23.28 5.35
N THR A 519 -29.76 22.02 4.94
CA THR A 519 -29.70 21.78 3.50
C THR A 519 -31.03 22.04 2.82
N VAL A 520 -32.15 21.79 3.51
CA VAL A 520 -33.46 22.12 2.94
C VAL A 520 -33.62 23.63 2.79
N TYR A 521 -33.30 24.38 3.85
CA TYR A 521 -33.45 25.83 3.79
C TYR A 521 -32.41 26.50 2.90
N ASN A 522 -31.38 25.77 2.48
CA ASN A 522 -30.43 26.31 1.52
C ASN A 522 -30.82 26.00 0.08
N GLU A 523 -31.17 24.75 -0.21
CA GLU A 523 -31.50 24.39 -1.60
C GLU A 523 -32.77 25.06 -2.09
N LEU A 524 -33.57 25.64 -1.19
CA LEU A 524 -34.85 26.24 -1.55
C LEU A 524 -34.87 27.75 -1.30
N THR A 525 -33.69 28.37 -1.18
CA THR A 525 -33.60 29.82 -1.03
C THR A 525 -33.23 30.53 -2.32
N LYS A 526 -32.54 29.84 -3.24
CA LYS A 526 -32.18 30.41 -4.54
C LYS A 526 -33.06 29.89 -5.66
N VAL A 527 -34.15 29.19 -5.33
CA VAL A 527 -35.05 28.69 -6.36
C VAL A 527 -35.72 29.87 -7.05
N LYS A 528 -35.58 29.94 -8.37
CA LYS A 528 -36.02 31.09 -9.16
C LYS A 528 -37.11 30.63 -10.12
N TYR A 529 -38.35 31.05 -9.86
CA TYR A 529 -39.50 30.71 -10.67
C TYR A 529 -40.03 31.94 -11.38
N VAL A 530 -40.53 31.74 -12.60
CA VAL A 530 -41.12 32.81 -13.40
C VAL A 530 -42.52 32.39 -13.79
N THR A 531 -43.49 33.28 -13.57
CA THR A 531 -44.87 33.07 -13.95
C THR A 531 -45.25 33.99 -15.12
N GLU A 532 -46.48 33.82 -15.60
CA GLU A 532 -46.93 34.63 -16.72
C GLU A 532 -47.14 36.09 -16.32
N GLY A 533 -47.64 36.33 -15.10
CA GLY A 533 -47.91 37.69 -14.68
C GLY A 533 -46.66 38.53 -14.54
N MET A 534 -45.62 37.98 -13.92
CA MET A 534 -44.37 38.71 -13.69
C MET A 534 -43.32 38.20 -14.68
N ARG A 535 -42.92 39.07 -15.60
CA ARG A 535 -41.88 38.69 -16.56
C ARG A 535 -40.55 38.45 -15.86
N LYS A 536 -40.21 39.29 -14.88
CA LYS A 536 -38.98 39.10 -14.11
C LYS A 536 -39.23 38.13 -12.96
N PRO A 537 -38.46 37.06 -12.85
CA PRO A 537 -38.64 36.13 -11.73
C PRO A 537 -38.26 36.75 -10.41
N ALA A 538 -38.89 36.27 -9.34
CA ALA A 538 -38.70 36.82 -8.00
C ALA A 538 -38.42 35.68 -7.02
N PHE A 539 -38.26 36.05 -5.75
CA PHE A 539 -38.00 35.11 -4.68
C PHE A 539 -39.28 34.83 -3.90
N LEU A 540 -39.45 33.58 -3.47
CA LEU A 540 -40.61 33.20 -2.70
C LEU A 540 -40.53 33.78 -1.28
N SER A 541 -41.69 33.88 -0.63
CA SER A 541 -41.75 34.35 0.74
C SER A 541 -41.41 33.22 1.72
N GLY A 542 -41.08 33.62 2.95
CA GLY A 542 -40.70 32.64 3.96
C GLY A 542 -41.85 31.71 4.35
N GLU A 543 -43.04 32.27 4.54
CA GLU A 543 -44.19 31.45 4.91
C GLU A 543 -44.60 30.52 3.78
N GLN A 544 -44.45 30.96 2.53
CA GLN A 544 -44.70 30.07 1.41
C GLN A 544 -43.73 28.89 1.42
N LYS A 545 -42.46 29.15 1.71
CA LYS A 545 -41.48 28.08 1.82
C LYS A 545 -41.82 27.14 2.98
N LYS A 546 -42.29 27.70 4.09
CA LYS A 546 -42.71 26.88 5.23
C LYS A 546 -43.86 25.97 4.82
N ALA A 547 -44.85 26.51 4.10
CA ALA A 547 -45.95 25.70 3.62
C ALA A 547 -45.48 24.62 2.67
N ILE A 548 -44.52 24.94 1.79
CA ILE A 548 -43.97 23.94 0.88
C ILE A 548 -43.33 22.81 1.66
N VAL A 549 -42.57 23.15 2.70
CA VAL A 549 -41.98 22.11 3.55
C VAL A 549 -43.07 21.28 4.20
N ASP A 550 -44.15 21.93 4.64
CA ASP A 550 -45.23 21.21 5.30
C ASP A 550 -45.93 20.23 4.36
N LEU A 551 -46.20 20.63 3.13
CA LEU A 551 -47.00 19.81 2.23
C LEU A 551 -46.17 18.93 1.31
N LEU A 552 -44.88 19.22 1.14
CA LEU A 552 -44.04 18.44 0.24
C LEU A 552 -42.90 17.72 0.95
N PHE A 553 -42.17 18.41 1.81
CA PHE A 553 -40.99 17.83 2.43
C PHE A 553 -41.31 16.85 3.55
N LYS A 554 -42.55 16.85 4.06
CA LYS A 554 -42.94 15.99 5.16
C LYS A 554 -44.02 14.99 4.73
N THR A 555 -43.97 14.56 3.48
CA THR A 555 -45.00 13.67 2.94
C THR A 555 -44.44 12.42 2.29
N ASN A 556 -43.28 12.51 1.63
CA ASN A 556 -42.74 11.39 0.87
C ASN A 556 -41.25 11.24 1.17
N ARG A 557 -40.62 10.27 0.50
CA ARG A 557 -39.20 10.02 0.69
C ARG A 557 -38.36 10.99 -0.13
N LYS A 558 -38.51 10.95 -1.45
CA LYS A 558 -37.79 11.84 -2.36
C LYS A 558 -38.79 12.42 -3.36
N VAL A 559 -38.54 13.67 -3.75
CA VAL A 559 -39.44 14.42 -4.61
C VAL A 559 -38.78 14.60 -5.97
N THR A 560 -39.49 14.20 -7.03
CA THR A 560 -39.02 14.42 -8.37
C THR A 560 -39.18 15.89 -8.76
N VAL A 561 -38.54 16.27 -9.87
CA VAL A 561 -38.62 17.65 -10.32
C VAL A 561 -40.03 18.01 -10.75
N LYS A 562 -40.78 17.06 -11.31
CA LYS A 562 -42.13 17.33 -11.78
C LYS A 562 -43.17 17.29 -10.66
N GLN A 563 -42.88 16.57 -9.57
CA GLN A 563 -43.84 16.47 -8.48
C GLN A 563 -44.13 17.83 -7.85
N LEU A 564 -43.08 18.63 -7.64
CA LEU A 564 -43.27 19.97 -7.09
C LEU A 564 -44.14 20.81 -8.02
N LYS A 565 -43.81 20.83 -9.31
CA LYS A 565 -44.58 21.62 -10.26
C LYS A 565 -46.03 21.16 -10.33
N GLU A 566 -46.27 19.87 -10.17
CA GLU A 566 -47.62 19.32 -10.31
C GLU A 566 -48.41 19.31 -9.02
N ASP A 567 -47.80 19.62 -7.88
CA ASP A 567 -48.55 19.67 -6.63
C ASP A 567 -48.57 21.04 -5.98
N TYR A 568 -47.42 21.69 -5.84
CA TYR A 568 -47.36 22.95 -5.09
C TYR A 568 -48.18 24.03 -5.79
N PHE A 569 -47.96 24.23 -7.08
CA PHE A 569 -48.65 25.29 -7.81
C PHE A 569 -50.03 24.91 -8.27
N LYS A 570 -50.45 23.65 -8.08
CA LYS A 570 -51.72 23.19 -8.64
C LYS A 570 -52.90 23.46 -7.72
N LYS A 571 -52.75 23.27 -6.41
CA LYS A 571 -53.87 23.39 -5.48
C LYS A 571 -53.81 24.67 -4.66
N ILE A 572 -52.72 24.91 -3.93
CA ILE A 572 -52.65 26.07 -3.07
C ILE A 572 -52.27 27.34 -3.83
N GLU A 573 -51.70 27.21 -5.03
CA GLU A 573 -51.33 28.37 -5.82
C GLU A 573 -52.18 28.55 -7.07
N CYS A 574 -52.77 27.47 -7.59
CA CYS A 574 -53.64 27.52 -8.76
C CYS A 574 -52.92 28.12 -9.98
N PHE A 575 -51.63 27.81 -10.11
CA PHE A 575 -50.82 28.28 -11.22
C PHE A 575 -50.33 27.09 -12.04
N ASP A 576 -50.09 27.34 -13.33
CA ASP A 576 -49.74 26.28 -14.26
C ASP A 576 -48.33 26.37 -14.81
N SER A 577 -47.69 27.53 -14.75
CA SER A 577 -46.37 27.73 -15.33
C SER A 577 -45.35 28.00 -14.23
N VAL A 578 -44.28 27.22 -14.22
CA VAL A 578 -43.18 27.41 -13.28
C VAL A 578 -41.92 26.76 -13.84
N GLU A 579 -40.79 27.47 -13.76
CA GLU A 579 -39.50 26.94 -14.17
C GLU A 579 -38.53 27.09 -13.03
N ILE A 580 -37.76 26.05 -12.75
CA ILE A 580 -36.71 26.06 -11.74
C ILE A 580 -35.42 25.59 -12.39
N SER A 581 -34.35 26.36 -12.19
CA SER A 581 -33.03 25.94 -12.66
C SER A 581 -32.13 25.45 -11.54
N GLY A 582 -32.36 25.94 -10.31
CA GLY A 582 -31.43 25.69 -9.21
C GLY A 582 -31.19 24.23 -8.89
N VAL A 583 -32.05 23.34 -9.36
CA VAL A 583 -31.92 21.91 -9.11
C VAL A 583 -31.97 21.17 -10.44
N GLU A 584 -31.13 20.14 -10.58
CA GLU A 584 -31.04 19.36 -11.81
C GLU A 584 -31.87 18.09 -11.70
N ASP A 585 -33.16 18.23 -11.99
CA ASP A 585 -34.07 17.11 -12.28
C ASP A 585 -34.27 16.19 -11.07
N ARG A 586 -33.62 16.44 -9.94
CA ARG A 586 -33.71 15.54 -8.79
C ARG A 586 -33.32 16.30 -7.54
N PHE A 587 -34.23 16.35 -6.56
CA PHE A 587 -33.93 16.96 -5.27
C PHE A 587 -32.97 16.05 -4.51
N ASN A 588 -31.75 16.53 -4.28
CA ASN A 588 -30.76 15.79 -3.52
C ASN A 588 -30.91 15.97 -2.01
N ALA A 589 -31.82 16.83 -1.56
CA ALA A 589 -32.01 17.11 -0.15
C ALA A 589 -33.41 16.66 0.26
N SER A 590 -33.48 15.88 1.34
CA SER A 590 -34.75 15.38 1.85
C SER A 590 -34.63 15.12 3.34
N LEU A 591 -35.77 15.17 4.02
CA LEU A 591 -35.84 14.87 5.46
C LEU A 591 -36.21 13.40 5.62
N GLY A 592 -35.19 12.54 5.66
CA GLY A 592 -35.42 11.11 5.76
C GLY A 592 -35.42 10.59 7.18
N THR A 593 -34.48 11.07 7.99
CA THR A 593 -34.41 10.66 9.38
C THR A 593 -35.69 11.01 10.12
N TYR A 594 -36.33 12.13 9.76
CA TYR A 594 -37.60 12.50 10.36
C TYR A 594 -38.66 11.43 10.09
N HIS A 595 -38.74 10.96 8.84
CA HIS A 595 -39.71 9.91 8.51
C HIS A 595 -39.39 8.61 9.23
N ASP A 596 -38.11 8.24 9.29
CA ASP A 596 -37.74 7.01 9.97
C ASP A 596 -38.12 7.06 11.46
N LEU A 597 -37.79 8.18 12.12
CA LEU A 597 -38.15 8.32 13.52
C LEU A 597 -39.66 8.32 13.71
N LEU A 598 -40.39 9.04 12.86
CA LEU A 598 -41.85 9.07 12.97
C LEU A 598 -42.44 7.68 12.80
N LYS A 599 -41.82 6.84 11.97
CA LYS A 599 -42.25 5.45 11.89
C LYS A 599 -41.96 4.71 13.19
N ILE A 600 -40.79 4.92 13.79
CA ILE A 600 -40.38 4.10 14.92
C ILE A 600 -41.15 4.49 16.18
N ILE A 601 -41.12 5.77 16.56
CA ILE A 601 -41.70 6.19 17.83
C ILE A 601 -43.18 6.56 17.70
N LYS A 602 -43.66 6.78 16.47
CA LYS A 602 -45.09 6.90 16.16
C LYS A 602 -45.81 7.95 17.01
N ASP A 603 -45.22 9.14 17.11
CA ASP A 603 -45.93 10.30 17.61
C ASP A 603 -45.24 11.55 17.09
N LYS A 604 -46.03 12.55 16.70
CA LYS A 604 -45.49 13.75 16.06
C LYS A 604 -45.40 14.95 16.99
N ASP A 605 -46.14 14.95 18.10
CA ASP A 605 -46.09 16.08 19.03
C ASP A 605 -44.69 16.24 19.61
N PHE A 606 -44.05 15.13 19.96
CA PHE A 606 -42.70 15.20 20.52
C PHE A 606 -41.71 15.77 19.52
N LEU A 607 -41.81 15.36 18.25
CA LEU A 607 -40.82 15.78 17.26
C LEU A 607 -41.04 17.22 16.83
N ASP A 608 -42.30 17.62 16.66
CA ASP A 608 -42.59 18.96 16.15
C ASP A 608 -42.18 20.04 17.15
N ASN A 609 -42.49 19.85 18.43
CA ASN A 609 -42.15 20.84 19.44
C ASN A 609 -40.64 20.95 19.59
N GLU A 610 -40.15 22.18 19.67
CA GLU A 610 -38.72 22.47 19.62
C GLU A 610 -38.10 22.73 20.99
N GLU A 611 -38.86 22.53 22.07
CA GLU A 611 -38.33 22.83 23.39
C GLU A 611 -37.33 21.80 23.90
N ASN A 612 -37.26 20.62 23.27
CA ASN A 612 -36.41 19.54 23.76
C ASN A 612 -35.73 18.82 22.60
N GLU A 613 -35.16 19.59 21.66
CA GLU A 613 -34.42 19.00 20.55
C GLU A 613 -33.07 18.43 20.98
N ASP A 614 -32.55 18.84 22.15
CA ASP A 614 -31.25 18.38 22.61
C ASP A 614 -31.23 16.87 22.78
N ILE A 615 -32.33 16.31 23.28
CA ILE A 615 -32.40 14.86 23.46
C ILE A 615 -32.32 14.14 22.12
N LEU A 616 -32.99 14.69 21.10
CA LEU A 616 -32.92 14.10 19.76
C LEU A 616 -31.48 14.16 19.23
N GLU A 617 -30.81 15.28 19.41
CA GLU A 617 -29.41 15.36 18.99
C GLU A 617 -28.56 14.33 19.72
N ASP A 618 -28.80 14.14 21.01
CA ASP A 618 -28.02 13.18 21.79
C ASP A 618 -28.22 11.77 21.25
N ILE A 619 -29.48 11.35 21.04
CA ILE A 619 -29.71 9.98 20.62
C ILE A 619 -29.13 9.76 19.24
N VAL A 620 -29.27 10.73 18.34
CA VAL A 620 -28.72 10.58 16.99
C VAL A 620 -27.20 10.44 17.05
N LEU A 621 -26.54 11.25 17.88
CA LEU A 621 -25.09 11.12 18.03
C LEU A 621 -24.72 9.77 18.62
N THR A 622 -25.51 9.27 19.58
CA THR A 622 -25.21 7.98 20.19
C THR A 622 -25.27 6.85 19.17
N LEU A 623 -26.28 6.87 18.30
CA LEU A 623 -26.47 5.76 17.37
C LEU A 623 -25.38 5.68 16.30
N THR A 624 -24.67 6.77 16.03
CA THR A 624 -23.68 6.80 14.96
C THR A 624 -22.25 6.62 15.46
N LEU A 625 -22.08 6.27 16.73
CA LEU A 625 -20.77 6.26 17.38
C LEU A 625 -20.32 4.88 17.82
N PHE A 626 -21.22 4.07 18.36
CA PHE A 626 -20.87 2.79 18.97
C PHE A 626 -21.21 1.65 18.03
N GLU A 627 -20.28 0.69 17.92
CA GLU A 627 -20.42 -0.45 17.03
C GLU A 627 -20.92 -1.71 17.73
N ASP A 628 -21.27 -1.61 19.02
CA ASP A 628 -21.67 -2.76 19.80
C ASP A 628 -23.09 -2.55 20.34
N ARG A 629 -23.83 -3.66 20.41
CA ARG A 629 -25.23 -3.58 20.82
C ARG A 629 -25.38 -3.30 22.31
N GLU A 630 -24.58 -3.99 23.14
CA GLU A 630 -24.72 -3.86 24.58
C GLU A 630 -24.41 -2.44 25.03
N MET A 631 -23.39 -1.82 24.45
CA MET A 631 -23.01 -0.46 24.85
C MET A 631 -24.12 0.53 24.53
N ILE A 632 -24.72 0.44 23.34
CA ILE A 632 -25.83 1.32 22.99
C ILE A 632 -27.02 1.08 23.91
N GLU A 633 -27.33 -0.20 24.18
CA GLU A 633 -28.45 -0.52 25.05
C GLU A 633 -28.26 0.05 26.44
N GLU A 634 -27.02 -0.01 26.96
CA GLU A 634 -26.76 0.53 28.29
C GLU A 634 -26.72 2.06 28.30
N ARG A 635 -26.31 2.67 27.19
CA ARG A 635 -26.21 4.12 27.13
C ARG A 635 -27.57 4.80 26.92
N LEU A 636 -28.51 4.11 26.30
CA LEU A 636 -29.83 4.70 26.04
C LEU A 636 -30.73 4.71 27.29
N LYS A 637 -30.22 4.30 28.44
CA LYS A 637 -31.06 4.09 29.62
C LYS A 637 -31.49 5.38 30.31
N THR A 638 -30.80 6.49 30.06
CA THR A 638 -31.11 7.72 30.77
C THR A 638 -32.53 8.20 30.47
N TYR A 639 -32.95 8.07 29.21
CA TYR A 639 -34.29 8.49 28.79
C TYR A 639 -35.25 7.31 28.69
N ALA A 640 -35.13 6.33 29.59
CA ALA A 640 -35.96 5.15 29.50
C ALA A 640 -37.42 5.44 29.87
N HIS A 641 -37.66 6.47 30.68
CA HIS A 641 -39.01 6.76 31.13
C HIS A 641 -39.83 7.55 30.12
N LEU A 642 -39.17 8.32 29.24
CA LEU A 642 -39.90 9.06 28.23
C LEU A 642 -40.62 8.15 27.23
N PHE A 643 -40.17 6.91 27.10
CA PHE A 643 -40.73 6.00 26.10
C PHE A 643 -41.11 4.66 26.70
N ASP A 644 -41.47 3.70 25.84
CA ASP A 644 -41.90 2.37 26.24
C ASP A 644 -40.87 1.34 25.79
N ASP A 645 -40.91 0.17 26.43
CA ASP A 645 -39.97 -0.89 26.08
C ASP A 645 -40.14 -1.36 24.64
N LYS A 646 -41.36 -1.28 24.11
CA LYS A 646 -41.60 -1.72 22.74
C LYS A 646 -40.78 -0.92 21.74
N VAL A 647 -40.73 0.41 21.90
CA VAL A 647 -39.92 1.22 21.01
C VAL A 647 -38.44 1.14 21.37
N MET A 648 -38.11 0.82 22.62
CA MET A 648 -36.71 0.61 22.98
C MET A 648 -36.14 -0.61 22.29
N LYS A 649 -36.96 -1.64 22.07
CA LYS A 649 -36.48 -2.81 21.33
C LYS A 649 -36.11 -2.43 19.90
N GLN A 650 -36.92 -1.60 19.25
CA GLN A 650 -36.66 -1.25 17.85
C GLN A 650 -35.55 -0.23 17.71
N LEU A 651 -35.42 0.70 18.66
CA LEU A 651 -34.34 1.70 18.59
C LEU A 651 -32.97 1.04 18.70
N LYS A 652 -32.89 -0.17 19.23
CA LYS A 652 -31.63 -0.89 19.30
C LYS A 652 -31.07 -1.15 17.91
N ARG A 653 -31.93 -1.52 16.96
CA ARG A 653 -31.50 -1.97 15.64
C ARG A 653 -31.62 -0.80 14.66
N ARG A 654 -30.67 0.13 14.76
CA ARG A 654 -30.63 1.27 13.84
C ARG A 654 -29.23 1.86 13.90
N ARG A 655 -28.53 1.86 12.76
CA ARG A 655 -27.16 2.33 12.71
C ARG A 655 -26.95 3.22 11.50
N TYR A 656 -26.18 4.29 11.68
CA TYR A 656 -25.84 5.24 10.64
C TYR A 656 -24.34 5.26 10.41
N THR A 657 -23.91 5.99 9.38
CA THR A 657 -22.50 6.15 9.08
C THR A 657 -22.28 7.48 8.39
N GLY A 658 -21.12 8.08 8.67
CA GLY A 658 -20.73 9.31 8.00
C GLY A 658 -20.51 10.48 8.94
N TRP A 659 -19.64 11.41 8.55
CA TRP A 659 -19.36 12.60 9.33
C TRP A 659 -19.45 13.84 8.44
N GLY A 660 -20.03 14.90 8.97
CA GLY A 660 -20.34 16.09 8.22
C GLY A 660 -19.12 16.93 7.91
N ARG A 661 -19.37 18.22 7.67
CA ARG A 661 -18.31 19.11 7.26
C ARG A 661 -18.34 20.49 7.95
N LEU A 662 -19.33 20.76 8.79
CA LEU A 662 -19.36 22.03 9.52
C LEU A 662 -20.06 21.84 10.85
N SER A 663 -19.77 22.73 11.77
CA SER A 663 -20.17 22.58 13.17
C SER A 663 -21.50 23.27 13.43
N ARG A 664 -21.90 23.34 14.70
CA ARG A 664 -23.14 23.98 15.11
C ARG A 664 -22.94 25.38 15.65
N LYS A 665 -21.76 25.69 16.19
CA LYS A 665 -21.45 27.07 16.55
C LYS A 665 -21.43 27.99 15.34
N LEU A 666 -21.24 27.43 14.15
CA LEU A 666 -21.27 28.23 12.92
C LEU A 666 -22.68 28.41 12.36
N ILE A 667 -23.57 27.45 12.59
CA ILE A 667 -24.91 27.49 12.02
C ILE A 667 -25.92 28.10 13.00
N ASN A 668 -25.84 27.75 14.29
CA ASN A 668 -26.74 28.30 15.30
C ASN A 668 -25.98 28.76 16.53
N GLY A 669 -24.71 29.13 16.38
CA GLY A 669 -23.94 29.55 17.54
C GLY A 669 -23.38 30.97 17.46
N ILE A 670 -23.08 31.43 16.25
CA ILE A 670 -22.50 32.75 16.03
C ILE A 670 -23.59 33.68 15.52
N ARG A 671 -23.80 34.79 16.22
CA ARG A 671 -24.87 35.72 15.90
C ARG A 671 -24.27 37.04 15.41
N ASP A 672 -24.91 37.63 14.40
CA ASP A 672 -24.47 38.90 13.86
C ASP A 672 -24.65 40.01 14.89
N LYS A 673 -23.64 40.87 15.00
CA LYS A 673 -23.68 41.98 15.96
C LYS A 673 -24.49 43.17 15.44
N GLN A 674 -24.83 43.21 14.15
CA GLN A 674 -25.60 44.29 13.57
C GLN A 674 -27.04 43.88 13.27
N SER A 675 -27.22 42.81 12.49
CA SER A 675 -28.57 42.37 12.15
C SER A 675 -29.26 41.69 13.33
N GLY A 676 -28.52 40.87 14.08
CA GLY A 676 -29.08 40.16 15.20
C GLY A 676 -29.75 38.84 14.89
N LYS A 677 -29.47 38.26 13.71
CA LYS A 677 -30.03 36.97 13.33
C LYS A 677 -28.91 36.00 13.00
N THR A 678 -29.15 34.73 13.29
CA THR A 678 -28.20 33.68 12.96
C THR A 678 -28.45 33.21 11.52
N ILE A 679 -27.52 32.40 11.01
CA ILE A 679 -27.56 31.98 9.61
C ILE A 679 -28.86 31.25 9.29
N LEU A 680 -29.38 30.48 10.25
CA LEU A 680 -30.61 29.74 10.00
C LEU A 680 -31.79 30.69 9.77
N ASP A 681 -31.82 31.82 10.49
CA ASP A 681 -32.86 32.80 10.26
C ASP A 681 -32.78 33.36 8.84
N PHE A 682 -31.57 33.68 8.38
CA PHE A 682 -31.41 34.19 7.03
C PHE A 682 -31.84 33.17 5.99
N LEU A 683 -31.46 31.90 6.19
CA LEU A 683 -31.91 30.85 5.28
C LEU A 683 -33.43 30.65 5.35
N LYS A 684 -34.05 31.00 6.47
CA LYS A 684 -35.50 30.97 6.60
C LYS A 684 -36.15 32.26 6.13
N SER A 685 -35.58 33.42 6.50
CA SER A 685 -36.12 34.71 6.12
C SER A 685 -34.97 35.66 5.81
N ASP A 686 -34.89 36.11 4.56
CA ASP A 686 -33.85 37.04 4.14
C ASP A 686 -34.39 38.18 3.28
N GLY A 687 -35.71 38.28 3.12
CA GLY A 687 -36.28 39.34 2.32
C GLY A 687 -36.16 39.08 0.83
N PHE A 688 -36.29 40.16 0.05
CA PHE A 688 -36.20 40.05 -1.39
C PHE A 688 -34.82 39.62 -1.87
N ALA A 689 -33.78 39.82 -1.05
CA ALA A 689 -32.43 39.39 -1.41
C ALA A 689 -32.13 38.07 -0.71
N ASN A 690 -32.58 36.98 -1.34
CA ASN A 690 -32.42 35.64 -0.79
C ASN A 690 -31.06 35.11 -1.23
N ARG A 691 -30.09 35.15 -0.31
CA ARG A 691 -28.73 34.74 -0.59
C ARG A 691 -28.48 33.33 -0.07
N ASN A 692 -27.56 32.63 -0.72
CA ASN A 692 -27.13 31.33 -0.25
C ASN A 692 -26.04 31.48 0.81
N PHE A 693 -25.83 30.41 1.58
CA PHE A 693 -24.84 30.43 2.65
C PHE A 693 -23.50 30.94 2.14
N MET A 694 -23.14 30.57 0.90
CA MET A 694 -21.91 31.10 0.31
C MET A 694 -22.00 32.62 0.13
N GLN A 695 -23.19 33.13 -0.20
CA GLN A 695 -23.36 34.57 -0.32
C GLN A 695 -23.48 35.26 1.04
N LEU A 696 -24.11 34.63 2.03
CA LEU A 696 -24.11 35.21 3.37
C LEU A 696 -22.70 35.27 3.95
N ILE A 697 -21.83 34.34 3.58
CA ILE A 697 -20.44 34.41 4.05
C ILE A 697 -19.79 35.69 3.57
N HIS A 698 -20.07 36.09 2.33
CA HIS A 698 -19.42 37.26 1.72
C HIS A 698 -20.28 38.50 1.93
N ASP A 699 -20.13 39.09 3.12
CA ASP A 699 -20.77 40.36 3.46
C ASP A 699 -19.79 41.14 4.34
N ASP A 700 -19.00 42.01 3.70
CA ASP A 700 -18.01 42.79 4.43
C ASP A 700 -18.65 43.66 5.50
N SER A 701 -19.81 44.23 5.19
CA SER A 701 -20.51 45.05 6.17
C SER A 701 -20.85 44.26 7.43
N LEU A 702 -21.37 43.05 7.25
CA LEU A 702 -21.71 42.21 8.38
C LEU A 702 -20.44 41.79 9.14
N THR A 703 -20.64 41.38 10.40
CA THR A 703 -19.53 41.06 11.28
C THR A 703 -19.01 39.64 11.08
N PHE A 704 -19.58 38.87 10.15
CA PHE A 704 -19.06 37.54 9.86
C PHE A 704 -17.61 37.62 9.41
N LYS A 705 -17.30 38.62 8.57
CA LYS A 705 -15.93 38.80 8.09
C LYS A 705 -14.95 38.92 9.25
N GLU A 706 -15.26 39.79 10.22
CA GLU A 706 -14.32 40.05 11.30
C GLU A 706 -14.06 38.80 12.13
N ASP A 707 -15.11 38.09 12.53
CA ASP A 707 -14.95 36.91 13.35
C ASP A 707 -14.20 35.81 12.59
N ILE A 708 -14.57 35.57 11.33
CA ILE A 708 -13.91 34.52 10.57
C ILE A 708 -12.44 34.85 10.36
N GLN A 709 -12.12 36.10 10.03
CA GLN A 709 -10.73 36.48 9.81
C GLN A 709 -9.92 36.40 11.10
N LYS A 710 -10.50 36.83 12.22
CA LYS A 710 -9.79 36.73 13.49
C LYS A 710 -9.52 35.27 13.84
N ALA A 711 -10.50 34.40 13.64
CA ALA A 711 -10.30 32.98 13.91
C ALA A 711 -9.21 32.40 13.02
N GLN A 712 -9.23 32.74 11.73
CA GLN A 712 -8.21 32.20 10.82
C GLN A 712 -6.81 32.70 11.19
N VAL A 713 -6.69 33.98 11.56
CA VAL A 713 -5.40 34.50 11.97
C VAL A 713 -4.91 33.82 13.25
N SER A 714 -5.83 33.59 14.19
CA SER A 714 -5.49 32.90 15.43
C SER A 714 -4.99 31.48 15.15
N ASP A 718 2.59 26.57 12.18
CA ASP A 718 3.96 26.92 12.54
C ASP A 718 4.94 25.88 12.04
N SER A 719 6.17 26.32 11.78
CA SER A 719 7.28 25.47 11.33
C SER A 719 7.04 24.91 9.92
N LEU A 720 8.10 24.41 9.30
CA LEU A 720 8.07 23.94 7.92
C LEU A 720 7.94 22.43 7.81
N HIS A 721 8.71 21.70 8.63
CA HIS A 721 8.65 20.25 8.60
C HIS A 721 7.26 19.75 9.00
N GLU A 722 6.63 20.41 9.97
CA GLU A 722 5.27 20.05 10.36
C GLU A 722 4.32 20.14 9.18
N HIS A 723 4.40 21.22 8.41
CA HIS A 723 3.53 21.40 7.25
C HIS A 723 3.79 20.34 6.19
N ILE A 724 5.05 20.11 5.86
CA ILE A 724 5.37 19.14 4.81
C ILE A 724 4.92 17.74 5.23
N ALA A 725 5.08 17.40 6.51
CA ALA A 725 4.59 16.11 7.00
C ALA A 725 3.07 16.03 6.95
N ASN A 726 2.39 17.12 7.32
CA ASN A 726 0.92 17.14 7.31
C ASN A 726 0.37 17.00 5.90
N LEU A 727 1.16 17.36 4.88
CA LEU A 727 0.70 17.16 3.50
C LEU A 727 0.38 15.68 3.24
N ALA A 728 -0.28 15.44 2.10
CA ALA A 728 -0.74 14.11 1.72
C ALA A 728 0.01 13.62 0.48
N GLY A 729 0.60 12.44 0.57
CA GLY A 729 1.31 11.85 -0.53
C GLY A 729 2.39 10.90 -0.05
N SER A 730 3.27 10.52 -0.98
CA SER A 730 4.40 9.66 -0.67
C SER A 730 5.58 10.46 -0.13
N PRO A 731 6.34 9.88 0.79
CA PRO A 731 7.46 10.64 1.40
C PRO A 731 8.58 11.03 0.43
N ALA A 732 8.70 10.38 -0.73
CA ALA A 732 9.74 10.75 -1.68
C ALA A 732 9.56 12.17 -2.17
N ILE A 733 8.32 12.54 -2.51
CA ILE A 733 8.04 13.89 -2.97
C ILE A 733 8.30 14.90 -1.86
N LYS A 734 8.01 14.52 -0.61
CA LYS A 734 8.26 15.42 0.50
C LYS A 734 9.75 15.68 0.69
N LYS A 735 10.57 14.63 0.55
CA LYS A 735 12.02 14.80 0.62
C LYS A 735 12.49 15.75 -0.47
N GLY A 736 11.99 15.56 -1.68
CA GLY A 736 12.34 16.46 -2.77
C GLY A 736 11.98 17.90 -2.48
N ILE A 737 10.77 18.12 -1.93
CA ILE A 737 10.31 19.49 -1.67
C ILE A 737 11.18 20.17 -0.62
N LEU A 738 11.53 19.44 0.45
CA LEU A 738 12.38 20.02 1.49
C LEU A 738 13.74 20.42 0.92
N GLN A 739 14.34 19.53 0.12
CA GLN A 739 15.64 19.86 -0.48
C GLN A 739 15.53 21.08 -1.41
N THR A 740 14.43 21.17 -2.16
CA THR A 740 14.26 22.30 -3.07
C THR A 740 14.19 23.62 -2.30
N VAL A 741 13.45 23.63 -1.19
CA VAL A 741 13.37 24.84 -0.37
C VAL A 741 14.76 25.26 0.10
N LYS A 742 15.53 24.29 0.62
CA LYS A 742 16.85 24.64 1.15
C LYS A 742 17.76 25.18 0.05
N VAL A 743 17.71 24.58 -1.14
CA VAL A 743 18.52 25.06 -2.26
C VAL A 743 18.16 26.49 -2.62
N VAL A 744 16.86 26.81 -2.61
CA VAL A 744 16.44 28.17 -2.99
C VAL A 744 16.98 29.19 -1.99
N ASP A 745 16.89 28.88 -0.70
CA ASP A 745 17.46 29.82 0.28
C ASP A 745 18.97 30.01 0.10
N GLU A 746 19.70 28.92 -0.14
CA GLU A 746 21.15 29.07 -0.35
C GLU A 746 21.45 29.92 -1.58
N LEU A 747 20.71 29.71 -2.67
CA LEU A 747 20.95 30.47 -3.89
C LEU A 747 20.65 31.94 -3.69
N VAL A 748 19.59 32.27 -2.95
CA VAL A 748 19.28 33.67 -2.68
C VAL A 748 20.40 34.30 -1.83
N LYS A 749 20.95 33.54 -0.88
CA LYS A 749 22.02 34.10 -0.05
C LYS A 749 23.28 34.36 -0.87
N VAL A 750 23.60 33.47 -1.81
CA VAL A 750 24.89 33.57 -2.51
C VAL A 750 25.01 34.89 -3.28
N MET A 751 23.91 35.37 -3.87
CA MET A 751 23.96 36.43 -4.87
C MET A 751 23.68 37.82 -4.30
N GLY A 752 24.11 38.10 -3.07
CA GLY A 752 24.06 39.45 -2.55
C GLY A 752 22.83 39.82 -1.77
N ARG A 753 22.07 38.83 -1.28
CA ARG A 753 20.83 39.07 -0.53
C ARG A 753 19.83 39.91 -1.33
N HIS A 754 19.64 39.52 -2.59
CA HIS A 754 18.68 40.15 -3.48
C HIS A 754 17.67 39.11 -3.96
N LYS A 755 16.47 39.57 -4.23
CA LYS A 755 15.45 38.63 -4.65
C LYS A 755 15.38 38.54 -6.17
N PRO A 756 14.93 37.40 -6.71
CA PRO A 756 14.82 37.29 -8.16
C PRO A 756 13.52 37.82 -8.71
N GLU A 757 13.33 37.73 -10.03
CA GLU A 757 12.10 38.18 -10.68
C GLU A 757 11.15 37.02 -11.00
N ASN A 758 11.68 35.87 -11.39
CA ASN A 758 10.85 34.73 -11.78
C ASN A 758 11.43 33.43 -11.23
N ILE A 759 10.54 32.57 -10.75
CA ILE A 759 10.87 31.19 -10.38
C ILE A 759 9.99 30.26 -11.19
N VAL A 760 10.62 29.33 -11.92
CA VAL A 760 9.91 28.36 -12.75
C VAL A 760 10.17 26.97 -12.20
N ILE A 761 9.10 26.19 -12.04
CA ILE A 761 9.22 24.83 -11.53
C ILE A 761 8.49 23.86 -12.45
N GLU A 762 8.93 22.60 -12.40
CA GLU A 762 8.31 21.51 -13.15
C GLU A 762 8.52 20.22 -12.36
N MET A 763 7.52 19.34 -12.41
CA MET A 763 7.57 18.06 -11.72
C MET A 763 7.47 16.93 -12.73
N ALA A 764 8.33 15.93 -12.56
CA ALA A 764 8.44 14.84 -13.52
C ALA A 764 7.33 13.83 -13.29
N ARG A 765 7.45 12.67 -13.92
CA ARG A 765 6.47 11.59 -13.83
C ARG A 765 6.19 11.17 -12.39
N ASN A 776 5.79 -5.56 -7.97
CA ASN A 776 4.68 -5.59 -8.91
C ASN A 776 4.33 -7.03 -9.28
N SER A 777 5.32 -7.91 -9.20
CA SER A 777 5.11 -9.30 -9.59
C SER A 777 4.08 -9.98 -8.70
N ARG A 778 4.12 -9.70 -7.39
CA ARG A 778 3.19 -10.35 -6.47
C ARG A 778 1.76 -9.97 -6.77
N GLU A 779 1.49 -8.67 -6.98
CA GLU A 779 0.14 -8.24 -7.27
C GLU A 779 -0.30 -8.71 -8.66
N ARG A 780 0.62 -8.74 -9.63
CA ARG A 780 0.26 -9.27 -10.94
C ARG A 780 -0.14 -10.73 -10.84
N MET A 781 0.61 -11.52 -10.08
CA MET A 781 0.27 -12.93 -9.94
C MET A 781 -1.04 -13.12 -9.20
N LYS A 782 -1.28 -12.34 -8.14
CA LYS A 782 -2.54 -12.48 -7.43
C LYS A 782 -3.72 -12.10 -8.31
N ARG A 783 -3.57 -11.05 -9.13
CA ARG A 783 -4.63 -10.67 -10.06
C ARG A 783 -4.88 -11.75 -11.10
N ILE A 784 -3.81 -12.33 -11.65
CA ILE A 784 -3.98 -13.41 -12.63
C ILE A 784 -4.68 -14.60 -12.00
N GLU A 785 -4.28 -14.97 -10.78
CA GLU A 785 -4.91 -16.09 -10.10
C GLU A 785 -6.39 -15.81 -9.83
N GLU A 786 -6.71 -14.59 -9.40
CA GLU A 786 -8.10 -14.25 -9.14
C GLU A 786 -8.93 -14.28 -10.43
N GLY A 787 -8.37 -13.77 -11.52
CA GLY A 787 -9.09 -13.81 -12.79
C GLY A 787 -9.30 -15.22 -13.28
N ILE A 788 -8.33 -16.11 -13.05
CA ILE A 788 -8.50 -17.52 -13.41
C ILE A 788 -9.58 -18.15 -12.54
N LYS A 789 -9.53 -17.91 -11.23
CA LYS A 789 -10.46 -18.56 -10.31
C LYS A 789 -11.90 -18.10 -10.55
N GLU A 790 -12.09 -16.80 -10.84
CA GLU A 790 -13.45 -16.29 -11.03
C GLU A 790 -14.14 -16.95 -12.22
N LEU A 791 -13.41 -17.15 -13.31
CA LEU A 791 -13.97 -17.80 -14.49
C LEU A 791 -13.88 -19.32 -14.44
N GLY A 792 -13.14 -19.89 -13.49
CA GLY A 792 -13.06 -21.33 -13.39
C GLY A 792 -12.33 -21.97 -14.55
N SER A 793 -11.24 -21.35 -15.02
CA SER A 793 -10.46 -21.87 -16.13
C SER A 793 -9.35 -22.78 -15.60
N GLN A 794 -8.46 -23.20 -16.50
CA GLN A 794 -7.36 -24.08 -16.12
C GLN A 794 -6.05 -23.64 -16.77
N ILE A 795 -5.86 -22.34 -16.95
CA ILE A 795 -4.65 -21.83 -17.59
C ILE A 795 -3.59 -21.41 -16.60
N LEU A 796 -3.97 -21.07 -15.36
CA LEU A 796 -2.99 -20.65 -14.37
C LEU A 796 -2.03 -21.79 -14.02
N LYS A 797 -2.55 -23.01 -13.89
CA LYS A 797 -1.74 -24.16 -13.54
C LYS A 797 -1.05 -24.79 -14.73
N GLU A 798 -1.24 -24.26 -15.93
CA GLU A 798 -0.63 -24.85 -17.12
C GLU A 798 0.89 -24.73 -17.06
N HIS A 799 1.41 -23.55 -16.77
CA HIS A 799 2.85 -23.32 -16.71
C HIS A 799 3.21 -22.44 -15.52
N PRO A 800 4.36 -22.68 -14.90
CA PRO A 800 4.86 -21.81 -13.80
C PRO A 800 5.61 -20.59 -14.33
N VAL A 801 4.84 -19.55 -14.65
CA VAL A 801 5.41 -18.36 -15.27
C VAL A 801 6.35 -17.66 -14.30
N GLU A 802 7.55 -17.33 -14.78
CA GLU A 802 8.54 -16.62 -13.98
C GLU A 802 8.11 -15.17 -13.77
N ASN A 803 8.64 -14.54 -12.72
CA ASN A 803 8.34 -13.14 -12.45
C ASN A 803 8.78 -12.23 -13.59
N THR A 804 9.86 -12.59 -14.28
CA THR A 804 10.28 -11.80 -15.45
C THR A 804 9.22 -11.85 -16.54
N GLN A 805 8.67 -13.03 -16.81
CA GLN A 805 7.58 -13.13 -17.78
C GLN A 805 6.32 -12.42 -17.29
N LEU A 806 6.08 -12.44 -15.97
CA LEU A 806 4.95 -11.71 -15.41
C LEU A 806 5.08 -10.22 -15.68
N GLN A 807 6.29 -9.67 -15.49
CA GLN A 807 6.53 -8.28 -15.83
C GLN A 807 6.45 -8.05 -17.33
N ASN A 808 6.80 -9.05 -18.13
CA ASN A 808 6.72 -8.94 -19.58
C ASN A 808 5.29 -8.68 -20.02
N GLU A 809 5.12 -7.63 -20.83
CA GLU A 809 3.79 -7.21 -21.26
C GLU A 809 3.11 -8.27 -22.12
N LYS A 810 3.87 -8.92 -23.00
CA LYS A 810 3.29 -9.94 -23.87
C LYS A 810 2.69 -11.09 -23.06
N LEU A 811 3.46 -11.63 -22.11
CA LEU A 811 2.94 -12.71 -21.29
C LEU A 811 1.83 -12.25 -20.36
N TYR A 812 1.91 -11.01 -19.86
CA TYR A 812 0.84 -10.49 -19.02
C TYR A 812 -0.47 -10.43 -19.79
N LEU A 813 -0.43 -9.93 -21.03
CA LEU A 813 -1.64 -9.84 -21.83
C LEU A 813 -2.13 -11.22 -22.23
N TYR A 814 -1.21 -12.16 -22.52
CA TYR A 814 -1.61 -13.53 -22.82
C TYR A 814 -2.34 -14.14 -21.63
N TYR A 815 -1.82 -13.95 -20.42
CA TYR A 815 -2.44 -14.54 -19.24
C TYR A 815 -3.79 -13.88 -18.94
N LEU A 816 -3.89 -12.56 -19.11
CA LEU A 816 -5.16 -11.90 -18.85
C LEU A 816 -6.20 -12.22 -19.92
N GLN A 817 -5.77 -12.59 -21.13
CA GLN A 817 -6.71 -13.07 -22.13
C GLN A 817 -6.93 -14.58 -22.07
N ASN A 818 -6.18 -15.28 -21.22
CA ASN A 818 -6.31 -16.73 -21.03
C ASN A 818 -5.93 -17.49 -22.29
N GLY A 819 -5.03 -16.92 -23.08
CA GLY A 819 -4.59 -17.56 -24.31
C GLY A 819 -5.69 -17.72 -25.33
N ARG A 820 -6.60 -16.76 -25.41
CA ARG A 820 -7.72 -16.79 -26.34
C ARG A 820 -7.77 -15.49 -27.12
N ASP A 821 -7.84 -15.59 -28.44
CA ASP A 821 -7.83 -14.40 -29.30
C ASP A 821 -9.16 -13.68 -29.19
N MET A 822 -9.10 -12.41 -28.78
CA MET A 822 -10.31 -11.68 -28.40
C MET A 822 -11.29 -11.55 -29.56
N TYR A 823 -10.78 -11.28 -30.77
CA TYR A 823 -11.65 -10.97 -31.89
C TYR A 823 -12.18 -12.20 -32.62
N VAL A 824 -11.64 -13.40 -32.35
CA VAL A 824 -11.98 -14.55 -33.20
C VAL A 824 -12.34 -15.79 -32.39
N ASP A 825 -12.12 -15.74 -31.07
CA ASP A 825 -12.50 -16.85 -30.18
C ASP A 825 -11.79 -18.15 -30.56
N GLN A 826 -10.47 -18.11 -30.54
CA GLN A 826 -9.66 -19.30 -30.71
C GLN A 826 -8.49 -19.23 -29.73
N GLU A 827 -7.94 -20.40 -29.40
CA GLU A 827 -6.87 -20.48 -28.42
C GLU A 827 -5.58 -19.89 -28.98
N LEU A 828 -5.03 -18.91 -28.28
CA LEU A 828 -3.75 -18.32 -28.68
C LEU A 828 -2.62 -19.30 -28.41
N ASP A 829 -1.64 -19.33 -29.30
CA ASP A 829 -0.47 -20.17 -29.13
C ASP A 829 0.49 -19.54 -28.13
N ILE A 830 1.10 -20.38 -27.29
CA ILE A 830 2.03 -19.88 -26.28
C ILE A 830 3.29 -19.32 -26.92
N ASN A 831 3.65 -19.80 -28.11
CA ASN A 831 4.89 -19.41 -28.78
C ASN A 831 4.66 -18.40 -29.90
N ARG A 832 3.44 -17.88 -30.04
CA ARG A 832 3.11 -16.93 -31.10
C ARG A 832 3.04 -15.49 -30.59
N LEU A 833 3.60 -15.22 -29.41
CA LEU A 833 3.61 -13.84 -28.91
C LEU A 833 4.43 -12.93 -29.80
N SER A 834 5.46 -13.47 -30.47
CA SER A 834 6.24 -12.66 -31.39
C SER A 834 5.39 -12.18 -32.57
N ASP A 835 4.56 -13.05 -33.11
CA ASP A 835 3.68 -12.67 -34.22
C ASP A 835 2.45 -11.90 -33.76
N TYR A 836 2.10 -11.99 -32.47
CA TYR A 836 0.95 -11.23 -31.97
C TYR A 836 1.28 -9.74 -31.93
N ASP A 837 0.21 -8.94 -31.88
CA ASP A 837 0.34 -7.48 -31.91
C ASP A 837 -0.51 -6.87 -30.80
N VAL A 838 -0.28 -5.59 -30.55
CA VAL A 838 -0.98 -4.83 -29.52
C VAL A 838 -1.85 -3.78 -30.21
N ASP A 839 -3.13 -3.76 -29.87
CA ASP A 839 -4.09 -2.85 -30.46
C ASP A 839 -4.70 -1.96 -29.39
N HIS A 840 -4.79 -0.67 -29.67
CA HIS A 840 -5.43 0.29 -28.78
C HIS A 840 -6.86 0.54 -29.25
N ILE A 841 -7.79 0.58 -28.27
CA ILE A 841 -9.21 0.72 -28.61
C ILE A 841 -9.48 2.08 -29.26
N VAL A 842 -8.97 3.15 -28.66
CA VAL A 842 -9.15 4.50 -29.17
C VAL A 842 -7.81 4.96 -29.74
N PRO A 843 -7.79 5.54 -30.95
CA PRO A 843 -6.52 5.98 -31.53
C PRO A 843 -5.82 7.03 -30.67
N GLN A 844 -4.48 6.95 -30.68
CA GLN A 844 -3.69 7.93 -29.94
C GLN A 844 -3.83 9.32 -30.55
N SER A 845 -3.88 9.41 -31.88
CA SER A 845 -4.13 10.69 -32.53
C SER A 845 -5.47 11.25 -32.12
N PHE A 846 -6.49 10.39 -31.96
CA PHE A 846 -7.79 10.85 -31.51
C PHE A 846 -7.73 11.35 -30.07
N LEU A 847 -7.16 10.55 -29.17
CA LEU A 847 -6.95 10.93 -27.78
C LEU A 847 -5.65 10.30 -27.30
N LYS A 848 -4.60 11.11 -27.18
CA LYS A 848 -3.28 10.66 -26.72
C LYS A 848 -3.37 10.22 -25.26
N ASP A 849 -3.53 8.93 -25.05
CA ASP A 849 -3.56 8.35 -23.72
C ASP A 849 -2.50 7.25 -23.59
N ILE A 852 -2.49 0.72 -19.40
CA ILE A 852 -2.71 -0.72 -19.37
C ILE A 852 -4.19 -1.04 -19.57
N ASP A 853 -5.02 -0.02 -19.40
CA ASP A 853 -6.46 -0.16 -19.56
C ASP A 853 -6.93 0.17 -20.97
N ASN A 854 -6.01 0.45 -21.89
CA ASN A 854 -6.36 0.86 -23.24
C ASN A 854 -5.72 -0.02 -24.32
N LYS A 855 -4.99 -1.07 -23.95
CA LYS A 855 -4.28 -1.92 -24.89
C LYS A 855 -4.76 -3.36 -24.75
N VAL A 856 -4.93 -4.03 -25.89
CA VAL A 856 -5.33 -5.43 -25.94
C VAL A 856 -4.38 -6.16 -26.89
N LEU A 857 -4.40 -7.48 -26.81
CA LEU A 857 -3.53 -8.33 -27.62
C LEU A 857 -4.34 -9.05 -28.68
N THR A 858 -3.88 -8.95 -29.93
CA THR A 858 -4.51 -9.67 -31.03
C THR A 858 -3.49 -9.80 -32.16
N ARG A 859 -3.57 -10.92 -32.89
CA ARG A 859 -2.64 -11.13 -34.00
C ARG A 859 -3.00 -10.26 -35.19
N SER A 860 -4.28 -10.05 -35.45
CA SER A 860 -4.76 -9.25 -36.57
C SER A 860 -5.59 -8.09 -36.04
N ASP A 861 -5.26 -6.88 -36.47
CA ASP A 861 -5.97 -5.68 -36.04
C ASP A 861 -7.08 -5.27 -36.99
N LYS A 862 -7.19 -5.90 -38.16
CA LYS A 862 -8.25 -5.54 -39.10
C LYS A 862 -9.60 -6.08 -38.67
N ASN A 863 -9.63 -7.05 -37.74
CA ASN A 863 -10.90 -7.63 -37.30
C ASN A 863 -11.71 -6.69 -36.43
N ARG A 864 -11.12 -5.60 -35.93
CA ARG A 864 -11.87 -4.66 -35.10
C ARG A 864 -12.84 -3.82 -35.90
N GLY A 865 -12.67 -3.73 -37.22
CA GLY A 865 -13.49 -2.87 -38.04
C GLY A 865 -12.68 -1.77 -38.70
N LYS A 866 -13.11 -0.52 -38.55
CA LYS A 866 -12.35 0.59 -39.07
C LYS A 866 -11.03 0.74 -38.33
N SER A 867 -9.96 0.97 -39.07
CA SER A 867 -8.63 1.07 -38.48
C SER A 867 -8.31 2.46 -37.92
N ASP A 868 -9.13 3.46 -38.22
CA ASP A 868 -8.91 4.83 -37.76
C ASP A 868 -10.11 5.35 -36.99
N ASN A 869 -10.74 4.49 -36.19
CA ASN A 869 -11.92 4.87 -35.41
C ASN A 869 -12.12 3.84 -34.31
N VAL A 870 -13.21 4.02 -33.57
CA VAL A 870 -13.57 3.04 -32.53
C VAL A 870 -13.92 1.71 -33.20
N PRO A 871 -13.55 0.57 -32.62
CA PRO A 871 -13.90 -0.71 -33.23
C PRO A 871 -15.41 -0.87 -33.39
N SER A 872 -15.81 -1.54 -34.47
CA SER A 872 -17.21 -1.68 -34.81
C SER A 872 -17.95 -2.52 -33.77
N GLU A 873 -19.27 -2.60 -33.93
CA GLU A 873 -20.14 -3.27 -32.98
C GLU A 873 -20.24 -4.77 -33.21
N GLU A 874 -19.61 -5.30 -34.26
CA GLU A 874 -19.75 -6.72 -34.58
C GLU A 874 -19.16 -7.60 -33.47
N VAL A 875 -17.98 -7.23 -32.96
CA VAL A 875 -17.33 -8.04 -31.93
C VAL A 875 -18.21 -8.14 -30.69
N VAL A 876 -18.77 -7.01 -30.26
CA VAL A 876 -19.64 -7.02 -29.09
C VAL A 876 -20.91 -7.81 -29.38
N LYS A 877 -21.56 -7.53 -30.51
CA LYS A 877 -22.82 -8.21 -30.81
C LYS A 877 -22.63 -9.71 -31.02
N LYS A 878 -21.39 -10.16 -31.26
CA LYS A 878 -21.18 -11.59 -31.45
C LYS A 878 -20.59 -12.31 -30.23
N MET A 879 -19.93 -11.60 -29.30
CA MET A 879 -19.46 -12.28 -28.09
C MET A 879 -19.68 -11.44 -26.84
N LYS A 880 -20.85 -10.80 -26.74
CA LYS A 880 -21.20 -10.13 -25.49
C LYS A 880 -21.27 -11.10 -24.31
N ASN A 881 -21.58 -12.37 -24.56
CA ASN A 881 -21.59 -13.34 -23.46
C ASN A 881 -20.21 -13.44 -22.83
N TYR A 882 -19.18 -13.63 -23.65
CA TYR A 882 -17.83 -13.67 -23.13
C TYR A 882 -17.37 -12.31 -22.63
N TRP A 883 -17.90 -11.22 -23.20
CA TRP A 883 -17.59 -9.89 -22.67
C TRP A 883 -18.07 -9.75 -21.23
N ARG A 884 -19.31 -10.16 -20.96
CA ARG A 884 -19.82 -10.12 -19.59
C ARG A 884 -19.05 -11.07 -18.69
N GLN A 885 -18.69 -12.25 -19.20
CA GLN A 885 -17.91 -13.20 -18.41
C GLN A 885 -16.56 -12.61 -18.02
N LEU A 886 -15.89 -11.94 -18.97
CA LEU A 886 -14.61 -11.30 -18.67
C LEU A 886 -14.79 -10.14 -17.71
N LEU A 887 -15.89 -9.41 -17.83
CA LEU A 887 -16.17 -8.35 -16.85
C LEU A 887 -16.31 -8.93 -15.45
N ASN A 888 -17.00 -10.06 -15.33
CA ASN A 888 -17.11 -10.73 -14.03
C ASN A 888 -15.75 -11.20 -13.53
N ALA A 889 -14.93 -11.76 -14.43
CA ALA A 889 -13.61 -12.27 -14.06
C ALA A 889 -12.58 -11.17 -13.85
N LYS A 890 -12.92 -9.92 -14.17
CA LYS A 890 -12.04 -8.76 -13.98
C LYS A 890 -10.80 -8.83 -14.87
N LEU A 891 -10.92 -9.51 -16.02
CA LEU A 891 -9.85 -9.56 -17.00
C LEU A 891 -9.95 -8.45 -18.04
N ILE A 892 -11.02 -7.68 -18.03
CA ILE A 892 -11.18 -6.52 -18.90
C ILE A 892 -11.40 -5.30 -18.02
N THR A 893 -10.73 -4.20 -18.37
CA THR A 893 -10.69 -3.04 -17.49
C THR A 893 -11.96 -2.20 -17.58
N GLN A 894 -12.11 -1.31 -16.59
CA GLN A 894 -13.24 -0.41 -16.57
C GLN A 894 -13.24 0.51 -17.79
N ARG A 895 -12.07 1.07 -18.12
CA ARG A 895 -11.98 1.91 -19.31
C ARG A 895 -12.27 1.10 -20.57
N LYS A 896 -11.77 -0.14 -20.61
CA LYS A 896 -12.01 -1.01 -21.76
C LYS A 896 -13.51 -1.19 -22.01
N PHE A 897 -14.23 -1.66 -21.00
CA PHE A 897 -15.65 -1.93 -21.21
C PHE A 897 -16.46 -0.65 -21.32
N ASP A 898 -15.99 0.45 -20.71
CA ASP A 898 -16.67 1.73 -20.86
C ASP A 898 -16.61 2.20 -22.30
N ASN A 899 -15.43 2.15 -22.93
CA ASN A 899 -15.33 2.54 -24.32
C ASN A 899 -16.05 1.55 -25.23
N LEU A 900 -16.06 0.26 -24.87
CA LEU A 900 -16.82 -0.71 -25.65
C LEU A 900 -18.31 -0.38 -25.64
N THR A 901 -18.84 0.02 -24.49
CA THR A 901 -20.24 0.40 -24.41
C THR A 901 -20.50 1.73 -25.13
N LYS A 902 -19.56 2.67 -25.03
CA LYS A 902 -19.69 3.94 -25.73
C LYS A 902 -19.70 3.75 -27.23
N ALA A 903 -19.02 2.70 -27.72
CA ALA A 903 -19.06 2.41 -29.16
C ALA A 903 -20.50 2.22 -29.64
N GLU A 904 -21.31 1.48 -28.87
CA GLU A 904 -22.72 1.31 -29.22
C GLU A 904 -23.55 2.54 -28.86
N ARG A 905 -23.21 3.23 -27.77
CA ARG A 905 -24.02 4.34 -27.29
C ARG A 905 -23.72 5.65 -28.01
N GLY A 906 -22.75 5.67 -28.92
CA GLY A 906 -22.46 6.85 -29.69
C GLY A 906 -21.09 6.80 -30.33
N GLY A 907 -20.38 7.92 -30.33
CA GLY A 907 -19.04 7.99 -30.91
C GLY A 907 -18.18 8.99 -30.19
N LEU A 908 -17.44 9.79 -30.96
CA LEU A 908 -16.55 10.79 -30.40
C LEU A 908 -16.85 12.15 -31.02
N SER A 909 -16.49 13.19 -30.27
CA SER A 909 -16.71 14.59 -30.68
C SER A 909 -15.36 15.29 -30.78
N GLU A 910 -15.40 16.61 -30.93
CA GLU A 910 -14.21 17.44 -30.98
C GLU A 910 -14.03 18.32 -29.76
N LEU A 911 -15.11 18.67 -29.06
CA LEU A 911 -14.98 19.45 -27.84
C LEU A 911 -14.25 18.67 -26.76
N ASP A 912 -14.47 17.35 -26.70
CA ASP A 912 -13.72 16.52 -25.76
C ASP A 912 -12.24 16.52 -26.09
N LYS A 913 -11.89 16.48 -27.39
CA LYS A 913 -10.49 16.57 -27.77
C LYS A 913 -9.89 17.91 -27.41
N ALA A 914 -10.66 18.99 -27.58
CA ALA A 914 -10.18 20.31 -27.17
C ALA A 914 -9.93 20.36 -25.67
N GLY A 915 -10.85 19.82 -24.88
CA GLY A 915 -10.64 19.75 -23.44
C GLY A 915 -9.45 18.89 -23.07
N PHE A 916 -9.25 17.79 -23.81
CA PHE A 916 -8.12 16.91 -23.54
C PHE A 916 -6.78 17.59 -23.82
N ILE A 917 -6.70 18.33 -24.93
CA ILE A 917 -5.45 19.02 -25.25
C ILE A 917 -5.22 20.16 -24.26
N LYS A 918 -6.29 20.82 -23.82
CA LYS A 918 -6.12 21.84 -22.77
C LYS A 918 -5.64 21.23 -21.47
N ARG A 919 -6.15 20.04 -21.14
CA ARG A 919 -5.71 19.35 -19.92
C ARG A 919 -4.27 18.88 -20.03
N GLN A 920 -3.83 18.48 -21.23
CA GLN A 920 -2.45 18.07 -21.42
C GLN A 920 -1.51 19.25 -21.61
N LEU A 921 -2.05 20.47 -21.76
CA LEU A 921 -1.24 21.67 -21.75
C LEU A 921 -1.22 22.39 -20.42
N VAL A 922 -2.21 22.14 -19.55
CA VAL A 922 -2.32 22.83 -18.27
C VAL A 922 -2.27 21.81 -17.14
N GLU A 923 -1.43 22.09 -16.14
CA GLU A 923 -1.32 21.21 -14.99
C GLU A 923 -2.61 21.22 -14.17
N THR A 924 -2.89 20.09 -13.52
CA THR A 924 -4.12 19.90 -12.76
C THR A 924 -3.92 19.36 -11.35
N ARG A 925 -2.76 18.75 -11.05
CA ARG A 925 -2.55 18.12 -9.76
C ARG A 925 -2.47 19.16 -8.64
N GLN A 926 -2.71 18.71 -7.42
CA GLN A 926 -2.72 19.59 -6.26
C GLN A 926 -1.36 19.70 -5.56
N ILE A 927 -0.47 18.72 -5.76
CA ILE A 927 0.84 18.79 -5.13
C ILE A 927 1.65 19.96 -5.68
N THR A 928 1.53 20.23 -6.98
CA THR A 928 2.22 21.37 -7.58
C THR A 928 1.71 22.67 -6.98
N LYS A 929 0.40 22.77 -6.79
CA LYS A 929 -0.19 23.98 -6.22
C LYS A 929 0.24 24.18 -4.78
N HIS A 930 0.33 23.11 -4.00
CA HIS A 930 0.82 23.24 -2.62
C HIS A 930 2.26 23.73 -2.60
N VAL A 931 3.11 23.18 -3.47
CA VAL A 931 4.51 23.62 -3.53
C VAL A 931 4.58 25.10 -3.92
N ALA A 932 3.79 25.50 -4.93
CA ALA A 932 3.79 26.88 -5.36
C ALA A 932 3.35 27.81 -4.25
N GLN A 933 2.32 27.42 -3.50
CA GLN A 933 1.84 28.25 -2.39
C GLN A 933 2.90 28.39 -1.31
N ILE A 934 3.59 27.31 -0.98
CA ILE A 934 4.64 27.39 0.04
C ILE A 934 5.72 28.36 -0.40
N LEU A 935 6.20 28.21 -1.64
CA LEU A 935 7.27 29.10 -2.12
C LEU A 935 6.80 30.55 -2.17
N ASP A 936 5.57 30.79 -2.62
CA ASP A 936 5.04 32.14 -2.70
C ASP A 936 4.95 32.77 -1.32
N SER A 937 4.34 32.06 -0.36
CA SER A 937 4.19 32.60 0.98
C SER A 937 5.55 32.87 1.62
N ARG A 938 6.58 32.11 1.24
CA ARG A 938 7.90 32.41 1.77
C ARG A 938 8.56 33.62 1.11
N MET A 939 8.33 33.83 -0.19
CA MET A 939 9.15 34.79 -0.93
C MET A 939 8.78 36.25 -0.63
N ASN A 940 7.58 36.68 -1.01
CA ASN A 940 7.18 38.08 -0.90
C ASN A 940 6.22 38.25 0.27
N THR A 941 6.62 39.05 1.25
CA THR A 941 5.93 39.15 2.54
C THR A 941 5.85 40.60 3.02
N LYS A 942 5.50 41.52 2.12
CA LYS A 942 5.40 42.93 2.49
C LYS A 942 4.03 43.48 2.15
N TYR A 943 3.60 44.47 2.93
CA TYR A 943 2.27 45.06 2.81
C TYR A 943 2.38 46.57 2.59
N ASP A 944 1.23 47.23 2.59
CA ASP A 944 1.15 48.66 2.37
C ASP A 944 0.10 49.24 3.32
N GLU A 945 -0.30 50.48 3.06
CA GLU A 945 -1.33 51.10 3.90
C GLU A 945 -2.71 50.52 3.61
N ASN A 946 -2.93 50.00 2.41
CA ASN A 946 -4.25 49.53 2.00
C ASN A 946 -4.50 48.07 2.35
N ASP A 947 -3.57 47.44 3.08
CA ASP A 947 -3.71 46.05 3.51
C ASP A 947 -3.83 45.11 2.32
N LYS A 948 -3.03 45.35 1.28
CA LYS A 948 -2.90 44.44 0.15
C LYS A 948 -1.42 44.13 -0.04
N LEU A 949 -1.10 42.85 -0.17
CA LEU A 949 0.29 42.44 -0.25
C LEU A 949 0.91 42.91 -1.56
N ILE A 950 2.11 43.50 -1.46
CA ILE A 950 2.85 43.92 -2.63
C ILE A 950 3.55 42.70 -3.22
N ARG A 951 3.30 42.43 -4.50
CA ARG A 951 3.85 41.28 -5.19
C ARG A 951 5.10 41.69 -5.96
N GLU A 952 6.18 40.93 -5.78
CA GLU A 952 7.42 41.22 -6.49
C GLU A 952 8.11 39.99 -7.06
N VAL A 953 7.53 38.80 -6.92
CA VAL A 953 8.09 37.58 -7.48
C VAL A 953 6.96 36.78 -8.12
N LYS A 954 7.20 36.26 -9.32
CA LYS A 954 6.23 35.45 -10.05
C LYS A 954 6.68 34.00 -10.07
N VAL A 955 5.75 33.09 -9.77
CA VAL A 955 6.01 31.66 -9.72
C VAL A 955 5.20 30.99 -10.83
N ILE A 956 5.87 30.18 -11.65
CA ILE A 956 5.27 29.61 -12.84
C ILE A 956 5.47 28.10 -12.86
N THR A 957 4.43 27.38 -13.32
CA THR A 957 4.47 25.94 -13.59
C THR A 957 3.89 25.72 -14.98
N LEU A 958 4.55 24.90 -15.81
CA LEU A 958 4.07 24.70 -17.17
C LEU A 958 3.61 23.28 -17.47
N LYS A 959 4.54 22.33 -17.63
CA LYS A 959 4.22 21.04 -18.24
C LYS A 959 5.52 20.26 -18.45
N SER A 960 5.42 19.02 -18.95
CA SER A 960 6.58 18.25 -19.35
C SER A 960 6.74 18.10 -20.86
N LYS A 961 5.76 18.51 -21.66
CA LYS A 961 5.79 18.28 -23.10
C LYS A 961 6.32 19.46 -23.91
N LEU A 962 6.23 20.68 -23.36
CA LEU A 962 6.75 21.85 -24.05
C LEU A 962 8.24 21.68 -24.37
N VAL A 963 9.03 21.29 -23.36
CA VAL A 963 10.47 21.18 -23.53
C VAL A 963 10.81 20.04 -24.49
N SER A 964 10.09 18.93 -24.40
CA SER A 964 10.34 17.82 -25.30
C SER A 964 10.07 18.20 -26.75
N ASP A 965 8.97 18.92 -26.99
CA ASP A 965 8.68 19.39 -28.34
C ASP A 965 9.76 20.34 -28.83
N PHE A 966 10.22 21.25 -27.96
CA PHE A 966 11.28 22.17 -28.34
C PHE A 966 12.55 21.42 -28.74
N ARG A 967 12.96 20.45 -27.93
CA ARG A 967 14.17 19.67 -28.22
C ARG A 967 14.04 18.95 -29.56
N LYS A 968 12.94 18.23 -29.75
CA LYS A 968 12.82 17.42 -30.95
C LYS A 968 12.62 18.29 -32.19
N ASP A 969 12.09 19.50 -32.03
CA ASP A 969 11.95 20.38 -33.18
C ASP A 969 13.30 20.97 -33.59
N PHE A 970 14.10 21.41 -32.62
CA PHE A 970 15.29 22.18 -32.93
C PHE A 970 16.59 21.39 -32.81
N GLN A 971 16.52 20.06 -32.68
CA GLN A 971 17.70 19.20 -32.77
C GLN A 971 18.67 19.40 -31.59
N PHE A 972 18.14 19.30 -30.39
CA PHE A 972 18.93 19.22 -29.16
C PHE A 972 18.57 17.91 -28.47
N TYR A 973 19.27 16.84 -28.84
CA TYR A 973 18.88 15.50 -28.42
C TYR A 973 19.47 15.14 -27.05
N LYS A 974 18.88 14.13 -26.43
CA LYS A 974 19.25 13.70 -25.09
C LYS A 974 19.43 12.19 -25.06
N VAL A 975 20.54 11.74 -24.47
CA VAL A 975 20.78 10.32 -24.19
C VAL A 975 21.09 10.18 -22.70
N ARG A 976 20.44 9.23 -22.04
CA ARG A 976 20.44 9.15 -20.59
C ARG A 976 21.49 8.20 -20.01
N GLU A 977 22.38 7.66 -20.83
CA GLU A 977 23.31 6.63 -20.38
C GLU A 977 24.76 7.05 -20.58
N ILE A 978 25.07 8.32 -20.39
CA ILE A 978 26.44 8.79 -20.57
C ILE A 978 26.90 9.55 -19.33
N ASN A 979 26.15 10.58 -18.92
CA ASN A 979 26.48 11.41 -17.77
C ASN A 979 25.31 11.52 -16.81
N ASN A 980 25.42 12.46 -15.87
CA ASN A 980 24.31 12.91 -15.04
C ASN A 980 23.94 14.37 -15.30
N TYR A 981 24.29 14.90 -16.47
CA TYR A 981 24.15 16.31 -16.78
C TYR A 981 22.77 16.70 -17.30
N HIS A 982 21.94 15.72 -17.68
CA HIS A 982 20.66 16.05 -18.29
C HIS A 982 19.70 16.67 -17.27
N HIS A 983 19.87 16.36 -15.98
CA HIS A 983 19.06 17.01 -14.96
C HIS A 983 19.25 18.53 -14.99
N ALA A 984 20.52 18.97 -14.94
CA ALA A 984 20.81 20.39 -14.98
C ALA A 984 20.41 21.01 -16.31
N HIS A 985 20.59 20.26 -17.41
CA HIS A 985 20.22 20.81 -18.71
C HIS A 985 18.71 21.04 -18.83
N ASP A 986 17.90 20.13 -18.29
CA ASP A 986 16.45 20.34 -18.26
C ASP A 986 16.09 21.53 -17.38
N ALA A 987 16.73 21.64 -16.21
CA ALA A 987 16.49 22.79 -15.34
C ALA A 987 16.80 24.09 -16.07
N TYR A 988 17.84 24.10 -16.89
CA TYR A 988 18.18 25.30 -17.65
C TYR A 988 17.16 25.58 -18.74
N LEU A 989 16.73 24.55 -19.47
CA LEU A 989 15.82 24.77 -20.59
C LEU A 989 14.43 25.18 -20.16
N ASN A 990 14.02 24.88 -18.93
CA ASN A 990 12.70 25.32 -18.47
C ASN A 990 12.58 26.84 -18.47
N ALA A 991 13.57 27.51 -17.88
CA ALA A 991 13.47 28.95 -17.61
C ALA A 991 13.42 29.77 -18.88
N VAL A 992 14.22 29.41 -19.89
CA VAL A 992 14.25 30.17 -21.14
C VAL A 992 12.86 30.21 -21.77
N VAL A 993 12.24 29.04 -21.91
CA VAL A 993 10.93 28.96 -22.55
C VAL A 993 9.88 29.70 -21.73
N GLY A 994 9.89 29.51 -20.41
CA GLY A 994 8.89 30.17 -19.59
C GLY A 994 8.98 31.68 -19.67
N THR A 995 10.20 32.21 -19.54
CA THR A 995 10.40 33.65 -19.61
C THR A 995 10.00 34.21 -20.97
N ALA A 996 10.38 33.52 -22.05
CA ALA A 996 10.03 34.00 -23.38
C ALA A 996 8.51 34.05 -23.57
N LEU A 997 7.80 33.00 -23.16
CA LEU A 997 6.35 32.99 -23.33
C LEU A 997 5.70 34.09 -22.52
N ILE A 998 6.11 34.28 -21.27
CA ILE A 998 5.47 35.29 -20.44
C ILE A 998 5.81 36.70 -20.93
N LYS A 999 6.98 36.89 -21.54
CA LYS A 999 7.30 38.20 -22.08
C LYS A 999 6.54 38.48 -23.36
N LYS A 1000 6.29 37.46 -24.18
CA LYS A 1000 5.58 37.68 -25.44
C LYS A 1000 4.10 37.95 -25.19
N TYR A 1001 3.45 37.15 -24.34
CA TYR A 1001 2.00 37.25 -24.13
C TYR A 1001 1.69 37.63 -22.69
N PRO A 1002 1.52 38.92 -22.39
CA PRO A 1002 1.13 39.33 -21.04
C PRO A 1002 -0.34 39.07 -20.72
N LYS A 1003 -1.04 38.30 -21.55
CA LYS A 1003 -2.45 38.01 -21.32
C LYS A 1003 -2.68 36.59 -20.82
N LEU A 1004 -1.63 35.85 -20.49
CA LEU A 1004 -1.76 34.46 -20.07
C LEU A 1004 -1.35 34.25 -18.61
N GLU A 1005 -1.21 35.31 -17.83
CA GLU A 1005 -0.94 35.13 -16.41
C GLU A 1005 -2.11 34.43 -15.73
N SER A 1006 -3.34 34.88 -16.03
CA SER A 1006 -4.54 34.33 -15.41
C SER A 1006 -4.64 32.82 -15.58
N GLU A 1007 -3.85 32.22 -16.46
CA GLU A 1007 -3.76 30.78 -16.57
C GLU A 1007 -2.46 30.26 -15.95
N PHE A 1008 -1.31 30.77 -16.39
CA PHE A 1008 -0.05 30.12 -16.08
C PHE A 1008 0.58 30.53 -14.75
N VAL A 1009 0.17 31.64 -14.14
CA VAL A 1009 0.86 32.20 -12.99
C VAL A 1009 0.01 32.00 -11.75
N TYR A 1010 0.62 31.52 -10.68
CA TYR A 1010 -0.10 31.28 -9.44
C TYR A 1010 -0.46 32.59 -8.76
N GLY A 1011 -1.65 32.64 -8.20
CA GLY A 1011 -2.14 33.79 -7.48
C GLY A 1011 -3.38 34.39 -8.12
N ASP A 1012 -3.83 35.49 -7.54
CA ASP A 1012 -5.00 36.20 -8.04
C ASP A 1012 -4.92 37.68 -7.69
N GLY A 1030 -16.64 28.40 -33.39
CA GLY A 1030 -16.17 29.76 -33.17
C GLY A 1030 -15.11 29.86 -32.10
N LYS A 1031 -15.55 30.04 -30.85
CA LYS A 1031 -14.60 30.16 -29.75
C LYS A 1031 -13.85 28.86 -29.51
N ALA A 1032 -14.49 27.72 -29.72
CA ALA A 1032 -13.79 26.44 -29.59
C ALA A 1032 -12.65 26.33 -30.60
N THR A 1033 -12.92 26.70 -31.85
CA THR A 1033 -11.87 26.67 -32.87
C THR A 1033 -10.78 27.68 -32.57
N ALA A 1034 -11.16 28.86 -32.07
CA ALA A 1034 -10.16 29.87 -31.70
C ALA A 1034 -9.25 29.37 -30.59
N LYS A 1035 -9.83 28.74 -29.56
CA LYS A 1035 -9.03 28.17 -28.48
C LYS A 1035 -8.13 27.06 -28.98
N TYR A 1036 -8.66 26.20 -29.86
CA TYR A 1036 -7.84 25.14 -30.44
C TYR A 1036 -6.65 25.70 -31.19
N PHE A 1037 -6.89 26.71 -32.03
CA PHE A 1037 -5.78 27.31 -32.77
C PHE A 1037 -4.77 27.96 -31.84
N PHE A 1038 -5.25 28.70 -30.84
CA PHE A 1038 -4.34 29.40 -29.93
C PHE A 1038 -3.47 28.42 -29.17
N TYR A 1039 -4.07 27.39 -28.57
CA TYR A 1039 -3.30 26.45 -27.77
C TYR A 1039 -2.59 25.39 -28.61
N SER A 1040 -2.84 25.34 -29.91
CA SER A 1040 -2.04 24.47 -30.77
C SER A 1040 -0.89 25.20 -31.46
N ASN A 1041 -0.95 26.53 -31.55
CA ASN A 1041 0.13 27.30 -32.15
C ASN A 1041 0.73 28.32 -31.19
N ILE A 1042 0.54 28.13 -29.88
CA ILE A 1042 1.19 28.96 -28.88
C ILE A 1042 2.71 29.01 -29.08
N MET A 1043 3.30 27.93 -29.57
CA MET A 1043 4.74 27.82 -29.73
C MET A 1043 5.17 27.98 -31.18
N ASN A 1044 4.53 28.89 -31.92
CA ASN A 1044 4.80 29.05 -33.34
C ASN A 1044 5.76 30.19 -33.67
N PHE A 1045 5.99 31.12 -32.74
CA PHE A 1045 6.83 32.28 -33.05
C PHE A 1045 8.31 31.98 -33.02
N PHE A 1046 8.71 30.81 -32.51
CA PHE A 1046 10.13 30.47 -32.48
C PHE A 1046 10.67 30.08 -33.84
N LYS A 1047 9.84 29.47 -34.69
CA LYS A 1047 10.33 28.79 -35.87
C LYS A 1047 10.36 29.68 -37.10
N THR A 1048 11.06 29.19 -38.11
CA THR A 1048 11.21 29.82 -39.42
C THR A 1048 10.10 29.30 -40.34
N GLU A 1049 10.29 29.41 -41.66
CA GLU A 1049 9.34 29.02 -42.70
C GLU A 1049 8.49 27.81 -42.30
N ILE A 1050 7.17 27.94 -42.45
CA ILE A 1050 6.21 27.16 -41.67
C ILE A 1050 5.60 26.01 -42.45
N THR A 1051 5.15 26.26 -43.67
CA THR A 1051 4.23 25.38 -44.38
C THR A 1051 2.91 25.28 -43.62
N ILE A 1057 6.03 28.17 -46.53
CA ILE A 1057 5.40 28.99 -47.55
C ILE A 1057 5.14 30.39 -47.00
N ARG A 1058 5.57 30.62 -45.76
CA ARG A 1058 5.35 31.90 -45.07
C ARG A 1058 6.59 32.22 -44.24
N LYS A 1059 7.42 33.14 -44.74
CA LYS A 1059 8.57 33.58 -43.97
C LYS A 1059 8.13 34.47 -42.82
N ARG A 1060 9.01 34.60 -41.84
CA ARG A 1060 8.74 35.34 -40.60
C ARG A 1060 9.76 36.44 -40.39
N PRO A 1061 9.42 37.46 -39.61
CA PRO A 1061 10.42 38.49 -39.28
C PRO A 1061 11.57 37.88 -38.48
N LEU A 1062 12.78 38.34 -38.79
CA LEU A 1062 13.97 37.80 -38.13
C LEU A 1062 14.01 38.18 -36.65
N ILE A 1063 13.54 39.37 -36.30
CA ILE A 1063 13.47 39.83 -34.91
C ILE A 1063 12.01 39.81 -34.50
N GLU A 1064 11.69 39.07 -33.44
CA GLU A 1064 10.33 39.03 -32.94
C GLU A 1064 10.25 39.85 -31.67
N THR A 1065 9.32 40.81 -31.64
CA THR A 1065 9.19 41.78 -30.58
C THR A 1065 7.73 41.89 -30.15
N ASN A 1066 7.53 42.41 -28.94
CA ASN A 1066 6.20 42.49 -28.34
C ASN A 1066 5.39 43.61 -28.98
N GLY A 1067 4.23 43.25 -29.54
CA GLY A 1067 3.41 44.23 -30.23
C GLY A 1067 2.86 45.33 -29.33
N GLU A 1068 2.87 45.11 -28.02
CA GLU A 1068 2.36 46.12 -27.09
C GLU A 1068 3.40 47.20 -26.79
N THR A 1069 4.67 46.82 -26.64
CA THR A 1069 5.66 47.73 -26.08
C THR A 1069 6.93 47.92 -26.92
N GLY A 1070 7.19 47.09 -27.93
CA GLY A 1070 8.39 47.26 -28.71
C GLY A 1070 9.63 46.62 -28.14
N GLU A 1071 9.50 45.84 -27.07
CA GLU A 1071 10.65 45.16 -26.47
C GLU A 1071 11.04 43.94 -27.31
N ILE A 1072 12.35 43.73 -27.44
CA ILE A 1072 12.84 42.60 -28.22
C ILE A 1072 12.63 41.32 -27.43
N VAL A 1073 12.06 40.31 -28.10
CA VAL A 1073 11.74 39.04 -27.48
C VAL A 1073 12.67 37.93 -27.96
N TRP A 1074 12.85 37.82 -29.28
CA TRP A 1074 13.63 36.70 -29.81
C TRP A 1074 14.40 37.11 -31.05
N ASP A 1075 15.71 36.84 -31.04
CA ASP A 1075 16.60 37.09 -32.16
C ASP A 1075 17.25 35.78 -32.59
N LYS A 1076 17.01 35.40 -33.84
CA LYS A 1076 17.31 34.08 -34.37
C LYS A 1076 18.74 33.94 -34.87
N GLY A 1077 19.53 35.00 -34.82
CA GLY A 1077 20.92 34.90 -35.21
C GLY A 1077 21.86 34.80 -34.03
N ARG A 1078 21.32 34.97 -32.82
CA ARG A 1078 22.14 34.98 -31.62
C ARG A 1078 21.65 34.04 -30.53
N ASP A 1079 20.34 33.90 -30.35
CA ASP A 1079 19.85 33.15 -29.20
C ASP A 1079 20.15 31.66 -29.33
N PHE A 1080 20.01 31.11 -30.54
CA PHE A 1080 20.34 29.71 -30.75
C PHE A 1080 21.83 29.46 -30.53
N ALA A 1081 22.68 30.39 -30.97
CA ALA A 1081 24.11 30.25 -30.75
C ALA A 1081 24.45 30.22 -29.28
N THR A 1082 23.85 31.13 -28.48
CA THR A 1082 24.16 31.11 -27.05
C THR A 1082 23.61 29.86 -26.37
N VAL A 1083 22.45 29.36 -26.81
CA VAL A 1083 21.92 28.14 -26.22
C VAL A 1083 22.84 26.96 -26.51
N ARG A 1084 23.31 26.86 -27.76
CA ARG A 1084 24.20 25.77 -28.12
C ARG A 1084 25.53 25.87 -27.39
N LYS A 1085 26.02 27.09 -27.17
CA LYS A 1085 27.26 27.25 -26.40
C LYS A 1085 27.07 26.80 -24.95
N VAL A 1086 25.96 27.18 -24.31
CA VAL A 1086 25.75 26.80 -22.93
C VAL A 1086 25.54 25.29 -22.82
N LEU A 1087 24.90 24.67 -23.80
CA LEU A 1087 24.64 23.24 -23.72
C LEU A 1087 25.88 22.36 -23.90
N SER A 1088 27.12 22.86 -23.95
CA SER A 1088 28.30 22.03 -24.18
C SER A 1088 29.45 22.46 -23.27
N MET A 1089 29.14 22.81 -22.03
CA MET A 1089 30.21 23.24 -21.14
C MET A 1089 30.80 22.04 -20.40
N PRO A 1090 32.09 22.10 -20.02
CA PRO A 1090 32.72 20.95 -19.38
C PRO A 1090 32.52 20.86 -17.87
N GLN A 1091 32.20 21.98 -17.22
CA GLN A 1091 32.17 22.04 -15.76
C GLN A 1091 30.73 22.23 -15.27
N VAL A 1092 30.24 21.25 -14.52
CA VAL A 1092 28.93 21.31 -13.88
C VAL A 1092 29.07 20.70 -12.48
N ASN A 1093 28.45 21.34 -11.49
CA ASN A 1093 28.54 20.88 -10.11
C ASN A 1093 27.57 19.74 -9.87
N ILE A 1094 28.08 18.61 -9.39
CA ILE A 1094 27.26 17.47 -9.01
C ILE A 1094 27.72 16.96 -7.65
N VAL A 1095 26.77 16.85 -6.71
CA VAL A 1095 27.06 16.50 -5.33
C VAL A 1095 26.16 15.35 -4.89
N LYS A 1096 26.65 14.58 -3.91
CA LYS A 1096 25.92 13.45 -3.36
C LYS A 1096 25.79 13.61 -1.85
N LYS A 1097 24.63 13.26 -1.32
CA LYS A 1097 24.32 13.50 0.08
C LYS A 1097 24.93 12.44 0.98
N THR A 1098 25.47 12.88 2.11
CA THR A 1098 26.12 11.99 3.08
C THR A 1098 25.17 11.73 4.23
N GLU A 1099 24.98 10.45 4.58
CA GLU A 1099 24.01 10.06 5.59
C GLU A 1099 24.62 9.03 6.53
N VAL A 1100 24.01 8.90 7.70
CA VAL A 1100 24.35 7.87 8.68
C VAL A 1100 23.31 6.77 8.59
N GLN A 1101 23.77 5.53 8.44
CA GLN A 1101 22.85 4.42 8.25
C GLN A 1101 22.15 4.05 9.56
N THR A 1102 20.92 3.58 9.43
CA THR A 1102 20.08 3.26 10.58
C THR A 1102 19.06 2.21 10.16
N GLY A 1103 18.81 1.24 11.06
CA GLY A 1103 17.87 0.18 10.79
C GLY A 1103 18.09 -1.07 11.61
N GLY A 1104 17.96 -2.23 10.98
CA GLY A 1104 18.16 -3.48 11.67
C GLY A 1104 19.61 -3.74 12.01
N PHE A 1105 19.81 -4.60 13.01
CA PHE A 1105 21.16 -4.89 13.49
C PHE A 1105 21.96 -5.71 12.49
N SER A 1106 21.40 -6.82 12.02
CA SER A 1106 22.14 -7.75 11.17
C SER A 1106 21.14 -8.60 10.39
N LYS A 1107 21.63 -9.70 9.82
CA LYS A 1107 20.77 -10.65 9.13
C LYS A 1107 19.96 -11.47 10.13
N GLU A 1108 18.86 -12.04 9.65
CA GLU A 1108 17.84 -12.62 10.53
C GLU A 1108 17.93 -14.13 10.65
N SER A 1109 18.90 -14.78 10.02
CA SER A 1109 18.99 -16.24 10.05
C SER A 1109 19.85 -16.71 11.23
N ILE A 1110 19.55 -17.91 11.70
CA ILE A 1110 20.29 -18.56 12.78
C ILE A 1110 21.05 -19.73 12.20
N LEU A 1111 22.35 -19.80 12.47
CA LEU A 1111 23.25 -20.75 11.83
C LEU A 1111 23.79 -21.77 12.81
N PRO A 1112 24.18 -22.95 12.34
CA PRO A 1112 24.69 -23.99 13.25
C PRO A 1112 26.02 -23.59 13.87
N LYS A 1113 26.45 -24.40 14.83
CA LYS A 1113 27.67 -24.11 15.58
C LYS A 1113 28.90 -24.29 14.71
N ARG A 1114 29.88 -23.42 14.92
CA ARG A 1114 31.06 -23.33 14.07
C ARG A 1114 32.20 -22.76 14.89
N ASN A 1115 33.42 -23.00 14.44
CA ASN A 1115 34.62 -22.50 15.13
C ASN A 1115 35.16 -21.32 14.35
N SER A 1116 34.64 -20.13 14.66
CA SER A 1116 35.03 -18.91 13.98
C SER A 1116 34.77 -17.73 14.91
N ASP A 1117 35.35 -16.59 14.55
CA ASP A 1117 35.23 -15.37 15.35
C ASP A 1117 34.24 -14.37 14.74
N LYS A 1118 33.38 -14.80 13.83
CA LYS A 1118 32.41 -13.94 13.19
C LYS A 1118 30.98 -14.28 13.56
N LEU A 1119 30.76 -14.80 14.76
CA LEU A 1119 29.42 -15.15 15.24
C LEU A 1119 29.07 -14.31 16.45
N ILE A 1120 27.83 -13.80 16.47
CA ILE A 1120 27.34 -12.94 17.54
C ILE A 1120 26.33 -13.73 18.38
N ALA A 1121 26.48 -13.65 19.69
CA ALA A 1121 25.65 -14.43 20.60
C ALA A 1121 24.23 -13.89 20.70
N ARG A 1122 23.28 -14.81 20.89
CA ARG A 1122 21.88 -14.44 21.01
C ARG A 1122 21.56 -13.85 22.37
N LYS A 1123 22.15 -14.39 23.44
CA LYS A 1123 22.02 -13.86 24.78
C LYS A 1123 23.39 -13.81 25.43
N LYS A 1124 23.45 -13.26 26.64
CA LYS A 1124 24.73 -13.00 27.29
C LYS A 1124 25.39 -14.27 27.82
N ASP A 1125 24.61 -15.27 28.19
CA ASP A 1125 25.15 -16.50 28.78
C ASP A 1125 25.23 -17.65 27.79
N TRP A 1126 25.03 -17.40 26.51
CA TRP A 1126 25.08 -18.42 25.48
C TRP A 1126 26.30 -18.20 24.60
N ASP A 1127 27.24 -19.13 24.63
CA ASP A 1127 28.48 -18.99 23.88
C ASP A 1127 28.27 -19.42 22.43
N PRO A 1128 28.63 -18.59 21.45
CA PRO A 1128 28.36 -18.94 20.05
C PRO A 1128 29.00 -20.24 19.63
N LYS A 1129 30.22 -20.52 20.08
CA LYS A 1129 30.95 -21.71 19.69
C LYS A 1129 30.21 -22.99 20.06
N LYS A 1130 29.28 -22.93 21.02
CA LYS A 1130 28.49 -24.07 21.42
C LYS A 1130 27.00 -23.95 21.15
N TYR A 1131 26.51 -22.78 20.71
CA TYR A 1131 25.08 -22.62 20.47
C TYR A 1131 24.67 -22.03 19.13
N GLY A 1132 25.58 -21.47 18.33
CA GLY A 1132 25.20 -20.79 17.11
C GLY A 1132 24.85 -19.33 17.33
N GLY A 1133 24.60 -18.63 16.22
CA GLY A 1133 24.25 -17.22 16.31
C GLY A 1133 24.16 -16.57 14.96
N PHE A 1134 24.22 -15.24 14.96
CA PHE A 1134 24.07 -14.42 13.76
C PHE A 1134 25.42 -14.10 13.13
N ASP A 1135 25.37 -13.37 12.01
CA ASP A 1135 26.57 -12.90 11.35
C ASP A 1135 26.22 -11.72 10.45
N SER A 1136 27.27 -11.09 9.89
CA SER A 1136 27.18 -10.01 8.91
C SER A 1136 26.42 -8.79 9.41
N PRO A 1137 26.98 -8.00 10.31
CA PRO A 1137 26.32 -6.78 10.78
C PRO A 1137 26.53 -5.61 9.82
N THR A 1138 25.89 -4.49 10.14
CA THR A 1138 25.97 -3.27 9.35
C THR A 1138 26.64 -2.16 10.15
N VAL A 1139 27.29 -1.25 9.44
CA VAL A 1139 28.06 -0.17 10.06
C VAL A 1139 27.28 1.13 9.97
N ALA A 1140 27.51 2.02 10.93
CA ALA A 1140 26.90 3.34 10.94
C ALA A 1140 27.84 4.41 10.38
N TYR A 1141 29.04 4.52 10.94
CA TYR A 1141 30.05 5.43 10.40
C TYR A 1141 31.42 4.93 10.81
N SER A 1142 32.44 5.47 10.16
CA SER A 1142 33.82 5.12 10.47
C SER A 1142 34.49 6.23 11.27
N VAL A 1143 35.59 5.87 11.93
CA VAL A 1143 36.35 6.80 12.75
C VAL A 1143 37.83 6.64 12.43
N LEU A 1144 38.51 7.78 12.24
CA LEU A 1144 39.95 7.81 12.03
C LEU A 1144 40.65 8.20 13.32
N VAL A 1145 41.59 7.36 13.75
CA VAL A 1145 42.28 7.49 15.03
C VAL A 1145 43.73 7.07 14.85
N VAL A 1146 44.65 7.85 15.42
CA VAL A 1146 46.08 7.55 15.40
C VAL A 1146 46.57 7.43 16.83
N ALA A 1147 47.23 6.31 17.14
CA ALA A 1147 47.69 6.03 18.49
C ALA A 1147 48.66 4.86 18.45
N LYS A 1148 49.09 4.43 19.63
CA LYS A 1148 50.07 3.36 19.78
C LYS A 1148 49.38 2.04 20.04
N VAL A 1149 49.94 0.96 19.49
CA VAL A 1149 49.39 -0.37 19.64
C VAL A 1149 50.54 -1.35 19.74
N GLU A 1150 50.23 -2.56 20.21
CA GLU A 1150 51.18 -3.66 20.28
C GLU A 1150 50.83 -4.67 19.20
N LYS A 1151 51.80 -4.98 18.33
CA LYS A 1151 51.62 -5.94 17.24
C LYS A 1151 52.82 -6.88 17.25
N GLY A 1152 52.65 -8.04 17.88
CA GLY A 1152 53.71 -9.02 17.96
C GLY A 1152 53.62 -9.77 19.28
N LYS A 1153 54.78 -10.27 19.72
CA LYS A 1153 54.88 -11.02 20.96
C LYS A 1153 55.81 -10.40 21.99
N SER A 1154 56.87 -9.72 21.55
CA SER A 1154 57.84 -9.10 22.46
C SER A 1154 57.38 -7.75 22.99
N LYS A 1155 56.09 -7.44 22.88
CA LYS A 1155 55.53 -6.17 23.35
C LYS A 1155 56.23 -4.98 22.69
N LYS A 1156 56.37 -5.05 21.38
CA LYS A 1156 56.96 -3.94 20.63
C LYS A 1156 55.96 -2.79 20.55
N LEU A 1157 56.42 -1.59 20.87
CA LEU A 1157 55.61 -0.38 20.80
C LEU A 1157 55.89 0.34 19.50
N LYS A 1158 54.84 0.72 18.79
CA LYS A 1158 54.95 1.34 17.48
C LYS A 1158 53.85 2.38 17.34
N SER A 1159 53.63 2.83 16.10
CA SER A 1159 52.57 3.76 15.77
C SER A 1159 51.80 3.24 14.57
N VAL A 1160 50.53 3.64 14.48
CA VAL A 1160 49.65 3.17 13.42
C VAL A 1160 48.46 4.11 13.34
N LYS A 1161 47.88 4.23 12.15
CA LYS A 1161 46.60 4.89 11.98
C LYS A 1161 45.80 4.15 10.91
N GLU A 1162 44.56 3.83 11.22
CA GLU A 1162 43.70 3.07 10.30
C GLU A 1162 42.25 3.40 10.60
N LEU A 1163 41.36 2.87 9.77
CA LEU A 1163 39.93 3.12 9.87
C LEU A 1163 39.27 2.00 10.67
N LEU A 1164 38.40 2.39 11.61
CA LEU A 1164 37.65 1.46 12.45
C LEU A 1164 36.17 1.74 12.28
N GLY A 1165 35.38 0.68 12.19
CA GLY A 1165 33.95 0.78 11.99
C GLY A 1165 33.19 0.63 13.29
N ILE A 1166 32.14 1.45 13.44
CA ILE A 1166 31.22 1.39 14.58
C ILE A 1166 29.89 0.88 14.06
N THR A 1167 29.33 -0.09 14.77
CA THR A 1167 28.09 -0.73 14.35
C THR A 1167 26.90 -0.16 15.11
N ILE A 1168 25.71 -0.50 14.61
CA ILE A 1168 24.46 0.02 15.15
C ILE A 1168 24.24 -0.46 16.58
N MET A 1169 24.81 -1.62 16.93
CA MET A 1169 24.60 -2.17 18.27
C MET A 1169 25.43 -1.46 19.33
N GLU A 1170 26.66 -1.05 19.00
CA GLU A 1170 27.57 -0.47 19.98
C GLU A 1170 27.78 1.02 19.79
N ARG A 1171 27.04 1.64 18.87
CA ARG A 1171 27.10 3.09 18.72
C ARG A 1171 26.81 3.82 20.03
N SER A 1172 25.84 3.32 20.80
CA SER A 1172 25.46 4.00 22.05
C SER A 1172 26.60 3.98 23.06
N SER A 1173 27.25 2.82 23.24
CA SER A 1173 28.37 2.75 24.17
C SER A 1173 29.53 3.62 23.70
N PHE A 1174 29.79 3.64 22.40
CA PHE A 1174 30.88 4.49 21.90
C PHE A 1174 30.59 5.96 22.17
N GLU A 1175 29.35 6.39 21.95
CA GLU A 1175 29.01 7.78 22.20
C GLU A 1175 29.03 8.12 23.69
N LYS A 1176 28.69 7.16 24.54
CA LYS A 1176 28.77 7.41 25.98
C LYS A 1176 30.21 7.57 26.44
N ASN A 1177 31.12 6.72 25.95
CA ASN A 1177 32.52 6.87 26.36
C ASN A 1177 33.48 6.36 25.29
N PRO A 1178 34.22 7.25 24.61
CA PRO A 1178 35.08 6.81 23.51
C PRO A 1178 36.41 6.20 23.94
N ILE A 1179 37.02 6.78 24.97
CA ILE A 1179 38.38 6.37 25.35
C ILE A 1179 38.40 4.95 25.88
N ASP A 1180 37.49 4.63 26.79
CA ASP A 1180 37.44 3.28 27.34
C ASP A 1180 37.05 2.26 26.29
N PHE A 1181 36.11 2.63 25.41
CA PHE A 1181 35.72 1.76 24.31
C PHE A 1181 36.92 1.41 23.44
N LEU A 1182 37.77 2.40 23.16
CA LEU A 1182 38.93 2.14 22.31
C LEU A 1182 40.00 1.35 23.05
N GLU A 1183 40.23 1.66 24.33
CA GLU A 1183 41.24 0.92 25.08
C GLU A 1183 40.85 -0.53 25.30
N ALA A 1184 39.55 -0.82 25.31
CA ALA A 1184 39.12 -2.22 25.37
C ALA A 1184 39.50 -3.01 24.12
N LYS A 1185 39.68 -2.32 22.99
CA LYS A 1185 40.04 -3.01 21.75
C LYS A 1185 41.51 -3.41 21.72
N GLY A 1186 42.39 -2.65 22.36
CA GLY A 1186 43.80 -2.95 22.36
C GLY A 1186 44.70 -1.75 22.22
N TYR A 1187 44.21 -0.69 21.57
CA TYR A 1187 44.99 0.51 21.38
C TYR A 1187 45.21 1.22 22.72
N LYS A 1188 46.33 1.94 22.82
CA LYS A 1188 46.67 2.69 24.02
C LYS A 1188 47.20 4.06 23.64
N GLU A 1189 47.05 5.01 24.56
CA GLU A 1189 47.53 6.38 24.39
C GLU A 1189 46.89 7.05 23.17
N VAL A 1190 45.58 7.20 23.23
CA VAL A 1190 44.81 7.80 22.15
C VAL A 1190 44.71 9.30 22.41
N LYS A 1191 45.07 10.10 21.42
CA LYS A 1191 44.99 11.56 21.53
C LYS A 1191 43.58 12.01 21.15
N LYS A 1192 42.89 12.63 22.11
CA LYS A 1192 41.50 13.03 21.91
C LYS A 1192 41.48 14.38 21.18
N ASP A 1193 42.19 14.47 20.07
CA ASP A 1193 42.10 15.64 19.20
C ASP A 1193 42.05 15.31 17.72
N LEU A 1194 42.52 14.14 17.29
CA LEU A 1194 42.61 13.79 15.88
C LEU A 1194 41.56 12.76 15.46
N ILE A 1195 40.61 12.44 16.33
CA ILE A 1195 39.54 11.52 15.97
C ILE A 1195 38.64 12.21 14.96
N ILE A 1196 38.44 11.58 13.80
CA ILE A 1196 37.63 12.16 12.73
C ILE A 1196 36.48 11.22 12.41
N LYS A 1197 35.28 11.76 12.31
CA LYS A 1197 34.08 11.00 11.99
C LYS A 1197 33.82 11.04 10.49
N LEU A 1198 33.49 9.88 9.91
CA LEU A 1198 33.29 9.76 8.47
C LEU A 1198 32.00 8.99 8.17
N PRO A 1199 30.99 9.66 7.62
CA PRO A 1199 29.77 8.94 7.21
C PRO A 1199 29.89 8.35 5.82
N LYS A 1200 28.80 7.80 5.29
CA LYS A 1200 28.80 7.25 3.95
C LYS A 1200 28.89 8.35 2.90
N TYR A 1201 29.52 8.03 1.78
CA TYR A 1201 29.71 8.94 0.65
C TYR A 1201 30.56 10.15 1.04
N SER A 1202 31.79 9.88 1.46
CA SER A 1202 32.77 10.92 1.75
C SER A 1202 33.77 11.01 0.60
N LEU A 1203 34.19 12.24 0.29
CA LEU A 1203 34.92 12.51 -0.94
C LEU A 1203 36.42 12.68 -0.67
N PHE A 1204 37.22 11.78 -1.25
CA PHE A 1204 38.67 11.81 -1.20
C PHE A 1204 39.23 12.12 -2.58
N GLU A 1205 40.25 12.97 -2.62
CA GLU A 1205 40.90 13.40 -3.85
C GLU A 1205 42.36 12.95 -3.82
N LEU A 1206 42.76 12.24 -4.88
CA LEU A 1206 44.11 11.75 -5.12
C LEU A 1206 44.87 12.73 -6.02
N GLU A 1207 46.01 12.28 -6.54
CA GLU A 1207 46.99 13.20 -7.12
C GLU A 1207 46.59 13.71 -8.52
N ASN A 1208 46.04 12.85 -9.37
CA ASN A 1208 45.93 13.16 -10.79
C ASN A 1208 44.49 13.44 -11.22
N GLY A 1209 43.61 13.73 -10.29
CA GLY A 1209 42.21 13.98 -10.58
C GLY A 1209 41.27 12.86 -10.20
N ARG A 1210 41.79 11.71 -9.79
CA ARG A 1210 40.93 10.62 -9.36
C ARG A 1210 40.19 11.01 -8.08
N LYS A 1211 38.96 10.53 -7.95
CA LYS A 1211 38.15 10.78 -6.77
C LYS A 1211 37.53 9.48 -6.29
N ARG A 1212 37.39 9.33 -4.98
CA ARG A 1212 36.81 8.13 -4.41
C ARG A 1212 35.80 8.48 -3.34
N MET A 1213 34.78 7.62 -3.22
CA MET A 1213 33.77 7.71 -2.19
C MET A 1213 33.83 6.46 -1.32
N LEU A 1214 33.41 6.59 -0.07
CA LEU A 1214 33.54 5.55 0.93
C LEU A 1214 32.23 4.82 1.12
N ALA A 1215 32.24 3.48 1.00
CA ALA A 1215 31.04 2.69 1.19
C ALA A 1215 31.01 1.96 2.52
N SER A 1216 32.16 1.58 3.05
CA SER A 1216 32.27 0.96 4.36
C SER A 1216 33.69 1.20 4.85
N ALA A 1217 34.08 0.49 5.91
CA ALA A 1217 35.45 0.56 6.39
C ALA A 1217 36.42 -0.20 5.50
N GLY A 1218 35.92 -0.90 4.47
CA GLY A 1218 36.79 -1.62 3.55
C GLY A 1218 36.35 -1.62 2.10
N GLU A 1219 35.62 -0.59 1.65
CA GLU A 1219 35.17 -0.58 0.26
C GLU A 1219 35.02 0.86 -0.24
N LEU A 1220 35.34 1.04 -1.53
CA LEU A 1220 35.32 2.34 -2.19
C LEU A 1220 34.42 2.28 -3.42
N GLN A 1221 34.03 3.47 -3.89
CA GLN A 1221 33.23 3.64 -5.09
C GLN A 1221 33.80 4.77 -5.93
N LYS A 1222 33.49 4.74 -7.22
CA LYS A 1222 33.97 5.74 -8.16
C LYS A 1222 33.31 7.10 -7.90
N GLY A 1223 33.99 8.15 -8.34
CA GLY A 1223 33.50 9.50 -8.13
C GLY A 1223 33.77 10.47 -9.25
N ASN A 1224 34.10 9.97 -10.44
CA ASN A 1224 34.36 10.78 -11.62
C ASN A 1224 33.24 10.61 -12.63
N GLU A 1225 33.24 11.48 -13.65
CA GLU A 1225 32.30 11.36 -14.75
C GLU A 1225 32.83 12.14 -15.94
N LEU A 1226 32.65 11.58 -17.14
CA LEU A 1226 33.30 12.07 -18.34
C LEU A 1226 32.33 12.82 -19.22
N ALA A 1227 32.88 13.71 -20.05
CA ALA A 1227 32.12 14.58 -20.93
C ALA A 1227 32.48 14.30 -22.38
N LEU A 1228 31.47 14.13 -23.22
CA LEU A 1228 31.64 13.94 -24.64
C LEU A 1228 31.18 15.17 -25.41
N PRO A 1229 31.81 15.48 -26.54
CA PRO A 1229 31.30 16.55 -27.40
C PRO A 1229 29.89 16.24 -27.90
N SER A 1230 29.26 17.26 -28.48
CA SER A 1230 27.85 17.16 -28.87
C SER A 1230 27.63 16.34 -30.13
N LYS A 1231 28.58 16.39 -31.07
CA LYS A 1231 28.38 15.68 -32.34
C LYS A 1231 28.29 14.18 -32.12
N TYR A 1232 29.10 13.65 -31.21
CA TYR A 1232 29.05 12.22 -30.92
C TYR A 1232 27.70 11.82 -30.33
N VAL A 1233 27.17 12.63 -29.42
CA VAL A 1233 25.87 12.33 -28.82
C VAL A 1233 24.78 12.33 -29.88
N ASN A 1234 24.79 13.35 -30.75
CA ASN A 1234 23.77 13.43 -31.79
C ASN A 1234 23.87 12.25 -32.76
N PHE A 1235 25.09 11.89 -33.15
CA PHE A 1235 25.27 10.76 -34.06
C PHE A 1235 24.79 9.46 -33.43
N LEU A 1236 25.11 9.23 -32.16
CA LEU A 1236 24.67 8.01 -31.49
C LEU A 1236 23.16 7.94 -31.43
N TYR A 1237 22.50 9.06 -31.08
CA TYR A 1237 21.05 9.06 -31.05
C TYR A 1237 20.45 8.77 -32.42
N LEU A 1238 21.00 9.38 -33.47
CA LEU A 1238 20.45 9.17 -34.80
C LEU A 1238 20.69 7.76 -35.31
N ALA A 1239 21.84 7.18 -34.98
CA ALA A 1239 22.20 5.87 -35.51
C ALA A 1239 21.57 4.72 -34.75
N SER A 1240 21.16 4.93 -33.49
CA SER A 1240 20.53 3.83 -32.76
C SER A 1240 19.19 3.44 -33.37
N HIS A 1241 18.30 4.41 -33.56
CA HIS A 1241 16.93 4.09 -33.95
C HIS A 1241 16.86 3.57 -35.39
N TYR A 1242 17.27 4.39 -36.35
CA TYR A 1242 17.40 3.97 -37.74
C TYR A 1242 16.09 3.40 -38.29
N GLU A 1243 15.00 4.12 -38.01
CA GLU A 1243 13.67 3.68 -38.43
C GLU A 1243 12.83 4.86 -38.91
N PRO A 1249 8.04 13.01 -46.17
CA PRO A 1249 8.94 11.91 -45.81
C PRO A 1249 10.32 12.04 -46.46
N GLU A 1250 10.43 12.95 -47.45
CA GLU A 1250 11.71 13.18 -48.10
C GLU A 1250 12.74 13.74 -47.12
N ASP A 1251 12.29 14.46 -46.10
CA ASP A 1251 13.20 15.07 -45.13
C ASP A 1251 13.98 14.00 -44.37
N ASN A 1252 13.32 12.92 -43.98
CA ASN A 1252 13.98 11.86 -43.21
C ASN A 1252 15.13 11.24 -43.99
N GLU A 1253 15.05 11.25 -45.32
CA GLU A 1253 16.10 10.66 -46.13
C GLU A 1253 17.42 11.42 -45.98
N GLN A 1254 17.37 12.71 -45.69
CA GLN A 1254 18.60 13.47 -45.47
C GLN A 1254 19.36 12.94 -44.25
N LYS A 1255 18.64 12.71 -43.14
CA LYS A 1255 19.27 12.11 -41.97
C LYS A 1255 19.71 10.68 -42.28
N GLN A 1256 18.90 9.98 -43.09
CA GLN A 1256 19.24 8.62 -43.51
C GLN A 1256 20.59 8.59 -44.20
N LEU A 1257 20.86 9.58 -45.05
CA LEU A 1257 22.13 9.66 -45.74
C LEU A 1257 23.23 10.18 -44.83
N PHE A 1258 22.91 11.08 -43.90
CA PHE A 1258 23.90 11.62 -42.97
C PHE A 1258 24.52 10.52 -42.12
N VAL A 1259 23.69 9.62 -41.61
CA VAL A 1259 24.18 8.51 -40.79
C VAL A 1259 25.15 7.65 -41.59
N GLU A 1260 24.80 7.35 -42.84
CA GLU A 1260 25.69 6.55 -43.68
C GLU A 1260 26.96 7.30 -44.03
N GLN A 1261 26.86 8.61 -44.25
CA GLN A 1261 28.02 9.40 -44.67
C GLN A 1261 29.06 9.51 -43.57
N HIS A 1262 28.62 9.56 -42.31
CA HIS A 1262 29.57 9.63 -41.19
C HIS A 1262 29.74 8.23 -40.60
N LYS A 1263 30.76 7.53 -41.10
CA LYS A 1263 31.08 6.15 -40.75
C LYS A 1263 32.16 6.04 -39.71
N HIS A 1264 33.10 6.98 -39.68
CA HIS A 1264 34.35 6.87 -38.92
C HIS A 1264 34.30 7.56 -37.57
N TYR A 1265 33.17 7.50 -36.88
CA TYR A 1265 33.05 8.08 -35.54
C TYR A 1265 33.15 7.05 -34.43
N LEU A 1266 32.91 5.77 -34.74
CA LEU A 1266 32.97 4.73 -33.72
C LEU A 1266 34.40 4.56 -33.20
N ASP A 1267 35.39 4.66 -34.09
CA ASP A 1267 36.78 4.60 -33.66
C ASP A 1267 37.12 5.72 -32.69
N GLU A 1268 36.65 6.93 -32.98
CA GLU A 1268 36.89 8.06 -32.10
C GLU A 1268 36.22 7.85 -30.74
N ILE A 1269 35.00 7.33 -30.73
CA ILE A 1269 34.31 7.09 -29.46
C ILE A 1269 35.08 6.05 -28.64
N ILE A 1270 35.55 4.99 -29.28
CA ILE A 1270 36.29 3.95 -28.58
C ILE A 1270 37.59 4.50 -28.01
N GLU A 1271 38.29 5.34 -28.79
CA GLU A 1271 39.53 5.94 -28.29
C GLU A 1271 39.28 6.85 -27.10
N GLN A 1272 38.19 7.63 -27.14
CA GLN A 1272 37.84 8.46 -25.99
C GLN A 1272 37.59 7.62 -24.74
N ILE A 1273 36.83 6.53 -24.90
CA ILE A 1273 36.57 5.64 -23.77
C ILE A 1273 37.88 5.09 -23.21
N SER A 1274 38.77 4.64 -24.09
CA SER A 1274 40.02 4.05 -23.64
C SER A 1274 40.89 5.06 -22.90
N GLU A 1275 40.98 6.28 -23.42
CA GLU A 1275 41.81 7.29 -22.78
C GLU A 1275 41.25 7.69 -21.42
N PHE A 1276 39.92 7.75 -21.30
CA PHE A 1276 39.35 8.05 -19.99
C PHE A 1276 39.55 6.89 -19.02
N SER A 1277 39.49 5.66 -19.50
CA SER A 1277 39.59 4.50 -18.62
C SER A 1277 41.01 4.19 -18.18
N LYS A 1278 42.02 4.66 -18.91
CA LYS A 1278 43.40 4.39 -18.51
C LYS A 1278 43.97 5.41 -17.53
N ARG A 1279 43.13 6.25 -16.92
CA ARG A 1279 43.65 7.27 -16.01
C ARG A 1279 42.92 7.26 -14.66
N VAL A 1280 41.62 6.96 -14.66
CA VAL A 1280 40.80 7.07 -13.46
C VAL A 1280 40.23 5.72 -13.02
N ILE A 1281 39.80 4.89 -13.97
CA ILE A 1281 39.19 3.61 -13.60
C ILE A 1281 40.24 2.61 -13.16
N LEU A 1282 41.33 2.49 -13.92
CA LEU A 1282 42.44 1.59 -13.62
C LEU A 1282 41.98 0.13 -13.52
N ALA A 1283 41.47 -0.37 -14.65
CA ALA A 1283 41.16 -1.78 -14.84
C ALA A 1283 41.77 -2.24 -16.15
N ASP A 1284 42.37 -3.43 -16.15
CA ASP A 1284 43.16 -3.89 -17.28
C ASP A 1284 42.51 -5.06 -18.04
N ALA A 1285 42.13 -6.12 -17.33
CA ALA A 1285 41.60 -7.30 -18.01
C ALA A 1285 40.30 -6.99 -18.72
N ASN A 1286 39.41 -6.23 -18.08
CA ASN A 1286 38.14 -5.89 -18.70
C ASN A 1286 38.37 -5.02 -19.94
N LEU A 1287 39.31 -4.07 -19.87
CA LEU A 1287 39.59 -3.22 -21.02
C LEU A 1287 40.12 -4.04 -22.19
N ASP A 1288 41.03 -4.97 -21.91
CA ASP A 1288 41.56 -5.82 -22.97
C ASP A 1288 40.47 -6.68 -23.59
N LYS A 1289 39.60 -7.26 -22.76
CA LYS A 1289 38.48 -8.05 -23.28
C LYS A 1289 37.58 -7.21 -24.16
N VAL A 1290 37.26 -5.99 -23.73
CA VAL A 1290 36.38 -5.12 -24.50
C VAL A 1290 36.99 -4.81 -25.86
N LEU A 1291 38.26 -4.43 -25.86
CA LEU A 1291 38.91 -4.08 -27.12
C LEU A 1291 38.98 -5.28 -28.06
N SER A 1292 39.30 -6.46 -27.52
CA SER A 1292 39.38 -7.66 -28.36
C SER A 1292 38.02 -8.00 -28.95
N ALA A 1293 36.96 -7.92 -28.15
CA ALA A 1293 35.62 -8.23 -28.66
C ALA A 1293 35.21 -7.25 -29.76
N TYR A 1294 35.48 -5.96 -29.54
CA TYR A 1294 35.14 -4.96 -30.55
C TYR A 1294 35.91 -5.21 -31.84
N ASN A 1295 37.19 -5.53 -31.74
CA ASN A 1295 37.98 -5.81 -32.93
C ASN A 1295 37.46 -7.05 -33.65
N LYS A 1296 37.09 -8.08 -32.89
CA LYS A 1296 36.71 -9.35 -33.52
C LYS A 1296 35.37 -9.26 -34.21
N HIS A 1297 34.40 -8.53 -33.65
CA HIS A 1297 33.06 -8.59 -34.23
C HIS A 1297 32.99 -7.76 -35.52
N ARG A 1298 33.03 -6.44 -35.39
CA ARG A 1298 33.51 -5.50 -36.40
C ARG A 1298 32.82 -5.59 -37.77
N ASP A 1299 31.84 -6.46 -37.95
CA ASP A 1299 31.22 -6.56 -39.27
C ASP A 1299 29.74 -6.90 -39.11
N LYS A 1300 28.91 -5.85 -39.03
CA LYS A 1300 27.47 -5.90 -38.86
C LYS A 1300 26.95 -4.51 -39.19
N PRO A 1301 25.64 -4.31 -39.34
CA PRO A 1301 25.11 -2.97 -39.64
C PRO A 1301 25.49 -1.94 -38.58
N ILE A 1302 25.48 -0.68 -39.00
CA ILE A 1302 25.80 0.40 -38.07
C ILE A 1302 24.77 0.49 -36.97
N ARG A 1303 23.52 0.16 -37.26
CA ARG A 1303 22.52 0.18 -36.20
C ARG A 1303 22.88 -0.81 -35.10
N GLU A 1304 23.31 -2.01 -35.50
CA GLU A 1304 23.64 -3.05 -34.55
C GLU A 1304 24.93 -2.74 -33.80
N GLN A 1305 25.92 -2.11 -34.45
CA GLN A 1305 27.11 -1.74 -33.69
C GLN A 1305 26.95 -0.44 -32.92
N ALA A 1306 25.90 0.33 -33.18
CA ALA A 1306 25.63 1.56 -32.43
C ALA A 1306 24.64 1.34 -31.31
N GLU A 1307 24.03 0.16 -31.23
CA GLU A 1307 23.20 -0.13 -30.06
C GLU A 1307 23.96 -0.88 -28.95
N ASN A 1308 25.28 -1.03 -29.05
CA ASN A 1308 26.05 -1.70 -28.01
C ASN A 1308 27.10 -0.84 -27.31
N ILE A 1309 27.56 0.25 -27.92
CA ILE A 1309 28.44 1.19 -27.22
C ILE A 1309 27.69 1.83 -26.05
N ILE A 1310 26.37 2.00 -26.20
CA ILE A 1310 25.56 2.52 -25.10
C ILE A 1310 25.63 1.58 -23.90
N HIS A 1311 25.59 0.27 -24.15
CA HIS A 1311 25.80 -0.68 -23.07
C HIS A 1311 27.22 -0.58 -22.51
N LEU A 1312 28.20 -0.44 -23.41
CA LEU A 1312 29.61 -0.38 -22.99
C LEU A 1312 29.85 0.77 -22.02
N PHE A 1313 29.09 1.86 -22.15
CA PHE A 1313 29.30 3.03 -21.30
C PHE A 1313 29.17 2.74 -19.81
N THR A 1314 28.77 1.53 -19.41
CA THR A 1314 28.59 1.21 -18.00
C THR A 1314 29.91 1.10 -17.24
N LEU A 1315 31.01 0.82 -17.95
CA LEU A 1315 32.32 0.74 -17.30
C LEU A 1315 32.68 2.06 -16.64
N THR A 1316 32.41 3.18 -17.31
CA THR A 1316 32.80 4.51 -16.85
C THR A 1316 31.55 5.25 -16.38
N ASN A 1317 31.24 5.11 -15.11
CA ASN A 1317 30.06 5.74 -14.53
C ASN A 1317 30.37 6.14 -13.09
N LEU A 1318 29.36 6.67 -12.41
CA LEU A 1318 29.47 7.08 -11.01
C LEU A 1318 28.60 6.15 -10.16
N GLY A 1319 29.19 5.63 -9.08
CA GLY A 1319 28.48 4.77 -8.15
C GLY A 1319 29.19 3.43 -8.00
N ALA A 1320 28.38 2.37 -7.87
CA ALA A 1320 28.79 1.00 -7.63
C ALA A 1320 29.06 0.27 -8.94
N PRO A 1321 30.14 -0.49 -9.01
CA PRO A 1321 30.42 -1.28 -10.22
C PRO A 1321 29.37 -2.37 -10.45
N ALA A 1322 29.20 -2.73 -11.71
CA ALA A 1322 28.14 -3.64 -12.12
C ALA A 1322 28.66 -4.51 -13.27
N ALA A 1323 27.75 -5.29 -13.87
CA ALA A 1323 28.07 -6.20 -14.95
C ALA A 1323 27.22 -5.89 -16.17
N PHE A 1324 27.71 -6.29 -17.34
CA PHE A 1324 27.05 -5.97 -18.60
C PHE A 1324 27.50 -6.96 -19.67
N LYS A 1325 26.94 -6.81 -20.87
CA LYS A 1325 27.19 -7.73 -21.98
C LYS A 1325 27.32 -6.93 -23.27
N TYR A 1326 28.39 -7.20 -24.03
CA TYR A 1326 28.61 -6.45 -25.26
C TYR A 1326 27.80 -6.99 -26.43
N PHE A 1327 28.13 -8.20 -26.90
CA PHE A 1327 27.32 -8.89 -27.91
C PHE A 1327 26.79 -10.22 -27.40
N ASP A 1328 27.67 -11.18 -27.10
CA ASP A 1328 27.29 -12.41 -26.41
C ASP A 1328 28.23 -12.74 -25.27
N THR A 1329 29.20 -11.90 -24.95
CA THR A 1329 30.18 -12.18 -23.90
C THR A 1329 29.89 -11.30 -22.70
N THR A 1330 29.92 -11.90 -21.51
CA THR A 1330 29.59 -11.22 -20.27
C THR A 1330 30.87 -10.80 -19.54
N ILE A 1331 30.88 -9.58 -19.03
CA ILE A 1331 32.04 -9.02 -18.32
C ILE A 1331 31.66 -8.83 -16.86
N ASP A 1332 32.48 -9.37 -15.97
CA ASP A 1332 32.15 -9.44 -14.55
C ASP A 1332 32.52 -8.13 -13.86
N ARG A 1333 32.44 -8.14 -12.52
CA ARG A 1333 32.60 -6.94 -11.71
C ARG A 1333 34.05 -6.74 -11.31
N LYS A 1334 34.44 -5.48 -11.17
CA LYS A 1334 35.72 -5.09 -10.59
C LYS A 1334 35.45 -4.34 -9.30
N ARG A 1335 36.09 -4.78 -8.21
CA ARG A 1335 35.81 -4.27 -6.88
C ARG A 1335 37.09 -3.76 -6.23
N TYR A 1336 36.98 -2.64 -5.53
CA TYR A 1336 38.10 -2.02 -4.83
C TYR A 1336 37.98 -2.39 -3.36
N THR A 1337 38.79 -3.34 -2.92
CA THR A 1337 38.66 -3.93 -1.58
C THR A 1337 39.67 -3.41 -0.58
N SER A 1338 40.53 -2.46 -0.97
CA SER A 1338 41.48 -1.86 -0.05
C SER A 1338 41.05 -0.45 0.33
N THR A 1339 41.61 0.04 1.43
CA THR A 1339 41.30 1.38 1.91
C THR A 1339 42.53 2.13 2.39
N LYS A 1340 43.74 1.58 2.21
CA LYS A 1340 44.93 2.18 2.80
C LYS A 1340 45.41 3.41 2.06
N GLU A 1341 45.15 3.51 0.75
CA GLU A 1341 45.66 4.64 -0.03
C GLU A 1341 45.03 5.96 0.43
N VAL A 1342 43.72 5.96 0.67
CA VAL A 1342 42.99 7.19 0.98
C VAL A 1342 43.44 7.77 2.31
N LEU A 1343 44.36 7.08 2.99
CA LEU A 1343 44.93 7.59 4.23
C LEU A 1343 46.05 8.59 3.98
N ASP A 1344 46.37 8.91 2.73
CA ASP A 1344 47.35 9.96 2.43
C ASP A 1344 46.86 10.85 1.31
N ALA A 1345 45.58 11.24 1.35
CA ALA A 1345 44.96 12.01 0.29
C ALA A 1345 44.32 13.28 0.84
N THR A 1346 43.53 13.98 0.03
CA THR A 1346 42.87 15.21 0.48
C THR A 1346 41.39 14.94 0.70
N LEU A 1347 40.87 15.38 1.83
CA LEU A 1347 39.46 15.18 2.18
C LEU A 1347 38.70 16.46 1.94
N ILE A 1348 37.55 16.36 1.26
CA ILE A 1348 36.78 17.54 0.88
C ILE A 1348 35.46 17.56 1.66
N HIS A 1349 35.15 18.72 2.25
CA HIS A 1349 33.86 18.99 2.89
C HIS A 1349 33.10 19.97 2.01
N GLN A 1350 31.88 19.60 1.62
CA GLN A 1350 31.09 20.36 0.66
C GLN A 1350 29.79 20.83 1.29
N SER A 1351 29.24 21.91 0.72
CA SER A 1351 27.96 22.44 1.15
C SER A 1351 26.84 21.79 0.33
N ILE A 1352 25.62 22.32 0.46
CA ILE A 1352 24.49 21.71 -0.23
C ILE A 1352 24.56 21.95 -1.73
N THR A 1353 24.95 23.16 -2.13
CA THR A 1353 25.01 23.51 -3.54
C THR A 1353 26.38 23.26 -4.16
N GLY A 1354 27.37 22.90 -3.36
CA GLY A 1354 28.69 22.60 -3.85
C GLY A 1354 29.62 23.77 -4.04
N LEU A 1355 29.15 25.00 -3.79
CA LEU A 1355 29.93 26.19 -4.08
C LEU A 1355 30.90 26.59 -2.96
N TYR A 1356 30.62 26.21 -1.72
CA TYR A 1356 31.48 26.49 -0.59
C TYR A 1356 32.19 25.19 -0.18
N GLU A 1357 33.49 25.25 0.02
CA GLU A 1357 34.30 24.06 0.22
C GLU A 1357 35.31 24.25 1.34
N THR A 1358 35.68 23.14 1.97
CA THR A 1358 36.78 23.10 2.94
C THR A 1358 37.65 21.89 2.64
N ARG A 1359 38.97 22.09 2.62
CA ARG A 1359 39.91 21.05 2.24
C ARG A 1359 40.82 20.74 3.42
N ILE A 1360 41.02 19.45 3.71
CA ILE A 1360 41.87 19.03 4.81
C ILE A 1360 42.87 18.00 4.30
N ASP A 1361 44.14 18.17 4.68
CA ASP A 1361 45.22 17.27 4.27
C ASP A 1361 45.46 16.25 5.37
N LEU A 1362 45.53 14.98 4.98
CA LEU A 1362 45.62 13.86 5.93
C LEU A 1362 47.05 13.35 6.08
N SER A 1363 48.04 14.23 6.03
CA SER A 1363 49.43 13.89 6.30
C SER A 1363 49.89 14.50 7.63
N GLN A 1364 49.00 14.50 8.61
CA GLN A 1364 49.31 15.03 9.94
C GLN A 1364 49.55 13.89 10.92
#